data_6CZA
#
_entry.id   6CZA
#
_cell.length_a   232.397
_cell.length_b   86.366
_cell.length_c   147.429
_cell.angle_alpha   90.00
_cell.angle_beta   127.61
_cell.angle_gamma   90.00
#
_symmetry.space_group_name_H-M   'C 1 2 1'
#
loop_
_entity.id
_entity.type
_entity.pdbx_description
1 polymer ArrA
2 polymer '4Fe-4S ferredoxin, iron-sulfur binding domain protein'
3 non-polymer 'IRON/SULFUR CLUSTER'
4 non-polymer '2-AMINO-5,6-DIMERCAPTO-7-METHYL-3,7,8A,9-TETRAHYDRO-8-OXA-1,3,9,10-TETRAAZA-ANTHRACEN-4-ONE GUANOSINE DINUCLEOTIDE'
5 non-polymer 'MOLYBDENUM ATOM'
6 non-polymer 'FORMIC ACID'
7 non-polymer 1-METHOXY-2-[2-(2-METHOXY-ETHOXY]-ETHANE
8 non-polymer 'PHOSPHATE ION'
9 non-polymer DI(HYDROXYETHYL)ETHER
10 water water
#
loop_
_entity_poly.entity_id
_entity_poly.type
_entity_poly.pdbx_seq_one_letter_code
_entity_poly.pdbx_strand_id
1 'polypeptide(L)'
;GAELPAPLRRTGVGEWLATTCQGCTSWCAKQIYVMDGRALKVRGNPNSGVHGMSSCPRQHLSLQQVYDPDRLRTPMMRTN
PKKGRDQDPKFVPISWDKALDMLADKIIALRVANEPHKYALLRGRYSHINDLLYKKMTNLIGSPNNISHSSVCAEAHKMG
PYYLDGNWGYNQYDVKNAKFILSFGADPIASNRQVSFYSQTWGDSLDHAKVVVVDPRLSASAAKAHKWIPIEPGQDSVLA
LAIAHVALVEGVWHKPFVGDFIEGKNLFKAGKTVSVESFKETHTYGLVEWWNQALKDYTPEWASKITGIDPKTIIAIAKD
MGAAAPAVQVWTSRGAVMQARGTYTSISCHALNGLFGGIDSKGGLFPGNKTPLLKEYPEAKAYMDEIAAKGVKKEKIDQR
GRLEFPALAKGKSGGGVITANAANGIRNQDPYEIKVMLAYFNNFNFSNPEGQRWDEALSKVDFMAHITTNVSEFSWFADV
LLPSSHHMFEKWGVLDSIGNGVAQISIQQPSIKRLWDTRIDESEIPYMLAKKLADKGFDAPWRYINEQIVDPETGKPAAD
EAEFAKLMVRYLTAPLWKEDASKYGDKLSSWDEFVQKGVWNSSPYKLEARWGKFKTETTKFEFYSKTLEKALQSHADKHK
VSIDEVMKACDYQARGHLAFIPHYEEPYRFGDESEFPLLLVDQKSRLNKEGRTANSPWYYEFKDVDPGDVANEDVAKFNP
IDGKKFGLKDGDEIRITSPVGMLTCKAKLWEGVRPGTVAKCFGQGHWAYGRYASAKFGVTPRGGSNNDLIADRYDRLSGA
SAFYGHIRVRVEKV
;
A,C
2 'polypeptide(L)'
;MRLGMVIDLQKCVGCGGCSLACKTENNTNDGIHWSHHIATTEGTFPDVKYTYIPTLCNHCDDAPCVKVCPTGAMHKDKRG
LTLQNNDECIGCKKCMNACPYGVISFNAATPHRRWQDDSEVVANGTVSPLMLLKRTGATATPNENPERGDTYPMIRPKRT
TEKCTFCDHRLDKGLNPACVDACPSEARVIGDLDDPQSKVSQLIKLHKPMQLKPEAGTGPRVFYIRSFGVKTAY
;
B,D
#
loop_
_chem_comp.id
_chem_comp.type
_chem_comp.name
_chem_comp.formula
FMT non-polymer 'FORMIC ACID' 'C H2 O2'
MGD non-polymer '2-AMINO-5,6-DIMERCAPTO-7-METHYL-3,7,8A,9-TETRAHYDRO-8-OXA-1,3,9,10-TETRAAZA-ANTHRACEN-4-ONE GUANOSINE DINUCLEOTIDE' 'C20 H26 N10 O13 P2 S2'
MO non-polymer 'MOLYBDENUM ATOM' Mo
PEG non-polymer DI(HYDROXYETHYL)ETHER 'C4 H10 O3'
PG5 non-polymer 1-METHOXY-2-[2-(2-METHOXY-ETHOXY]-ETHANE 'C8 H18 O4'
PO4 non-polymer 'PHOSPHATE ION' 'O4 P -3'
SF4 non-polymer 'IRON/SULFUR CLUSTER' 'Fe4 S4'
#
# COMPACT_ATOMS: atom_id res chain seq x y z
N GLY A 1 11.87 16.40 37.38
CA GLY A 1 11.63 16.73 35.94
C GLY A 1 12.66 16.13 34.99
N ALA A 2 13.53 15.26 35.50
CA ALA A 2 14.42 14.52 34.62
C ALA A 2 13.58 13.69 33.64
N GLU A 3 14.15 13.46 32.45
CA GLU A 3 13.51 12.55 31.51
C GLU A 3 13.45 11.16 32.14
N LEU A 4 12.39 10.42 31.80
CA LEU A 4 12.25 9.11 32.43
C LEU A 4 13.15 8.09 31.73
N PRO A 5 13.67 7.12 32.48
CA PRO A 5 14.45 6.06 31.85
C PRO A 5 13.53 5.20 31.00
N ALA A 6 14.12 4.57 29.99
CA ALA A 6 13.32 3.85 29.00
C ALA A 6 12.34 2.85 29.60
N PRO A 7 12.70 2.04 30.60
CA PRO A 7 11.74 1.07 31.13
C PRO A 7 10.53 1.70 31.77
N LEU A 8 10.59 2.97 32.12
CA LEU A 8 9.48 3.64 32.79
C LEU A 8 8.75 4.62 31.88
N ARG A 9 9.19 4.78 30.64
CA ARG A 9 8.47 5.65 29.74
C ARG A 9 7.14 5.06 29.33
N ARG A 10 6.17 5.94 29.07
CA ARG A 10 4.80 5.54 28.76
C ARG A 10 4.34 5.87 27.35
N THR A 11 5.08 6.65 26.57
CA THR A 11 4.60 7.00 25.24
C THR A 11 4.42 5.77 24.37
N GLY A 12 3.20 5.64 23.82
CA GLY A 12 2.90 4.62 22.83
C GLY A 12 2.52 3.25 23.34
N VAL A 13 2.46 3.04 24.65
CA VAL A 13 2.23 1.70 25.18
C VAL A 13 0.78 1.41 25.55
N GLY A 14 -0.11 2.38 25.43
CA GLY A 14 -1.49 2.19 25.78
C GLY A 14 -2.24 1.32 24.75
N GLU A 15 -3.55 1.23 24.96
CA GLU A 15 -4.38 0.32 24.17
C GLU A 15 -5.30 1.12 23.26
N TRP A 16 -5.41 0.68 22.01
CA TRP A 16 -6.36 1.24 21.07
C TRP A 16 -7.55 0.30 20.95
N LEU A 17 -8.76 0.84 21.16
CA LEU A 17 -10.01 0.09 21.08
C LEU A 17 -10.93 0.70 20.04
N ALA A 18 -11.54 -0.17 19.21
CA ALA A 18 -12.35 0.31 18.10
C ALA A 18 -13.72 0.76 18.56
N THR A 19 -14.20 1.85 17.97
CA THR A 19 -15.56 2.31 18.17
C THR A 19 -15.98 3.08 16.92
N THR A 20 -17.08 3.82 17.01
CA THR A 20 -17.57 4.65 15.91
C THR A 20 -17.96 6.03 16.45
N CYS A 21 -17.53 7.07 15.75
CA CYS A 21 -17.91 8.45 16.03
C CYS A 21 -19.27 8.74 15.39
N GLN A 22 -20.05 9.61 16.04
CA GLN A 22 -21.32 10.04 15.47
C GLN A 22 -21.48 11.55 15.52
N GLY A 23 -20.36 12.26 15.51
CA GLY A 23 -20.41 13.71 15.39
C GLY A 23 -21.13 14.19 14.16
N CYS A 24 -21.21 13.34 13.14
CA CYS A 24 -22.09 13.55 12.00
C CYS A 24 -22.37 12.19 11.39
N THR A 25 -23.23 12.19 10.39
CA THR A 25 -23.65 10.94 9.76
C THR A 25 -22.59 10.40 8.80
N SER A 26 -21.40 10.98 8.83
CA SER A 26 -20.22 10.29 8.31
C SER A 26 -19.99 9.00 9.05
N TRP A 27 -20.30 8.97 10.35
CA TRP A 27 -20.19 7.77 11.19
C TRP A 27 -18.85 7.05 10.99
N CYS A 28 -17.76 7.80 11.22
CA CYS A 28 -16.44 7.26 11.01
C CYS A 28 -16.09 6.17 12.03
N ALA A 29 -15.45 5.13 11.52
CA ALA A 29 -14.82 4.14 12.38
C ALA A 29 -13.60 4.75 13.06
N LYS A 30 -13.48 4.53 14.36
CA LYS A 30 -12.45 5.13 15.19
C LYS A 30 -11.69 4.06 15.98
N GLN A 31 -10.56 4.48 16.52
CA GLN A 31 -9.95 3.84 17.68
C GLN A 31 -9.75 4.86 18.78
N ILE A 32 -9.98 4.42 20.02
CA ILE A 32 -9.79 5.21 21.22
C ILE A 32 -8.53 4.71 21.91
N TYR A 33 -7.65 5.63 22.31
CA TYR A 33 -6.46 5.28 23.06
C TYR A 33 -6.73 5.39 24.55
N VAL A 34 -6.46 4.32 25.29
CA VAL A 34 -6.79 4.24 26.71
C VAL A 34 -5.54 3.95 27.52
N MET A 35 -5.35 4.75 28.56
CA MET A 35 -4.24 4.62 29.51
C MET A 35 -4.78 5.02 30.87
N ASP A 36 -4.39 4.27 31.91
CA ASP A 36 -4.88 4.51 33.27
C ASP A 36 -6.40 4.57 33.32
N GLY A 37 -7.04 3.74 32.49
CA GLY A 37 -8.49 3.67 32.45
C GLY A 37 -9.18 4.84 31.83
N ARG A 38 -8.44 5.79 31.26
CA ARG A 38 -9.02 6.99 30.67
C ARG A 38 -8.81 7.02 29.16
N ALA A 39 -9.82 7.51 28.45
CA ALA A 39 -9.73 7.77 27.02
C ALA A 39 -8.97 9.06 26.81
N LEU A 40 -7.88 8.99 26.03
CA LEU A 40 -6.94 10.09 25.87
C LEU A 40 -6.83 10.62 24.46
N LYS A 41 -7.16 9.82 23.46
CA LYS A 41 -6.98 10.21 22.08
C LYS A 41 -8.04 9.50 21.26
N VAL A 42 -8.33 10.08 20.09
CA VAL A 42 -9.18 9.48 19.09
C VAL A 42 -8.44 9.56 17.76
N ARG A 43 -8.47 8.46 16.97
CA ARG A 43 -7.97 8.51 15.62
C ARG A 43 -8.89 7.70 14.70
N GLY A 44 -8.86 8.03 13.41
CA GLY A 44 -9.55 7.18 12.44
C GLY A 44 -9.02 5.77 12.49
N ASN A 45 -9.92 4.80 12.37
CA ASN A 45 -9.55 3.39 12.37
C ASN A 45 -8.77 3.09 11.09
N PRO A 46 -7.50 2.72 11.17
CA PRO A 46 -6.72 2.49 9.95
C PRO A 46 -7.26 1.40 9.03
N ASN A 47 -8.05 0.46 9.55
CA ASN A 47 -8.63 -0.60 8.73
C ASN A 47 -9.82 -0.12 7.90
N SER A 48 -10.33 1.07 8.17
CA SER A 48 -11.46 1.59 7.43
C SER A 48 -11.12 1.76 5.96
N GLY A 49 -11.98 1.19 5.09
CA GLY A 49 -11.85 1.35 3.67
C GLY A 49 -12.43 2.62 3.13
N VAL A 50 -13.29 3.28 3.90
CA VAL A 50 -13.86 4.55 3.48
C VAL A 50 -12.86 5.69 3.69
N HIS A 51 -12.36 5.83 4.91
CA HIS A 51 -11.58 6.99 5.31
C HIS A 51 -10.21 6.67 5.89
N GLY A 52 -9.93 5.43 6.27
CA GLY A 52 -8.63 5.11 6.85
C GLY A 52 -8.40 5.91 8.11
N MET A 53 -7.14 6.29 8.32
CA MET A 53 -6.86 7.08 9.52
C MET A 53 -7.33 8.54 9.39
N SER A 54 -7.76 8.97 8.20
CA SER A 54 -8.19 10.35 8.05
C SER A 54 -9.38 10.65 8.95
N SER A 55 -9.40 11.87 9.50
CA SER A 55 -10.46 12.35 10.37
C SER A 55 -10.66 13.86 10.23
N CYS A 56 -11.89 14.32 10.46
CA CYS A 56 -12.17 15.72 10.68
C CYS A 56 -11.77 16.11 12.10
N PRO A 57 -11.80 17.41 12.42
CA PRO A 57 -11.22 17.86 13.70
C PRO A 57 -12.09 17.52 14.89
N ARG A 58 -13.36 17.21 14.68
CA ARG A 58 -14.28 17.00 15.79
C ARG A 58 -14.02 15.70 16.53
N GLN A 59 -13.21 14.79 15.98
CA GLN A 59 -12.95 13.56 16.71
C GLN A 59 -12.40 13.86 18.10
N HIS A 60 -11.59 14.93 18.22
CA HIS A 60 -10.93 15.24 19.48
C HIS A 60 -11.90 15.81 20.50
N LEU A 61 -12.94 16.52 20.05
CA LEU A 61 -13.93 17.05 20.98
C LEU A 61 -14.72 15.96 21.69
N SER A 62 -14.78 14.75 21.12
CA SER A 62 -15.43 13.61 21.76
C SER A 62 -14.97 13.44 23.19
N LEU A 63 -13.70 13.75 23.46
CA LEU A 63 -13.12 13.54 24.79
C LEU A 63 -13.67 14.51 25.82
N GLN A 64 -14.18 15.67 25.41
CA GLN A 64 -14.85 16.59 26.31
C GLN A 64 -16.34 16.30 26.41
N GLN A 65 -16.85 15.34 25.63
CA GLN A 65 -18.23 14.92 25.77
C GLN A 65 -18.37 13.78 26.77
N VAL A 66 -17.53 12.75 26.67
CA VAL A 66 -17.63 11.66 27.64
C VAL A 66 -17.21 12.17 29.02
N TYR A 67 -16.23 13.07 29.06
CA TYR A 67 -15.75 13.68 30.29
C TYR A 67 -16.33 15.10 30.45
N ASP A 68 -17.60 15.24 30.12
CA ASP A 68 -18.36 16.48 30.31
C ASP A 68 -18.79 16.55 31.76
N PRO A 69 -18.41 17.62 32.48
CA PRO A 69 -18.70 17.69 33.92
C PRO A 69 -20.14 18.03 34.25
N ASP A 70 -21.00 18.12 33.25
CA ASP A 70 -22.43 18.35 33.43
C ASP A 70 -23.27 17.15 32.99
N ARG A 71 -22.64 16.00 32.75
CA ARG A 71 -23.41 14.80 32.52
C ARG A 71 -24.24 14.41 33.74
N LEU A 72 -25.40 13.83 33.49
CA LEU A 72 -26.22 13.19 34.52
C LEU A 72 -25.57 11.92 35.01
N ARG A 73 -25.59 11.71 36.32
CA ARG A 73 -25.05 10.47 36.87
C ARG A 73 -26.10 9.56 37.46
N THR A 74 -27.39 9.97 37.43
CA THR A 74 -28.47 9.24 38.07
C THR A 74 -29.77 9.54 37.38
N PRO A 75 -30.73 8.59 37.36
CA PRO A 75 -32.10 8.95 36.99
C PRO A 75 -32.59 10.06 37.92
N MET A 76 -33.56 10.83 37.41
CA MET A 76 -34.15 11.89 38.20
C MET A 76 -35.63 12.01 37.87
N MET A 77 -36.39 12.62 38.80
CA MET A 77 -37.77 13.03 38.54
C MET A 77 -37.92 14.51 38.88
N ARG A 78 -38.77 15.19 38.13
CA ARG A 78 -39.09 16.57 38.44
C ARG A 78 -40.02 16.59 39.64
N THR A 79 -39.91 17.66 40.44
CA THR A 79 -40.80 17.84 41.58
C THR A 79 -41.66 19.08 41.47
N ASN A 80 -41.42 19.93 40.47
CA ASN A 80 -42.36 20.98 40.08
C ASN A 80 -43.34 20.38 39.09
N PRO A 81 -44.63 20.25 39.43
CA PRO A 81 -45.58 19.64 38.47
C PRO A 81 -45.84 20.51 37.26
N LYS A 82 -45.50 21.79 37.30
CA LYS A 82 -45.66 22.68 36.15
C LYS A 82 -44.43 22.57 35.26
N LYS A 83 -44.66 22.69 33.95
CA LYS A 83 -43.62 22.65 32.94
C LYS A 83 -43.61 23.96 32.17
N GLY A 84 -42.43 24.40 31.78
CA GLY A 84 -42.30 25.58 30.94
C GLY A 84 -40.91 26.16 30.97
N ARG A 85 -40.64 27.00 29.97
CA ARG A 85 -39.37 27.72 29.93
CA ARG A 85 -39.38 27.74 29.92
C ARG A 85 -39.11 28.47 31.22
N ASP A 86 -40.17 28.93 31.90
CA ASP A 86 -40.07 29.70 33.14
C ASP A 86 -40.22 28.85 34.40
N GLN A 87 -40.33 27.54 34.25
CA GLN A 87 -40.55 26.62 35.37
C GLN A 87 -39.30 25.80 35.62
N ASP A 88 -38.67 26.02 36.77
CA ASP A 88 -37.55 25.18 37.21
C ASP A 88 -38.10 23.79 37.54
N PRO A 89 -37.63 22.73 36.89
CA PRO A 89 -38.20 21.40 37.14
C PRO A 89 -37.93 20.88 38.54
N LYS A 90 -36.93 21.41 39.24
CA LYS A 90 -36.55 20.95 40.57
C LYS A 90 -36.36 19.44 40.58
N PHE A 91 -35.47 18.97 39.71
CA PHE A 91 -35.19 17.55 39.59
C PHE A 91 -34.60 17.04 40.89
N VAL A 92 -34.99 15.81 41.27
CA VAL A 92 -34.37 15.13 42.40
C VAL A 92 -33.96 13.73 41.97
N PRO A 93 -32.89 13.18 42.54
CA PRO A 93 -32.39 11.88 42.08
C PRO A 93 -33.28 10.74 42.55
N ILE A 94 -33.42 9.73 41.68
CA ILE A 94 -34.14 8.50 42.00
C ILE A 94 -33.38 7.33 41.36
N SER A 95 -33.83 6.12 41.70
CA SER A 95 -33.20 4.93 41.18
C SER A 95 -33.73 4.59 39.79
N TRP A 96 -33.00 3.73 39.08
CA TRP A 96 -33.51 3.20 37.82
C TRP A 96 -34.83 2.46 38.03
N ASP A 97 -34.92 1.67 39.10
CA ASP A 97 -36.14 0.90 39.32
C ASP A 97 -37.33 1.82 39.52
N LYS A 98 -37.14 2.92 40.26
CA LYS A 98 -38.23 3.86 40.48
C LYS A 98 -38.58 4.61 39.21
N ALA A 99 -37.57 5.03 38.45
CA ALA A 99 -37.82 5.79 37.23
C ALA A 99 -38.58 4.95 36.21
N LEU A 100 -38.19 3.69 36.04
CA LEU A 100 -38.88 2.84 35.08
C LEU A 100 -40.25 2.41 35.58
N ASP A 101 -40.41 2.30 36.90
CA ASP A 101 -41.72 2.04 37.47
C ASP A 101 -42.71 3.14 37.11
N MET A 102 -42.30 4.40 37.26
CA MET A 102 -43.18 5.51 36.94
C MET A 102 -43.57 5.46 35.47
N LEU A 103 -42.59 5.25 34.58
CA LEU A 103 -42.89 5.20 33.16
C LEU A 103 -43.78 4.00 32.84
N ALA A 104 -43.48 2.84 33.43
CA ALA A 104 -44.25 1.63 33.16
C ALA A 104 -45.69 1.77 33.61
N ASP A 105 -45.91 2.38 34.78
CA ASP A 105 -47.28 2.57 35.24
C ASP A 105 -48.08 3.41 34.24
N LYS A 106 -47.44 4.44 33.67
CA LYS A 106 -48.13 5.32 32.75
C LYS A 106 -48.44 4.61 31.43
N ILE A 107 -47.51 3.77 30.95
CA ILE A 107 -47.77 3.03 29.72
C ILE A 107 -48.91 2.05 29.93
N ILE A 108 -48.86 1.30 31.04
CA ILE A 108 -49.89 0.30 31.28
C ILE A 108 -51.25 0.95 31.42
N ALA A 109 -51.31 2.16 32.00
CA ALA A 109 -52.58 2.84 32.15
C ALA A 109 -53.19 3.16 30.79
N LEU A 110 -52.35 3.51 29.81
CA LEU A 110 -52.86 3.73 28.45
C LEU A 110 -53.55 2.49 27.92
N ARG A 111 -52.91 1.33 28.09
CA ARG A 111 -53.46 0.10 27.52
C ARG A 111 -54.77 -0.27 28.18
N VAL A 112 -54.83 -0.15 29.51
CA VAL A 112 -56.06 -0.42 30.24
C VAL A 112 -57.20 0.46 29.75
N ALA A 113 -56.89 1.70 29.41
CA ALA A 113 -57.87 2.66 28.90
C ALA A 113 -58.05 2.59 27.38
N ASN A 114 -57.45 1.59 26.72
CA ASN A 114 -57.61 1.40 25.28
C ASN A 114 -57.18 2.63 24.50
N GLU A 115 -56.10 3.27 24.95
CA GLU A 115 -55.55 4.44 24.26
C GLU A 115 -54.03 4.30 24.13
N PRO A 116 -53.54 3.14 23.69
CA PRO A 116 -52.08 2.99 23.54
C PRO A 116 -51.48 3.90 22.48
N HIS A 117 -52.29 4.37 21.51
CA HIS A 117 -51.80 5.29 20.49
C HIS A 117 -51.42 6.66 21.04
N LYS A 118 -51.82 6.99 22.27
CA LYS A 118 -51.43 8.23 22.93
C LYS A 118 -50.03 8.12 23.52
N TYR A 119 -49.31 7.04 23.23
CA TYR A 119 -47.88 6.93 23.51
C TYR A 119 -47.09 7.36 22.27
N ALA A 120 -45.97 8.03 22.50
CA ALA A 120 -45.09 8.40 21.40
C ALA A 120 -43.64 8.14 21.78
N LEU A 121 -42.87 7.66 20.81
CA LEU A 121 -41.44 7.44 20.94
C LEU A 121 -40.74 8.40 19.99
N LEU A 122 -39.89 9.27 20.52
CA LEU A 122 -39.13 10.22 19.72
C LEU A 122 -37.66 9.81 19.67
N ARG A 123 -37.12 9.80 18.46
CA ARG A 123 -35.75 9.39 18.19
C ARG A 123 -35.01 10.54 17.52
N GLY A 124 -33.89 10.95 18.12
CA GLY A 124 -32.99 11.88 17.46
C GLY A 124 -31.89 11.11 16.74
N ARG A 125 -30.68 11.16 17.25
CA ARG A 125 -29.65 10.26 16.74
C ARG A 125 -29.93 8.85 17.25
N TYR A 126 -29.17 7.90 16.73
CA TYR A 126 -29.50 6.49 16.83
C TYR A 126 -28.34 5.70 16.25
N SER A 127 -28.36 4.39 16.46
CA SER A 127 -27.49 3.45 15.77
C SER A 127 -28.36 2.40 15.08
N HIS A 128 -27.72 1.49 14.33
CA HIS A 128 -28.53 0.48 13.65
C HIS A 128 -29.10 -0.59 14.58
N ILE A 129 -28.98 -0.54 15.91
CA ILE A 129 -29.73 -1.45 16.77
C ILE A 129 -31.04 -0.82 17.23
N ASN A 130 -31.45 0.29 16.61
CA ASN A 130 -32.60 1.04 17.10
C ASN A 130 -33.96 0.34 16.93
N ASP A 131 -34.06 -0.72 16.12
CA ASP A 131 -35.37 -1.26 15.77
C ASP A 131 -36.18 -1.64 17.01
N LEU A 132 -35.53 -2.18 18.04
CA LEU A 132 -36.27 -2.61 19.23
C LEU A 132 -36.94 -1.43 19.92
N LEU A 133 -36.17 -0.42 20.30
CA LEU A 133 -36.73 0.70 21.07
C LEU A 133 -37.65 1.55 20.21
N TYR A 134 -37.25 1.80 18.97
CA TYR A 134 -37.96 2.73 18.10
C TYR A 134 -39.27 2.15 17.58
N LYS A 135 -39.22 0.92 17.07
CA LYS A 135 -40.34 0.35 16.31
C LYS A 135 -41.05 -0.76 17.09
N LYS A 136 -40.31 -1.80 17.51
CA LYS A 136 -40.95 -2.97 18.09
C LYS A 136 -41.62 -2.64 19.42
N MET A 137 -40.90 -2.00 20.34
CA MET A 137 -41.50 -1.62 21.62
CA MET A 137 -41.50 -1.62 21.62
C MET A 137 -42.74 -0.75 21.40
N THR A 138 -42.64 0.22 20.49
CA THR A 138 -43.73 1.15 20.25
C THR A 138 -44.97 0.45 19.73
N ASN A 139 -44.78 -0.43 18.75
CA ASN A 139 -45.92 -1.14 18.18
C ASN A 139 -46.48 -2.18 19.14
N LEU A 140 -45.63 -2.85 19.93
CA LEU A 140 -46.15 -3.82 20.89
C LEU A 140 -46.98 -3.13 21.97
N ILE A 141 -46.56 -1.94 22.42
CA ILE A 141 -47.40 -1.13 23.30
C ILE A 141 -48.73 -0.81 22.61
N GLY A 142 -48.67 -0.50 21.31
CA GLY A 142 -49.87 -0.31 20.53
C GLY A 142 -49.97 1.06 19.91
N SER A 143 -48.82 1.66 19.60
CA SER A 143 -48.80 3.01 19.07
C SER A 143 -48.20 3.06 17.66
N PRO A 144 -48.74 3.90 16.78
CA PRO A 144 -48.08 4.17 15.50
C PRO A 144 -47.05 5.29 15.55
N ASN A 145 -46.78 5.86 16.73
CA ASN A 145 -46.06 7.13 16.82
C ASN A 145 -44.61 6.94 17.22
N ASN A 146 -43.89 6.17 16.40
CA ASN A 146 -42.43 6.19 16.41
C ASN A 146 -41.98 7.29 15.46
N ILE A 147 -41.51 8.40 16.02
CA ILE A 147 -41.24 9.65 15.29
C ILE A 147 -39.74 9.88 15.27
N SER A 148 -39.11 9.68 14.10
CA SER A 148 -37.70 9.97 13.92
C SER A 148 -37.50 11.48 13.71
N HIS A 149 -36.23 11.89 13.54
CA HIS A 149 -35.91 13.26 13.22
C HIS A 149 -35.65 13.47 11.72
N SER A 150 -35.99 12.50 10.88
CA SER A 150 -35.52 12.53 9.50
C SER A 150 -35.95 13.79 8.76
N SER A 151 -37.13 14.31 9.03
CA SER A 151 -37.58 15.46 8.23
C SER A 151 -36.97 16.76 8.68
N VAL A 152 -36.35 16.84 9.86
CA VAL A 152 -35.55 18.02 10.19
C VAL A 152 -34.09 17.81 9.79
N CYS A 153 -33.78 16.67 9.17
CA CYS A 153 -32.42 16.36 8.74
C CYS A 153 -32.28 16.63 7.24
N ALA A 154 -32.71 15.70 6.39
CA ALA A 154 -32.44 15.90 4.98
C ALA A 154 -33.37 15.16 4.02
N GLU A 155 -34.65 14.96 4.39
CA GLU A 155 -35.49 14.15 3.51
C GLU A 155 -35.69 14.80 2.14
N ALA A 156 -35.69 16.13 2.05
CA ALA A 156 -35.88 16.77 0.76
C ALA A 156 -34.73 16.45 -0.19
N HIS A 157 -33.56 16.18 0.35
CA HIS A 157 -32.38 15.80 -0.44
C HIS A 157 -32.50 14.41 -1.06
N LYS A 158 -33.38 13.57 -0.56
CA LYS A 158 -33.65 12.26 -1.16
C LYS A 158 -34.70 12.28 -2.25
N MET A 159 -35.40 13.40 -2.46
CA MET A 159 -36.50 13.41 -3.42
C MET A 159 -35.98 13.25 -4.85
N GLY A 160 -34.93 13.98 -5.20
CA GLY A 160 -34.35 13.86 -6.52
C GLY A 160 -33.83 12.45 -6.80
N PRO A 161 -32.95 11.96 -5.93
CA PRO A 161 -32.44 10.59 -6.15
C PRO A 161 -33.53 9.53 -6.20
N TYR A 162 -34.59 9.65 -5.39
CA TYR A 162 -35.64 8.63 -5.45
C TYR A 162 -36.50 8.76 -6.71
N TYR A 163 -37.02 9.97 -6.97
CA TYR A 163 -37.97 10.14 -8.05
C TYR A 163 -37.31 10.19 -9.43
N LEU A 164 -35.98 10.32 -9.49
CA LEU A 164 -35.25 10.19 -10.74
C LEU A 164 -34.55 8.84 -10.91
N ASP A 165 -33.96 8.27 -9.84
CA ASP A 165 -33.27 7.00 -10.07
C ASP A 165 -33.54 5.93 -9.00
N GLY A 166 -34.57 6.12 -8.17
CA GLY A 166 -35.03 5.04 -7.32
C GLY A 166 -34.28 4.87 -6.01
N ASN A 167 -33.44 5.84 -5.64
CA ASN A 167 -32.63 5.76 -4.42
C ASN A 167 -33.24 6.68 -3.36
N TRP A 168 -34.01 6.11 -2.44
CA TRP A 168 -34.45 6.90 -1.28
C TRP A 168 -33.29 6.87 -0.28
N GLY A 169 -32.31 7.74 -0.50
CA GLY A 169 -31.09 7.69 0.28
C GLY A 169 -30.05 8.64 -0.26
N TYR A 170 -28.84 8.53 0.32
CA TYR A 170 -27.73 9.39 -0.03
C TYR A 170 -26.85 8.75 -1.11
N ASN A 171 -25.93 9.55 -1.63
CA ASN A 171 -24.92 9.10 -2.56
C ASN A 171 -23.53 9.33 -1.96
N GLN A 172 -22.57 8.54 -2.45
CA GLN A 172 -21.15 8.82 -2.29
C GLN A 172 -20.65 9.43 -3.59
N TYR A 173 -19.64 10.28 -3.47
CA TYR A 173 -19.13 11.09 -4.57
C TYR A 173 -17.68 10.69 -4.88
N ASP A 174 -17.42 10.36 -6.15
CA ASP A 174 -16.14 9.76 -6.56
C ASP A 174 -15.14 10.86 -6.89
N VAL A 175 -14.75 11.60 -5.84
CA VAL A 175 -13.91 12.78 -5.98
CA VAL A 175 -13.93 12.79 -6.01
C VAL A 175 -12.55 12.44 -6.57
N LYS A 176 -12.01 11.25 -6.24
CA LYS A 176 -10.67 10.91 -6.73
C LYS A 176 -10.59 10.85 -8.25
N ASN A 177 -11.71 10.60 -8.90
CA ASN A 177 -11.75 10.46 -10.35
C ASN A 177 -12.58 11.54 -11.02
N ALA A 178 -13.08 12.51 -10.26
CA ALA A 178 -13.91 13.56 -10.84
C ALA A 178 -13.12 14.48 -11.74
N LYS A 179 -13.76 14.93 -12.82
CA LYS A 179 -13.23 16.01 -13.62
C LYS A 179 -14.02 17.31 -13.47
N PHE A 180 -15.24 17.24 -12.96
CA PHE A 180 -15.99 18.45 -12.65
C PHE A 180 -16.84 18.20 -11.42
N ILE A 181 -16.76 19.10 -10.45
CA ILE A 181 -17.54 19.04 -9.22
C ILE A 181 -18.36 20.32 -9.15
N LEU A 182 -19.68 20.17 -9.07
CA LEU A 182 -20.60 21.29 -8.95
C LEU A 182 -21.36 21.11 -7.64
N SER A 183 -21.16 22.03 -6.70
CA SER A 183 -21.79 21.92 -5.39
C SER A 183 -22.82 23.03 -5.20
N PHE A 184 -24.07 22.61 -5.02
CA PHE A 184 -25.16 23.53 -4.65
C PHE A 184 -25.27 23.49 -3.14
N GLY A 185 -24.42 24.29 -2.49
CA GLY A 185 -24.46 24.50 -1.06
C GLY A 185 -23.69 23.51 -0.23
N ALA A 186 -23.14 22.44 -0.82
CA ALA A 186 -22.41 21.46 -0.04
C ALA A 186 -20.99 21.95 0.21
N ASP A 187 -20.49 21.63 1.40
CA ASP A 187 -19.23 22.14 1.93
C ASP A 187 -18.50 20.92 2.50
N PRO A 188 -18.06 19.99 1.65
CA PRO A 188 -17.74 18.63 2.12
C PRO A 188 -16.46 18.50 2.93
N ILE A 189 -15.64 19.54 3.02
CA ILE A 189 -14.46 19.52 3.87
C ILE A 189 -14.79 20.13 5.24
N ALA A 190 -16.08 20.37 5.49
CA ALA A 190 -16.52 20.90 6.78
C ALA A 190 -17.78 20.20 7.30
N SER A 191 -18.78 19.99 6.44
CA SER A 191 -19.98 19.23 6.82
C SER A 191 -20.28 18.22 5.70
N ASN A 192 -21.55 17.80 5.59
CA ASN A 192 -21.95 16.65 4.75
C ASN A 192 -21.40 15.35 5.34
N ARG A 193 -21.37 14.26 4.55
CA ARG A 193 -21.47 12.93 5.13
C ARG A 193 -20.24 12.04 4.93
N GLN A 194 -19.09 12.62 4.61
CA GLN A 194 -17.83 11.94 4.90
C GLN A 194 -16.75 12.99 5.03
N VAL A 195 -16.82 13.77 6.10
CA VAL A 195 -15.92 14.92 6.20
C VAL A 195 -14.49 14.44 6.21
N SER A 196 -14.24 13.30 6.85
CA SER A 196 -12.89 12.74 6.92
C SER A 196 -12.36 12.42 5.54
N PHE A 197 -13.14 11.69 4.73
CA PHE A 197 -12.65 11.26 3.43
C PHE A 197 -12.61 12.41 2.42
N TYR A 198 -13.62 13.29 2.41
CA TYR A 198 -13.59 14.38 1.45
C TYR A 198 -12.52 15.41 1.82
N SER A 199 -12.20 15.55 3.13
CA SER A 199 -11.07 16.37 3.52
C SER A 199 -9.75 15.73 3.07
N GLN A 200 -9.68 14.40 3.13
CA GLN A 200 -8.49 13.69 2.70
C GLN A 200 -8.17 13.99 1.23
N THR A 201 -9.21 14.10 0.40
CA THR A 201 -9.07 14.09 -1.05
C THR A 201 -9.27 15.44 -1.72
N TRP A 202 -9.87 16.42 -1.05
CA TRP A 202 -10.31 17.62 -1.76
C TRP A 202 -9.16 18.37 -2.42
N GLY A 203 -8.13 18.71 -1.66
CA GLY A 203 -7.04 19.48 -2.24
C GLY A 203 -6.36 18.78 -3.40
N ASP A 204 -6.11 17.48 -3.25
CA ASP A 204 -5.50 16.71 -4.32
C ASP A 204 -6.38 16.70 -5.56
N SER A 205 -7.71 16.67 -5.39
CA SER A 205 -8.61 16.58 -6.53
C SER A 205 -8.58 17.84 -7.39
N LEU A 206 -8.14 18.98 -6.84
CA LEU A 206 -8.13 20.22 -7.60
C LEU A 206 -7.14 20.17 -8.76
N ASP A 207 -6.22 19.23 -8.74
CA ASP A 207 -5.31 19.10 -9.87
C ASP A 207 -5.93 18.36 -11.06
N HIS A 208 -7.08 17.70 -10.91
CA HIS A 208 -7.73 17.05 -12.04
C HIS A 208 -9.22 17.35 -12.16
N ALA A 209 -9.80 18.07 -11.21
CA ALA A 209 -11.20 18.44 -11.29
C ALA A 209 -11.33 19.95 -11.22
N LYS A 210 -12.26 20.48 -12.00
CA LYS A 210 -12.69 21.87 -11.90
C LYS A 210 -13.86 21.91 -10.93
N VAL A 211 -13.79 22.79 -9.94
CA VAL A 211 -14.71 22.76 -8.81
C VAL A 211 -15.42 24.11 -8.71
N VAL A 212 -16.74 24.07 -8.72
CA VAL A 212 -17.59 25.26 -8.60
C VAL A 212 -18.47 25.05 -7.37
N VAL A 213 -18.46 26.02 -6.46
CA VAL A 213 -19.27 25.95 -5.25
C VAL A 213 -20.27 27.10 -5.25
N VAL A 214 -21.55 26.75 -5.17
CA VAL A 214 -22.68 27.68 -5.22
C VAL A 214 -23.22 27.78 -3.80
N ASP A 215 -23.00 28.92 -3.13
CA ASP A 215 -23.35 29.06 -1.72
C ASP A 215 -23.45 30.55 -1.42
N PRO A 216 -24.48 31.01 -0.70
CA PRO A 216 -24.55 32.45 -0.38
C PRO A 216 -23.37 32.97 0.44
N ARG A 217 -22.62 32.09 1.11
CA ARG A 217 -21.42 32.48 1.83
C ARG A 217 -20.19 31.80 1.26
N LEU A 218 -19.02 32.39 1.52
CA LEU A 218 -17.74 31.80 1.13
C LEU A 218 -17.39 30.72 2.15
N SER A 219 -17.80 29.50 1.85
CA SER A 219 -17.52 28.35 2.70
C SER A 219 -16.06 27.91 2.54
N ALA A 220 -15.62 27.05 3.47
CA ALA A 220 -14.28 26.48 3.35
C ALA A 220 -14.09 25.84 1.99
N SER A 221 -15.10 25.08 1.51
CA SER A 221 -14.97 24.45 0.20
C SER A 221 -14.89 25.48 -0.92
N ALA A 222 -15.73 26.52 -0.87
CA ALA A 222 -15.68 27.56 -1.89
C ALA A 222 -14.33 28.27 -1.88
N ALA A 223 -13.75 28.45 -0.69
CA ALA A 223 -12.43 29.08 -0.61
C ALA A 223 -11.35 28.22 -1.25
N LYS A 224 -11.55 26.90 -1.34
CA LYS A 224 -10.66 26.00 -2.07
C LYS A 224 -11.30 25.48 -3.37
N ALA A 225 -11.98 26.36 -4.09
CA ALA A 225 -12.63 26.00 -5.34
C ALA A 225 -12.18 26.95 -6.44
N HIS A 226 -12.42 26.55 -7.69
CA HIS A 226 -12.09 27.40 -8.84
C HIS A 226 -13.10 28.50 -9.06
N LYS A 227 -14.31 28.38 -8.51
CA LYS A 227 -15.31 29.42 -8.67
C LYS A 227 -16.25 29.35 -7.48
N TRP A 228 -16.45 30.50 -6.83
CA TRP A 228 -17.50 30.69 -5.83
C TRP A 228 -18.64 31.48 -6.47
N ILE A 229 -19.83 30.87 -6.56
CA ILE A 229 -21.01 31.56 -7.04
C ILE A 229 -21.87 31.94 -5.83
N PRO A 230 -21.92 33.21 -5.44
CA PRO A 230 -22.64 33.62 -4.21
C PRO A 230 -24.12 33.79 -4.47
N ILE A 231 -24.82 32.66 -4.60
CA ILE A 231 -26.21 32.64 -5.02
C ILE A 231 -27.09 33.32 -3.98
N GLU A 232 -28.11 34.01 -4.45
CA GLU A 232 -29.18 34.45 -3.56
C GLU A 232 -29.87 33.21 -3.00
N PRO A 233 -30.09 33.13 -1.68
CA PRO A 233 -30.77 31.97 -1.11
C PRO A 233 -32.03 31.62 -1.89
N GLY A 234 -32.19 30.35 -2.20
CA GLY A 234 -33.39 29.85 -2.85
C GLY A 234 -33.42 29.91 -4.36
N GLN A 235 -32.35 30.35 -5.03
CA GLN A 235 -32.35 30.46 -6.49
C GLN A 235 -31.49 29.40 -7.18
N ASP A 236 -31.06 28.36 -6.45
CA ASP A 236 -30.15 27.37 -7.01
C ASP A 236 -30.69 26.71 -8.26
N SER A 237 -31.98 26.34 -8.25
CA SER A 237 -32.51 25.59 -9.38
C SER A 237 -32.43 26.40 -10.67
N VAL A 238 -32.43 27.74 -10.59
CA VAL A 238 -32.29 28.56 -11.79
C VAL A 238 -30.99 28.24 -12.52
N LEU A 239 -29.91 28.12 -11.77
CA LEU A 239 -28.61 27.81 -12.38
C LEU A 239 -28.58 26.38 -12.91
N ALA A 240 -29.12 25.42 -12.14
CA ALA A 240 -29.12 24.02 -12.57
C ALA A 240 -29.92 23.85 -13.85
N LEU A 241 -31.06 24.51 -13.97
CA LEU A 241 -31.90 24.38 -15.16
C LEU A 241 -31.24 25.00 -16.39
N ALA A 242 -30.61 26.17 -16.22
CA ALA A 242 -29.95 26.83 -17.34
C ALA A 242 -28.75 26.04 -17.84
N ILE A 243 -28.02 25.38 -16.92
CA ILE A 243 -26.92 24.51 -17.35
C ILE A 243 -27.45 23.38 -18.22
N ALA A 244 -28.55 22.74 -17.78
CA ALA A 244 -29.13 21.67 -18.58
C ALA A 244 -29.57 22.18 -19.94
N HIS A 245 -30.21 23.35 -19.98
CA HIS A 245 -30.62 23.96 -21.24
C HIS A 245 -29.44 24.10 -22.18
N VAL A 246 -28.33 24.66 -21.69
CA VAL A 246 -27.16 24.88 -22.54
C VAL A 246 -26.59 23.54 -23.00
N ALA A 247 -26.58 22.54 -22.12
CA ALA A 247 -26.09 21.22 -22.49
C ALA A 247 -26.84 20.70 -23.71
N LEU A 248 -28.17 20.89 -23.75
CA LEU A 248 -28.94 20.39 -24.88
C LEU A 248 -28.67 21.22 -26.14
N VAL A 249 -28.67 22.55 -26.01
CA VAL A 249 -28.42 23.42 -27.16
C VAL A 249 -27.04 23.12 -27.75
N GLU A 250 -26.06 22.90 -26.90
CA GLU A 250 -24.68 22.63 -27.34
C GLU A 250 -24.45 21.17 -27.71
N GLY A 251 -25.39 20.28 -27.41
CA GLY A 251 -25.25 18.88 -27.77
C GLY A 251 -24.28 18.09 -26.94
N VAL A 252 -24.14 18.39 -25.64
CA VAL A 252 -23.09 17.79 -24.83
C VAL A 252 -23.65 17.03 -23.62
N TRP A 253 -24.89 16.58 -23.68
CA TRP A 253 -25.30 15.53 -22.75
C TRP A 253 -24.45 14.28 -23.01
N HIS A 254 -24.50 13.32 -22.08
CA HIS A 254 -23.67 12.12 -22.19
C HIS A 254 -24.43 11.05 -22.96
N LYS A 255 -24.12 10.92 -24.25
CA LYS A 255 -24.91 10.06 -25.13
C LYS A 255 -24.91 8.60 -24.72
N PRO A 256 -23.82 8.02 -24.21
CA PRO A 256 -23.88 6.61 -23.80
C PRO A 256 -24.93 6.32 -22.74
N PHE A 257 -25.28 7.31 -21.93
CA PHE A 257 -26.32 7.14 -20.93
C PHE A 257 -27.68 7.63 -21.39
N VAL A 258 -27.73 8.82 -21.99
CA VAL A 258 -28.99 9.49 -22.28
C VAL A 258 -29.59 8.98 -23.59
N GLY A 259 -28.76 8.80 -24.60
CA GLY A 259 -29.22 8.52 -25.95
C GLY A 259 -28.90 9.66 -26.90
N ASP A 260 -29.61 9.67 -28.03
CA ASP A 260 -29.33 10.66 -29.06
C ASP A 260 -30.47 10.72 -30.06
N PHE A 261 -30.48 11.79 -30.85
CA PHE A 261 -31.42 11.90 -31.96
C PHE A 261 -31.17 10.80 -32.97
N ILE A 262 -32.27 10.25 -33.50
CA ILE A 262 -32.19 9.11 -34.41
C ILE A 262 -31.39 9.47 -35.67
N GLU A 263 -31.60 10.67 -36.20
CA GLU A 263 -30.89 11.11 -37.39
C GLU A 263 -29.62 11.89 -37.09
N GLY A 264 -29.14 11.89 -35.85
CA GLY A 264 -27.85 12.44 -35.53
C GLY A 264 -27.80 13.93 -35.28
N LYS A 265 -28.54 14.71 -36.08
CA LYS A 265 -28.53 16.16 -35.93
C LYS A 265 -29.19 16.58 -34.62
N ASN A 266 -28.56 17.52 -33.93
CA ASN A 266 -29.09 18.07 -32.68
C ASN A 266 -30.24 19.02 -33.02
N LEU A 267 -31.45 18.66 -32.63
CA LEU A 267 -32.64 19.44 -32.93
C LEU A 267 -33.09 20.34 -31.79
N PHE A 268 -32.35 20.36 -30.68
CA PHE A 268 -32.70 21.23 -29.56
C PHE A 268 -32.26 22.65 -29.91
N LYS A 269 -33.24 23.49 -30.25
CA LYS A 269 -33.05 24.92 -30.51
C LYS A 269 -33.81 25.71 -29.48
N ALA A 270 -33.14 26.70 -28.88
CA ALA A 270 -33.73 27.45 -27.77
C ALA A 270 -35.14 27.91 -28.10
N GLY A 271 -36.06 27.67 -27.16
CA GLY A 271 -37.42 28.16 -27.27
C GLY A 271 -38.34 27.33 -28.13
N LYS A 272 -37.83 26.32 -28.84
CA LYS A 272 -38.62 25.59 -29.84
C LYS A 272 -38.78 24.13 -29.45
N THR A 273 -40.00 23.61 -29.62
CA THR A 273 -40.31 22.24 -29.26
C THR A 273 -39.64 21.25 -30.21
N VAL A 274 -39.50 20.01 -29.75
CA VAL A 274 -38.87 18.93 -30.49
C VAL A 274 -39.83 17.75 -30.51
N SER A 275 -39.83 17.02 -31.61
CA SER A 275 -40.64 15.81 -31.71
C SER A 275 -40.07 14.70 -30.83
N VAL A 276 -40.93 14.15 -29.96
CA VAL A 276 -40.48 13.08 -29.07
C VAL A 276 -39.94 11.90 -29.86
N GLU A 277 -40.55 11.60 -31.02
CA GLU A 277 -40.14 10.45 -31.82
C GLU A 277 -38.81 10.67 -32.54
N SER A 278 -38.26 11.89 -32.52
CA SER A 278 -36.97 12.14 -33.15
C SER A 278 -35.80 11.74 -32.27
N PHE A 279 -36.03 11.42 -31.01
CA PHE A 279 -34.98 11.10 -30.06
C PHE A 279 -35.18 9.69 -29.53
N LYS A 280 -34.08 8.95 -29.42
CA LYS A 280 -34.09 7.59 -28.87
C LYS A 280 -33.29 7.62 -27.56
N GLU A 281 -34.00 7.54 -26.44
CA GLU A 281 -33.34 7.51 -25.14
C GLU A 281 -32.86 6.11 -24.81
N THR A 282 -31.72 6.04 -24.12
CA THR A 282 -31.10 4.76 -23.78
C THR A 282 -31.47 4.33 -22.36
N HIS A 283 -30.92 5.02 -21.35
CA HIS A 283 -31.17 4.66 -19.97
C HIS A 283 -32.00 5.69 -19.23
N THR A 284 -32.46 6.73 -19.92
CA THR A 284 -33.26 7.79 -19.33
C THR A 284 -34.66 7.77 -19.93
N TYR A 285 -35.57 8.50 -19.29
CA TYR A 285 -36.90 8.68 -19.83
C TYR A 285 -37.37 10.12 -19.65
N GLY A 286 -37.88 10.72 -20.74
CA GLY A 286 -38.58 11.98 -20.64
C GLY A 286 -37.81 13.22 -21.05
N LEU A 287 -36.66 13.06 -21.69
CA LEU A 287 -35.83 14.21 -22.04
C LEU A 287 -36.58 15.21 -22.90
N VAL A 288 -37.23 14.73 -23.97
CA VAL A 288 -37.86 15.66 -24.90
C VAL A 288 -39.09 16.29 -24.26
N GLU A 289 -39.85 15.51 -23.49
CA GLU A 289 -41.00 16.06 -22.78
C GLU A 289 -40.56 17.17 -21.82
N TRP A 290 -39.47 16.92 -21.07
CA TRP A 290 -38.90 17.95 -20.21
C TRP A 290 -38.56 19.20 -21.01
N TRP A 291 -37.82 19.04 -22.11
CA TRP A 291 -37.49 20.16 -22.98
C TRP A 291 -38.75 20.89 -23.44
N ASN A 292 -39.73 20.16 -24.00
CA ASN A 292 -40.89 20.80 -24.60
C ASN A 292 -41.73 21.55 -23.59
N GLN A 293 -41.80 21.04 -22.35
CA GLN A 293 -42.72 21.57 -21.35
C GLN A 293 -42.09 22.70 -20.54
N ALA A 294 -40.77 22.82 -20.52
CA ALA A 294 -40.14 23.84 -19.68
C ALA A 294 -38.70 24.16 -20.05
N LEU A 295 -37.86 23.14 -20.25
CA LEU A 295 -36.42 23.38 -20.31
C LEU A 295 -36.03 24.19 -21.55
N LYS A 296 -36.82 24.14 -22.61
CA LYS A 296 -36.49 24.89 -23.83
C LYS A 296 -36.43 26.40 -23.59
N ASP A 297 -37.06 26.88 -22.53
CA ASP A 297 -37.10 28.30 -22.23
C ASP A 297 -36.23 28.71 -21.04
N TYR A 298 -35.53 27.78 -20.42
CA TYR A 298 -34.65 28.10 -19.28
C TYR A 298 -33.26 28.49 -19.81
N THR A 299 -33.22 29.61 -20.52
CA THR A 299 -32.03 30.10 -21.19
C THR A 299 -31.05 30.73 -20.21
N PRO A 300 -29.78 30.90 -20.62
CA PRO A 300 -28.84 31.61 -19.76
C PRO A 300 -29.24 33.03 -19.47
N GLU A 301 -29.90 33.70 -20.44
CA GLU A 301 -30.39 35.05 -20.21
C GLU A 301 -31.52 35.08 -19.20
N TRP A 302 -32.48 34.15 -19.32
CA TRP A 302 -33.51 34.01 -18.29
C TRP A 302 -32.88 33.82 -16.91
N ALA A 303 -31.85 32.97 -16.81
CA ALA A 303 -31.23 32.68 -15.52
C ALA A 303 -30.46 33.89 -14.99
N SER A 304 -29.75 34.59 -15.87
CA SER A 304 -28.99 35.77 -15.47
C SER A 304 -29.90 36.86 -14.92
N LYS A 305 -31.08 37.01 -15.50
CA LYS A 305 -32.01 38.05 -15.05
C LYS A 305 -32.44 37.81 -13.61
N ILE A 306 -32.63 36.54 -13.23
CA ILE A 306 -33.06 36.20 -11.87
C ILE A 306 -31.90 36.25 -10.88
N THR A 307 -30.73 35.73 -11.28
CA THR A 307 -29.64 35.46 -10.34
C THR A 307 -28.52 36.49 -10.37
N GLY A 308 -28.38 37.23 -11.47
CA GLY A 308 -27.25 38.10 -11.65
C GLY A 308 -26.00 37.41 -12.14
N ILE A 309 -26.05 36.08 -12.31
CA ILE A 309 -24.90 35.35 -12.81
C ILE A 309 -24.69 35.70 -14.28
N ASP A 310 -23.44 35.91 -14.64
CA ASP A 310 -23.08 36.17 -16.04
C ASP A 310 -23.52 35.02 -16.93
N PRO A 311 -24.30 35.26 -17.98
CA PRO A 311 -24.68 34.12 -18.85
C PRO A 311 -23.49 33.42 -19.46
N LYS A 312 -22.38 34.12 -19.71
CA LYS A 312 -21.19 33.46 -20.24
C LYS A 312 -20.65 32.44 -19.25
N THR A 313 -20.79 32.70 -17.95
CA THR A 313 -20.36 31.73 -16.95
C THR A 313 -21.24 30.49 -16.97
N ILE A 314 -22.56 30.68 -17.08
CA ILE A 314 -23.47 29.55 -17.18
C ILE A 314 -23.09 28.69 -18.38
N ILE A 315 -22.84 29.32 -19.52
CA ILE A 315 -22.51 28.60 -20.74
C ILE A 315 -21.17 27.88 -20.60
N ALA A 316 -20.17 28.54 -20.01
CA ALA A 316 -18.85 27.91 -19.85
C ALA A 316 -18.94 26.71 -18.91
N ILE A 317 -19.68 26.84 -17.81
CA ILE A 317 -19.86 25.72 -16.88
C ILE A 317 -20.49 24.54 -17.60
N ALA A 318 -21.57 24.79 -18.36
CA ALA A 318 -22.26 23.72 -19.05
C ALA A 318 -21.32 23.01 -20.03
N LYS A 319 -20.52 23.77 -20.77
CA LYS A 319 -19.58 23.17 -21.71
C LYS A 319 -18.49 22.39 -21.00
N ASP A 320 -17.97 22.92 -19.87
CA ASP A 320 -16.95 22.19 -19.12
C ASP A 320 -17.49 20.87 -18.60
N MET A 321 -18.73 20.87 -18.09
CA MET A 321 -19.35 19.62 -17.63
C MET A 321 -19.54 18.66 -18.79
N GLY A 322 -19.96 19.18 -19.96
CA GLY A 322 -20.10 18.32 -21.12
C GLY A 322 -18.80 17.64 -21.50
N ALA A 323 -17.68 18.37 -21.42
CA ALA A 323 -16.39 17.80 -21.79
C ALA A 323 -15.86 16.84 -20.72
N ALA A 324 -16.23 17.06 -19.46
CA ALA A 324 -15.82 16.20 -18.37
C ALA A 324 -16.62 14.90 -18.30
N ALA A 325 -17.82 14.90 -18.87
CA ALA A 325 -18.74 13.77 -18.72
C ALA A 325 -18.05 12.46 -19.11
N PRO A 326 -18.35 11.34 -18.42
CA PRO A 326 -19.32 11.22 -17.31
C PRO A 326 -18.72 11.45 -15.94
N ALA A 327 -17.51 12.00 -15.90
CA ALA A 327 -16.81 12.23 -14.63
C ALA A 327 -17.24 13.57 -14.03
N VAL A 328 -18.55 13.64 -13.78
CA VAL A 328 -19.24 14.86 -13.38
C VAL A 328 -20.11 14.53 -12.19
N GLN A 329 -20.04 15.35 -11.15
CA GLN A 329 -20.85 15.10 -9.96
C GLN A 329 -21.44 16.39 -9.45
N VAL A 330 -22.74 16.35 -9.16
CA VAL A 330 -23.48 17.50 -8.65
C VAL A 330 -23.96 17.18 -7.24
N TRP A 331 -23.51 18.00 -6.28
CA TRP A 331 -23.88 17.86 -4.88
C TRP A 331 -25.05 18.79 -4.55
N THR A 332 -26.00 18.33 -3.76
CA THR A 332 -26.97 19.23 -3.14
C THR A 332 -26.82 19.17 -1.63
N SER A 333 -26.85 20.33 -0.99
CA SER A 333 -26.90 20.42 0.45
C SER A 333 -28.31 20.69 0.94
N ARG A 334 -28.49 20.51 2.26
CA ARG A 334 -29.69 21.00 2.94
C ARG A 334 -30.02 22.43 2.55
N GLY A 335 -28.99 23.28 2.40
CA GLY A 335 -29.27 24.70 2.16
C GLY A 335 -30.05 24.91 0.87
N ALA A 336 -29.75 24.13 -0.16
CA ALA A 336 -30.43 24.28 -1.43
C ALA A 336 -31.85 23.71 -1.41
N VAL A 337 -32.08 22.63 -0.67
CA VAL A 337 -33.29 21.84 -0.84
C VAL A 337 -34.24 21.83 0.37
N MET A 338 -33.78 22.18 1.58
CA MET A 338 -34.67 22.18 2.75
C MET A 338 -35.34 23.56 2.82
N GLN A 339 -36.26 23.74 1.87
CA GLN A 339 -37.04 24.94 1.63
C GLN A 339 -38.44 24.48 1.27
N ALA A 340 -39.42 25.38 1.43
CA ALA A 340 -40.81 24.97 1.31
C ALA A 340 -41.15 24.45 -0.07
N ARG A 341 -40.43 24.87 -1.11
CA ARG A 341 -40.63 24.31 -2.44
C ARG A 341 -39.42 23.52 -2.92
N GLY A 342 -38.60 23.04 -1.99
CA GLY A 342 -37.28 22.50 -2.28
C GLY A 342 -37.24 21.15 -2.96
N THR A 343 -38.33 20.36 -2.91
CA THR A 343 -38.36 19.12 -3.67
C THR A 343 -37.87 19.33 -5.10
N TYR A 344 -38.29 20.42 -5.74
CA TYR A 344 -37.93 20.63 -7.14
C TYR A 344 -36.54 21.20 -7.32
N THR A 345 -35.89 21.67 -6.26
CA THR A 345 -34.47 21.97 -6.36
C THR A 345 -33.65 20.70 -6.30
N SER A 346 -34.02 19.76 -5.42
CA SER A 346 -33.36 18.45 -5.42
C SER A 346 -33.48 17.79 -6.79
N ILE A 347 -34.66 17.83 -7.38
CA ILE A 347 -34.89 17.23 -8.70
C ILE A 347 -34.08 17.95 -9.76
N SER A 348 -34.11 19.29 -9.77
CA SER A 348 -33.46 20.03 -10.83
C SER A 348 -31.94 19.88 -10.79
N CYS A 349 -31.36 19.91 -9.59
CA CYS A 349 -29.92 19.74 -9.46
C CYS A 349 -29.52 18.29 -9.75
N HIS A 350 -30.26 17.32 -9.20
CA HIS A 350 -29.89 15.93 -9.41
C HIS A 350 -30.09 15.49 -10.86
N ALA A 351 -31.02 16.11 -11.58
CA ALA A 351 -31.18 15.80 -13.01
C ALA A 351 -29.86 15.95 -13.77
N LEU A 352 -29.01 16.88 -13.34
CA LEU A 352 -27.72 17.06 -14.01
C LEU A 352 -26.83 15.83 -13.86
N ASN A 353 -27.00 15.07 -12.78
CA ASN A 353 -26.22 13.84 -12.64
C ASN A 353 -26.62 12.81 -13.66
N GLY A 354 -27.85 12.84 -14.14
CA GLY A 354 -28.25 11.96 -15.22
C GLY A 354 -27.86 12.51 -16.58
N LEU A 355 -28.07 13.82 -16.77
CA LEU A 355 -27.83 14.43 -18.09
C LEU A 355 -26.37 14.30 -18.53
N PHE A 356 -25.43 14.43 -17.59
CA PHE A 356 -24.01 14.29 -17.89
C PHE A 356 -23.47 12.89 -17.59
N GLY A 357 -24.35 11.92 -17.27
CA GLY A 357 -23.96 10.53 -17.13
C GLY A 357 -23.19 10.18 -15.89
N GLY A 358 -23.16 11.06 -14.90
CA GLY A 358 -22.36 10.82 -13.71
C GLY A 358 -22.92 9.77 -12.80
N ILE A 359 -24.22 9.52 -12.88
CA ILE A 359 -24.86 8.57 -11.98
C ILE A 359 -24.29 7.17 -12.27
N ASP A 360 -23.75 6.55 -11.21
CA ASP A 360 -23.13 5.25 -11.26
C ASP A 360 -21.89 5.19 -12.18
N SER A 361 -21.24 6.33 -12.42
CA SER A 361 -20.08 6.37 -13.30
C SER A 361 -18.81 6.78 -12.57
N LYS A 362 -17.67 6.50 -13.20
CA LYS A 362 -16.38 6.89 -12.66
C LYS A 362 -16.26 8.40 -12.61
N GLY A 363 -15.93 8.91 -11.41
CA GLY A 363 -15.87 10.34 -11.18
C GLY A 363 -17.21 10.97 -10.89
N GLY A 364 -18.28 10.17 -10.91
CA GLY A 364 -19.64 10.66 -10.62
C GLY A 364 -20.08 10.40 -9.19
N LEU A 365 -21.29 9.87 -9.02
CA LEU A 365 -21.82 9.60 -7.69
C LEU A 365 -22.72 8.38 -7.77
N PHE A 366 -22.89 7.69 -6.64
CA PHE A 366 -23.73 6.50 -6.65
C PHE A 366 -24.07 6.13 -5.21
N PRO A 367 -25.02 5.22 -5.02
CA PRO A 367 -25.43 4.86 -3.66
C PRO A 367 -24.37 4.06 -2.93
N GLY A 368 -24.67 3.82 -1.66
CA GLY A 368 -23.82 2.93 -0.87
C GLY A 368 -23.84 1.50 -1.41
N ASN A 369 -22.68 0.86 -1.32
CA ASN A 369 -22.55 -0.54 -1.71
C ASN A 369 -23.45 -1.43 -0.86
N LYS A 370 -23.83 -2.58 -1.41
CA LYS A 370 -24.60 -3.58 -0.65
C LYS A 370 -23.75 -4.18 0.46
N THR A 371 -24.36 -4.37 1.64
CA THR A 371 -23.74 -5.11 2.72
C THR A 371 -24.75 -6.08 3.31
N PRO A 372 -24.31 -7.10 4.04
CA PRO A 372 -25.26 -8.04 4.65
C PRO A 372 -25.70 -7.68 6.07
N LEU A 373 -25.39 -6.48 6.56
CA LEU A 373 -25.86 -6.07 7.88
C LEU A 373 -27.39 -6.16 7.93
N LEU A 374 -27.90 -6.80 8.98
CA LEU A 374 -29.32 -6.77 9.28
C LEU A 374 -29.70 -5.46 9.97
N LYS A 375 -30.90 -4.97 9.67
CA LYS A 375 -31.36 -3.70 10.18
C LYS A 375 -32.59 -3.81 11.06
N GLU A 376 -33.16 -5.01 11.20
CA GLU A 376 -34.35 -5.22 12.01
C GLU A 376 -34.23 -6.53 12.79
N TYR A 377 -34.81 -6.54 13.98
CA TYR A 377 -35.04 -7.78 14.73
C TYR A 377 -36.27 -8.47 14.15
N PRO A 378 -36.57 -9.69 14.60
CA PRO A 378 -37.66 -10.46 13.98
C PRO A 378 -39.02 -9.79 14.08
N GLU A 379 -39.92 -10.19 13.18
CA GLU A 379 -41.27 -9.65 13.21
C GLU A 379 -41.93 -9.90 14.56
N ALA A 380 -42.71 -8.92 15.02
CA ALA A 380 -43.40 -8.99 16.29
C ALA A 380 -44.90 -9.22 16.16
N LYS A 381 -45.40 -9.54 14.96
CA LYS A 381 -46.84 -9.67 14.76
C LYS A 381 -47.48 -10.66 15.73
N ALA A 382 -46.80 -11.78 16.00
CA ALA A 382 -47.37 -12.81 16.87
C ALA A 382 -47.50 -12.34 18.32
N TYR A 383 -46.86 -11.24 18.68
CA TYR A 383 -46.86 -10.70 20.04
C TYR A 383 -47.79 -9.51 20.18
N MET A 384 -48.44 -9.11 19.09
CA MET A 384 -49.42 -8.03 19.11
C MET A 384 -50.75 -8.54 19.64
N ASP A 385 -51.22 -7.98 20.74
CA ASP A 385 -52.56 -8.32 21.22
C ASP A 385 -53.58 -7.43 20.49
N GLU A 386 -54.85 -7.59 20.84
CA GLU A 386 -55.89 -6.87 20.11
C GLU A 386 -55.80 -5.37 20.36
N ILE A 387 -55.45 -4.98 21.59
CA ILE A 387 -55.24 -3.56 21.91
C ILE A 387 -54.17 -2.97 20.99
N ALA A 388 -53.05 -3.68 20.84
CA ALA A 388 -51.96 -3.16 20.02
C ALA A 388 -52.33 -3.13 18.54
N ALA A 389 -52.97 -4.17 18.04
CA ALA A 389 -53.35 -4.20 16.64
C ALA A 389 -54.27 -3.04 16.28
N LYS A 390 -55.19 -2.69 17.18
CA LYS A 390 -56.05 -1.54 16.92
C LYS A 390 -55.27 -0.23 16.98
N GLY A 391 -54.38 -0.10 17.98
CA GLY A 391 -53.71 1.18 18.18
C GLY A 391 -52.78 1.56 17.05
N VAL A 392 -52.06 0.59 16.49
CA VAL A 392 -51.06 0.90 15.47
C VAL A 392 -51.69 1.36 14.16
N LYS A 393 -53.00 1.24 14.02
CA LYS A 393 -53.70 1.71 12.83
C LYS A 393 -54.16 3.15 12.93
N LYS A 394 -53.97 3.80 14.08
CA LYS A 394 -54.42 5.18 14.22
C LYS A 394 -53.56 6.10 13.36
N GLU A 395 -54.13 7.25 13.00
CA GLU A 395 -53.36 8.29 12.32
C GLU A 395 -52.18 8.71 13.18
N LYS A 396 -51.04 8.95 12.54
CA LYS A 396 -49.86 9.39 13.28
C LYS A 396 -50.02 10.83 13.77
N ILE A 397 -49.40 11.10 14.92
CA ILE A 397 -49.49 12.41 15.57
C ILE A 397 -48.92 13.54 14.71
N ASP A 398 -48.03 13.22 13.77
CA ASP A 398 -47.48 14.25 12.89
C ASP A 398 -48.34 14.49 11.65
N GLN A 399 -49.53 13.88 11.56
CA GLN A 399 -50.51 14.18 10.53
C GLN A 399 -50.04 13.79 9.12
N ARG A 400 -49.03 12.96 9.01
CA ARG A 400 -48.53 12.57 7.71
C ARG A 400 -49.67 11.92 6.90
N GLY A 401 -49.70 12.24 5.61
CA GLY A 401 -50.70 11.68 4.73
C GLY A 401 -51.93 12.54 4.51
N ARG A 402 -52.13 13.59 5.30
CA ARG A 402 -53.23 14.51 5.04
C ARG A 402 -53.00 15.20 3.69
N LEU A 403 -54.06 15.82 3.18
CA LEU A 403 -54.00 16.45 1.87
C LEU A 403 -52.78 17.36 1.74
N GLU A 404 -52.56 18.21 2.75
CA GLU A 404 -51.48 19.18 2.72
C GLU A 404 -50.17 18.66 3.28
N PHE A 405 -50.09 17.37 3.64
CA PHE A 405 -48.86 16.77 4.16
C PHE A 405 -48.63 15.42 3.47
N PRO A 406 -48.47 15.41 2.15
CA PRO A 406 -48.30 14.12 1.46
C PRO A 406 -47.08 13.34 1.93
N ALA A 407 -45.95 14.00 2.17
CA ALA A 407 -44.74 13.38 2.71
C ALA A 407 -44.45 12.06 2.00
N LEU A 408 -44.18 12.17 0.70
CA LEU A 408 -44.15 11.05 -0.21
C LEU A 408 -42.85 10.26 -0.19
N ALA A 409 -42.43 9.83 0.99
CA ALA A 409 -41.23 9.01 1.10
C ALA A 409 -41.45 7.68 0.39
N LYS A 410 -40.54 7.33 -0.51
CA LYS A 410 -40.58 6.06 -1.23
C LYS A 410 -41.90 5.88 -1.99
N GLY A 411 -42.50 6.98 -2.43
CA GLY A 411 -43.67 6.92 -3.28
C GLY A 411 -45.00 6.77 -2.58
N LYS A 412 -45.03 6.79 -1.25
CA LYS A 412 -46.24 6.49 -0.49
C LYS A 412 -46.81 7.74 0.13
N SER A 413 -48.11 7.95 -0.06
CA SER A 413 -48.80 9.02 0.66
C SER A 413 -48.74 8.75 2.16
N GLY A 414 -48.29 9.75 2.92
CA GLY A 414 -48.08 9.52 4.33
C GLY A 414 -46.95 8.57 4.62
N GLY A 415 -46.01 8.45 3.69
CA GLY A 415 -44.92 7.50 3.88
C GLY A 415 -43.82 8.01 4.77
N GLY A 416 -43.71 9.34 4.89
CA GLY A 416 -42.59 9.96 5.56
C GLY A 416 -42.98 10.61 6.88
N VAL A 417 -42.00 10.67 7.80
CA VAL A 417 -42.17 11.39 9.04
C VAL A 417 -42.26 12.88 8.77
N ILE A 418 -42.95 13.58 9.67
CA ILE A 418 -42.96 15.04 9.66
C ILE A 418 -42.62 15.51 11.07
N THR A 419 -41.35 15.38 11.43
CA THR A 419 -40.89 15.57 12.80
C THR A 419 -41.41 16.85 13.42
N ALA A 420 -41.15 17.97 12.76
CA ALA A 420 -41.48 19.25 13.37
C ALA A 420 -42.97 19.40 13.55
N ASN A 421 -43.77 18.73 12.71
CA ASN A 421 -45.22 18.89 12.81
C ASN A 421 -45.81 18.07 13.95
N ALA A 422 -45.07 17.10 14.50
CA ALA A 422 -45.54 16.41 15.70
C ALA A 422 -45.77 17.37 16.85
N ALA A 423 -44.96 18.43 16.96
CA ALA A 423 -45.23 19.42 17.99
C ALA A 423 -46.58 20.09 17.78
N ASN A 424 -46.95 20.30 16.51
CA ASN A 424 -48.22 20.95 16.21
C ASN A 424 -49.38 20.02 16.49
N GLY A 425 -49.25 18.73 16.12
CA GLY A 425 -50.27 17.78 16.50
C GLY A 425 -50.45 17.66 18.00
N ILE A 426 -49.34 17.63 18.74
CA ILE A 426 -49.41 17.50 20.18
C ILE A 426 -50.10 18.72 20.80
N ARG A 427 -49.65 19.93 20.43
CA ARG A 427 -50.19 21.12 21.09
C ARG A 427 -51.62 21.42 20.66
N ASN A 428 -52.07 20.88 19.54
CA ASN A 428 -53.47 20.99 19.13
C ASN A 428 -54.27 19.73 19.42
N GLN A 429 -53.64 18.71 20.00
CA GLN A 429 -54.30 17.44 20.27
C GLN A 429 -55.07 16.97 19.04
N ASP A 430 -54.39 17.03 17.88
CA ASP A 430 -54.92 16.66 16.60
C ASP A 430 -53.89 15.83 15.84
N PRO A 431 -54.13 14.53 15.60
CA PRO A 431 -55.38 13.77 15.74
C PRO A 431 -55.88 13.46 17.16
N TYR A 432 -55.02 13.53 18.15
CA TYR A 432 -55.42 13.19 19.52
C TYR A 432 -54.29 13.64 20.45
N GLU A 433 -54.55 13.54 21.75
CA GLU A 433 -53.58 13.92 22.77
C GLU A 433 -52.47 12.86 22.87
N ILE A 434 -51.24 13.33 23.09
CA ILE A 434 -50.14 12.46 23.52
C ILE A 434 -50.05 12.56 25.03
N LYS A 435 -50.17 11.42 25.71
CA LYS A 435 -50.18 11.34 27.16
C LYS A 435 -48.90 10.76 27.76
N VAL A 436 -48.18 9.91 27.02
CA VAL A 436 -46.94 9.33 27.50
C VAL A 436 -45.93 9.42 26.37
N MET A 437 -44.76 9.97 26.66
CA MET A 437 -43.73 10.15 25.65
C MET A 437 -42.41 9.63 26.17
N LEU A 438 -41.74 8.82 25.36
CA LEU A 438 -40.36 8.43 25.61
C LEU A 438 -39.53 8.98 24.44
N ALA A 439 -38.42 9.64 24.76
CA ALA A 439 -37.59 10.29 23.76
C ALA A 439 -36.13 10.00 24.06
N TYR A 440 -35.32 9.81 23.02
CA TYR A 440 -33.91 9.59 23.24
C TYR A 440 -33.05 10.27 22.21
N PHE A 441 -31.91 10.81 22.68
CA PHE A 441 -30.81 11.25 21.81
C PHE A 441 -31.27 12.42 20.93
N ASN A 442 -32.17 13.26 21.48
CA ASN A 442 -32.84 14.27 20.68
C ASN A 442 -32.99 15.55 21.50
N ASN A 443 -33.09 16.68 20.80
CA ASN A 443 -33.29 17.97 21.46
C ASN A 443 -34.11 18.92 20.58
N PHE A 444 -35.36 18.54 20.33
CA PHE A 444 -36.16 19.16 19.29
C PHE A 444 -36.54 20.61 19.63
N ASN A 445 -36.58 20.98 20.92
CA ASN A 445 -36.85 22.38 21.28
C ASN A 445 -35.79 23.32 20.70
N PHE A 446 -34.59 22.79 20.49
CA PHE A 446 -33.42 23.52 20.02
C PHE A 446 -33.13 23.30 18.55
N SER A 447 -33.38 22.09 18.05
CA SER A 447 -32.97 21.68 16.71
C SER A 447 -34.05 21.83 15.66
N ASN A 448 -35.37 21.98 16.07
CA ASN A 448 -36.47 22.15 15.12
C ASN A 448 -36.72 23.64 14.90
N PRO A 449 -37.13 24.06 13.70
CA PRO A 449 -37.53 25.46 13.52
C PRO A 449 -38.63 25.84 14.48
N GLU A 450 -38.57 27.07 14.97
CA GLU A 450 -39.57 27.60 15.88
C GLU A 450 -39.84 26.60 17.02
N GLY A 451 -38.76 26.19 17.67
CA GLY A 451 -38.81 25.18 18.72
C GLY A 451 -39.61 25.55 19.94
N GLN A 452 -39.99 26.82 20.11
CA GLN A 452 -40.90 27.13 21.20
C GLN A 452 -42.20 26.35 21.06
N ARG A 453 -42.54 25.90 19.85
CA ARG A 453 -43.70 25.04 19.70
C ARG A 453 -43.50 23.73 20.45
N TRP A 454 -42.25 23.26 20.55
CA TRP A 454 -41.97 22.08 21.36
C TRP A 454 -42.04 22.42 22.84
N ASP A 455 -41.62 23.62 23.25
CA ASP A 455 -41.86 24.07 24.61
C ASP A 455 -43.34 23.91 24.94
N GLU A 456 -44.20 24.44 24.07
CA GLU A 456 -45.64 24.42 24.28
C GLU A 456 -46.18 22.99 24.28
N ALA A 457 -45.78 22.19 23.29
CA ALA A 457 -46.27 20.83 23.18
C ALA A 457 -45.89 20.00 24.40
N LEU A 458 -44.61 20.03 24.79
CA LEU A 458 -44.16 19.18 25.88
C LEU A 458 -44.78 19.58 27.20
N SER A 459 -45.07 20.86 27.39
CA SER A 459 -45.71 21.31 28.61
C SER A 459 -47.11 20.74 28.75
N LYS A 460 -47.69 20.23 27.66
CA LYS A 460 -49.03 19.66 27.63
C LYS A 460 -49.04 18.13 27.64
N VAL A 461 -47.90 17.50 27.77
CA VAL A 461 -47.82 16.04 27.78
C VAL A 461 -47.81 15.57 29.23
N ASP A 462 -48.76 14.68 29.57
CA ASP A 462 -48.93 14.27 30.96
CA ASP A 462 -48.93 14.25 30.96
C ASP A 462 -47.64 13.67 31.52
N PHE A 463 -46.96 12.81 30.75
CA PHE A 463 -45.76 12.16 31.27
C PHE A 463 -44.74 11.99 30.16
N MET A 464 -43.55 12.55 30.36
CA MET A 464 -42.47 12.36 29.38
C MET A 464 -41.18 11.97 30.09
N ALA A 465 -40.44 11.06 29.46
CA ALA A 465 -39.13 10.63 29.93
C ALA A 465 -38.11 10.86 28.82
N HIS A 466 -36.95 11.39 29.19
CA HIS A 466 -35.90 11.73 28.23
C HIS A 466 -34.67 10.89 28.50
N ILE A 467 -34.20 10.17 27.48
CA ILE A 467 -32.97 9.39 27.54
C ILE A 467 -31.86 10.23 26.92
N THR A 468 -30.93 10.68 27.75
CA THR A 468 -30.01 11.74 27.40
C THR A 468 -28.80 11.69 28.34
N THR A 469 -27.67 12.21 27.84
CA THR A 469 -26.47 12.32 28.68
C THR A 469 -26.49 13.60 29.53
N ASN A 470 -27.05 14.67 28.98
CA ASN A 470 -27.03 16.00 29.56
C ASN A 470 -28.46 16.48 29.72
N VAL A 471 -28.67 17.38 30.67
CA VAL A 471 -29.97 18.02 30.78
C VAL A 471 -30.01 19.11 29.71
N SER A 472 -30.57 18.79 28.54
CA SER A 472 -30.63 19.74 27.44
C SER A 472 -31.97 20.45 27.49
N GLU A 473 -32.23 21.29 26.47
CA GLU A 473 -33.45 22.09 26.46
C GLU A 473 -34.69 21.20 26.47
N PHE A 474 -34.69 20.12 25.72
CA PHE A 474 -35.80 19.17 25.73
C PHE A 474 -35.96 18.54 27.11
N SER A 475 -34.85 18.25 27.80
CA SER A 475 -34.90 17.61 29.11
C SER A 475 -35.64 18.47 30.11
N TRP A 476 -35.59 19.79 29.94
CA TRP A 476 -36.22 20.72 30.87
C TRP A 476 -37.69 20.41 31.10
N PHE A 477 -38.33 19.79 30.12
CA PHE A 477 -39.77 19.52 30.14
C PHE A 477 -40.09 18.09 30.53
N ALA A 478 -39.09 17.29 30.91
CA ALA A 478 -39.32 15.90 31.23
C ALA A 478 -39.81 15.71 32.67
N ASP A 479 -40.63 14.68 32.85
CA ASP A 479 -40.99 14.24 34.20
C ASP A 479 -39.89 13.38 34.78
N VAL A 480 -39.23 12.59 33.94
CA VAL A 480 -38.19 11.66 34.36
C VAL A 480 -37.03 11.79 33.40
N LEU A 481 -35.83 11.79 33.95
CA LEU A 481 -34.59 11.74 33.19
C LEU A 481 -33.97 10.36 33.34
N LEU A 482 -33.61 9.77 32.22
CA LEU A 482 -33.00 8.43 32.18
C LEU A 482 -31.62 8.60 31.57
N PRO A 483 -30.55 8.64 32.37
CA PRO A 483 -29.25 9.05 31.84
C PRO A 483 -28.63 7.96 30.98
N SER A 484 -28.22 8.35 29.79
CA SER A 484 -27.65 7.41 28.83
C SER A 484 -26.14 7.25 29.01
N SER A 485 -25.68 6.01 28.90
CA SER A 485 -24.25 5.76 28.68
C SER A 485 -23.86 6.40 27.35
N HIS A 486 -22.68 6.99 27.31
CA HIS A 486 -22.30 7.78 26.15
C HIS A 486 -22.07 6.88 24.94
N HIS A 487 -22.69 7.25 23.80
CA HIS A 487 -22.74 6.38 22.63
C HIS A 487 -21.35 5.97 22.14
N MET A 488 -20.34 6.82 22.29
CA MET A 488 -19.05 6.59 21.64
C MET A 488 -18.05 5.85 22.51
N PHE A 489 -18.23 5.86 23.84
CA PHE A 489 -17.27 5.33 24.79
C PHE A 489 -17.83 4.28 25.73
N GLU A 490 -19.15 4.21 25.92
CA GLU A 490 -19.76 3.35 26.93
C GLU A 490 -20.86 2.46 26.35
N LYS A 491 -20.88 2.26 25.03
CA LYS A 491 -22.00 1.61 24.39
C LYS A 491 -21.58 0.55 23.37
N TRP A 492 -22.40 -0.49 23.28
CA TRP A 492 -22.37 -1.42 22.17
C TRP A 492 -23.35 -0.97 21.10
N GLY A 493 -22.86 -0.78 19.87
CA GLY A 493 -23.69 -0.35 18.76
C GLY A 493 -23.08 -0.76 17.45
N VAL A 494 -23.78 -0.46 16.35
CA VAL A 494 -23.20 -0.69 15.02
C VAL A 494 -23.72 0.38 14.07
N LEU A 495 -22.84 0.85 13.17
CA LEU A 495 -23.12 1.92 12.23
C LEU A 495 -22.50 1.54 10.88
N ASP A 496 -22.74 2.38 9.87
CA ASP A 496 -22.16 2.19 8.55
C ASP A 496 -21.73 3.54 7.99
N SER A 497 -20.92 3.48 6.94
CA SER A 497 -20.44 4.68 6.29
C SER A 497 -20.17 4.34 4.84
N ILE A 498 -20.29 5.34 3.97
CA ILE A 498 -20.02 5.14 2.55
C ILE A 498 -19.11 6.24 2.03
N GLY A 499 -18.29 5.86 1.06
CA GLY A 499 -17.32 6.74 0.44
C GLY A 499 -16.16 5.94 -0.09
N ASN A 500 -15.38 6.57 -0.98
CA ASN A 500 -14.19 5.94 -1.54
C ASN A 500 -14.52 4.65 -2.30
N GLY A 501 -15.74 4.58 -2.81
CA GLY A 501 -16.20 3.42 -3.55
C GLY A 501 -16.60 2.24 -2.72
N VAL A 502 -16.66 2.38 -1.39
CA VAL A 502 -17.00 1.27 -0.52
C VAL A 502 -18.06 1.67 0.49
N ALA A 503 -18.69 0.64 1.06
CA ALA A 503 -19.52 0.76 2.26
C ALA A 503 -18.82 -0.03 3.35
N GLN A 504 -18.79 0.53 4.55
CA GLN A 504 -18.20 -0.14 5.69
C GLN A 504 -19.23 -0.24 6.81
N ILE A 505 -19.06 -1.26 7.63
CA ILE A 505 -19.86 -1.48 8.82
CA ILE A 505 -19.85 -1.49 8.82
C ILE A 505 -18.91 -1.46 10.01
N SER A 506 -19.20 -0.61 11.00
CA SER A 506 -18.30 -0.45 12.14
C SER A 506 -19.00 -0.67 13.47
N ILE A 507 -18.23 -1.14 14.42
CA ILE A 507 -18.68 -1.43 15.78
C ILE A 507 -18.55 -0.18 16.64
N GLN A 508 -19.46 -0.07 17.59
CA GLN A 508 -19.31 0.76 18.78
C GLN A 508 -19.17 -0.18 19.97
N GLN A 509 -18.19 0.06 20.83
CA GLN A 509 -18.01 -0.81 21.98
C GLN A 509 -17.51 0.03 23.14
N PRO A 510 -17.78 -0.37 24.38
CA PRO A 510 -17.23 0.38 25.52
C PRO A 510 -15.71 0.32 25.51
N SER A 511 -15.07 1.49 25.67
CA SER A 511 -13.62 1.56 25.77
C SER A 511 -13.16 1.97 27.17
N ILE A 512 -14.08 2.36 28.05
CA ILE A 512 -13.77 2.69 29.43
C ILE A 512 -14.78 1.99 30.32
N LYS A 513 -14.44 1.91 31.61
CA LYS A 513 -15.41 1.50 32.61
C LYS A 513 -16.48 2.57 32.72
N ARG A 514 -17.74 2.13 32.82
CA ARG A 514 -18.85 3.08 32.85
C ARG A 514 -18.65 4.10 33.97
N LEU A 515 -18.77 5.37 33.63
CA LEU A 515 -18.42 6.41 34.60
C LEU A 515 -19.46 6.50 35.71
N TRP A 516 -20.74 6.56 35.34
CA TRP A 516 -21.82 6.89 36.26
C TRP A 516 -22.92 5.83 36.21
N ASP A 517 -24.04 6.08 36.91
CA ASP A 517 -25.14 5.12 36.98
C ASP A 517 -26.08 5.31 35.78
N THR A 518 -25.53 5.01 34.61
CA THR A 518 -26.23 5.21 33.34
C THR A 518 -26.53 3.85 32.69
N ARG A 519 -27.34 3.88 31.64
CA ARG A 519 -27.68 2.67 30.89
C ARG A 519 -27.68 3.01 29.40
N ILE A 520 -27.46 1.99 28.57
CA ILE A 520 -27.40 2.21 27.12
C ILE A 520 -28.80 2.41 26.58
N ASP A 521 -29.00 3.51 25.84
CA ASP A 521 -30.32 3.90 25.38
C ASP A 521 -31.04 2.79 24.62
N GLU A 522 -30.41 2.19 23.62
CA GLU A 522 -31.12 1.33 22.67
C GLU A 522 -31.18 -0.15 23.06
N SER A 523 -30.55 -0.54 24.15
CA SER A 523 -30.53 -1.97 24.50
C SER A 523 -30.91 -2.16 25.95
N GLU A 524 -30.07 -1.68 26.86
CA GLU A 524 -30.34 -1.92 28.29
C GLU A 524 -31.65 -1.30 28.73
N ILE A 525 -31.94 -0.08 28.29
CA ILE A 525 -33.15 0.58 28.78
C ILE A 525 -34.41 -0.13 28.30
N PRO A 526 -34.59 -0.42 27.01
CA PRO A 526 -35.81 -1.16 26.62
C PRO A 526 -35.88 -2.54 27.25
N TYR A 527 -34.73 -3.20 27.48
CA TYR A 527 -34.70 -4.46 28.20
C TYR A 527 -35.24 -4.31 29.62
N MET A 528 -34.74 -3.29 30.34
CA MET A 528 -35.17 -3.07 31.71
C MET A 528 -36.64 -2.65 31.76
N LEU A 529 -37.07 -1.81 30.81
CA LEU A 529 -38.47 -1.39 30.77
C LEU A 529 -39.38 -2.57 30.46
N ALA A 530 -38.97 -3.46 29.56
CA ALA A 530 -39.77 -4.64 29.26
C ALA A 530 -39.91 -5.52 30.49
N LYS A 531 -38.83 -5.69 31.27
CA LYS A 531 -38.92 -6.46 32.49
C LYS A 531 -39.90 -5.81 33.47
N LYS A 532 -39.83 -4.48 33.60
CA LYS A 532 -40.75 -3.78 34.51
C LYS A 532 -42.20 -3.93 34.04
N LEU A 533 -42.44 -3.77 32.74
CA LEU A 533 -43.80 -3.96 32.20
C LEU A 533 -44.30 -5.38 32.46
N ALA A 534 -43.41 -6.38 32.32
CA ALA A 534 -43.83 -7.75 32.58
C ALA A 534 -44.19 -7.95 34.05
N ASP A 535 -43.39 -7.38 34.96
CA ASP A 535 -43.71 -7.42 36.38
C ASP A 535 -45.08 -6.83 36.66
N LYS A 536 -45.51 -5.85 35.86
CA LYS A 536 -46.77 -5.17 36.07
C LYS A 536 -47.90 -5.73 35.21
N GLY A 537 -47.69 -6.87 34.57
CA GLY A 537 -48.77 -7.57 33.91
C GLY A 537 -48.85 -7.43 32.41
N PHE A 538 -47.88 -6.78 31.77
CA PHE A 538 -47.86 -6.62 30.32
C PHE A 538 -46.53 -7.18 29.84
N ASP A 539 -46.50 -8.46 29.47
CA ASP A 539 -45.24 -9.13 29.22
C ASP A 539 -44.95 -9.36 27.74
N ALA A 540 -45.75 -8.81 26.84
CA ALA A 540 -45.49 -9.02 25.41
C ALA A 540 -44.12 -8.53 25.00
N PRO A 541 -43.67 -7.32 25.36
CA PRO A 541 -42.31 -6.92 24.98
C PRO A 541 -41.25 -7.85 25.53
N TRP A 542 -41.40 -8.25 26.81
CA TRP A 542 -40.43 -9.14 27.43
C TRP A 542 -40.39 -10.49 26.72
N ARG A 543 -41.56 -11.05 26.40
CA ARG A 543 -41.60 -12.30 25.67
C ARG A 543 -40.98 -12.15 24.29
N TYR A 544 -41.27 -11.04 23.60
CA TYR A 544 -40.67 -10.80 22.30
C TYR A 544 -39.15 -10.80 22.40
N ILE A 545 -38.61 -10.04 23.36
CA ILE A 545 -37.17 -9.93 23.51
C ILE A 545 -36.55 -11.28 23.80
N ASN A 546 -37.10 -12.01 24.77
CA ASN A 546 -36.49 -13.24 25.26
C ASN A 546 -36.63 -14.40 24.28
N GLU A 547 -37.63 -14.36 23.40
CA GLU A 547 -37.86 -15.46 22.47
C GLU A 547 -37.32 -15.17 21.08
N GLN A 548 -37.25 -13.90 20.67
CA GLN A 548 -36.80 -13.54 19.33
C GLN A 548 -35.39 -12.96 19.27
N ILE A 549 -34.95 -12.23 20.31
CA ILE A 549 -33.61 -11.68 20.30
C ILE A 549 -32.71 -12.58 21.14
N VAL A 550 -32.21 -13.63 20.51
CA VAL A 550 -31.38 -14.63 21.13
C VAL A 550 -30.04 -14.71 20.39
N ASP A 551 -29.05 -15.27 21.07
CA ASP A 551 -27.69 -15.20 20.56
C ASP A 551 -27.58 -15.98 19.24
N PRO A 552 -26.92 -15.40 18.24
CA PRO A 552 -26.81 -16.09 16.94
C PRO A 552 -25.96 -17.35 16.97
N GLU A 553 -25.09 -17.53 17.96
CA GLU A 553 -24.31 -18.76 18.07
C GLU A 553 -24.94 -19.76 19.04
N THR A 554 -25.37 -19.30 20.22
CA THR A 554 -25.87 -20.22 21.24
C THR A 554 -27.38 -20.38 21.23
N GLY A 555 -28.10 -19.50 20.58
CA GLY A 555 -29.55 -19.55 20.63
C GLY A 555 -30.15 -19.16 21.96
N LYS A 556 -29.36 -18.69 22.87
CA LYS A 556 -29.87 -18.36 24.19
C LYS A 556 -30.18 -16.87 24.30
N PRO A 557 -31.21 -16.50 25.05
CA PRO A 557 -31.44 -15.08 25.35
C PRO A 557 -30.37 -14.55 26.29
N ALA A 558 -30.31 -13.23 26.39
CA ALA A 558 -29.36 -12.59 27.29
C ALA A 558 -29.65 -12.95 28.73
N ALA A 559 -28.58 -13.15 29.52
CA ALA A 559 -28.73 -13.43 30.94
C ALA A 559 -28.92 -12.17 31.78
N ASP A 560 -28.47 -11.02 31.28
CA ASP A 560 -28.56 -9.78 32.04
C ASP A 560 -28.41 -8.60 31.09
N GLU A 561 -28.49 -7.39 31.66
CA GLU A 561 -28.45 -6.16 30.88
C GLU A 561 -27.18 -6.06 30.04
N ALA A 562 -26.03 -6.28 30.67
CA ALA A 562 -24.76 -6.10 29.96
C ALA A 562 -24.65 -7.08 28.80
N GLU A 563 -25.06 -8.33 29.02
CA GLU A 563 -25.01 -9.30 27.93
C GLU A 563 -25.93 -8.89 26.80
N PHE A 564 -27.13 -8.38 27.14
CA PHE A 564 -28.09 -7.99 26.13
C PHE A 564 -27.56 -6.87 25.25
N ALA A 565 -26.84 -5.91 25.86
CA ALA A 565 -26.30 -4.80 25.10
C ALA A 565 -25.42 -5.31 23.96
N LYS A 566 -24.57 -6.30 24.26
CA LYS A 566 -23.69 -6.86 23.24
C LYS A 566 -24.48 -7.77 22.29
N LEU A 567 -25.45 -8.52 22.83
CA LEU A 567 -26.25 -9.42 22.01
C LEU A 567 -26.97 -8.68 20.89
N MET A 568 -27.47 -7.47 21.16
CA MET A 568 -28.17 -6.69 20.16
CA MET A 568 -28.18 -6.73 20.13
C MET A 568 -27.29 -6.46 18.93
N VAL A 569 -25.99 -6.22 19.15
CA VAL A 569 -25.07 -6.01 18.04
C VAL A 569 -24.68 -7.33 17.40
N ARG A 570 -24.40 -8.36 18.21
CA ARG A 570 -24.05 -9.67 17.68
C ARG A 570 -25.12 -10.17 16.72
N TYR A 571 -26.39 -9.98 17.09
CA TYR A 571 -27.51 -10.49 16.32
C TYR A 571 -27.53 -9.91 14.90
N LEU A 572 -27.42 -8.58 14.79
CA LEU A 572 -27.54 -7.94 13.49
C LEU A 572 -26.28 -8.09 12.63
N THR A 573 -25.12 -8.27 13.25
CA THR A 573 -23.86 -8.35 12.53
C THR A 573 -23.44 -9.78 12.23
N ALA A 574 -24.21 -10.75 12.67
CA ALA A 574 -23.84 -12.15 12.49
C ALA A 574 -23.56 -12.50 11.02
N PRO A 575 -24.28 -11.91 10.05
CA PRO A 575 -23.94 -12.19 8.63
C PRO A 575 -22.52 -11.79 8.23
N LEU A 576 -21.87 -10.91 8.99
CA LEU A 576 -20.51 -10.50 8.69
C LEU A 576 -19.45 -11.42 9.29
N TRP A 577 -19.69 -11.94 10.50
CA TRP A 577 -18.64 -12.65 11.23
C TRP A 577 -18.96 -14.10 11.54
N LYS A 578 -20.24 -14.48 11.55
CA LYS A 578 -20.62 -15.88 11.73
C LYS A 578 -20.72 -16.59 10.40
N GLU A 579 -21.32 -15.91 9.41
CA GLU A 579 -21.42 -16.41 8.05
C GLU A 579 -20.27 -15.86 7.23
N ASP A 580 -20.16 -16.36 6.01
CA ASP A 580 -19.12 -15.93 5.08
C ASP A 580 -19.67 -14.76 4.25
N ALA A 581 -19.13 -13.57 4.46
CA ALA A 581 -19.57 -12.37 3.75
C ALA A 581 -18.73 -12.07 2.52
N SER A 582 -17.90 -13.04 2.08
CA SER A 582 -16.97 -12.84 0.97
C SER A 582 -17.63 -12.29 -0.28
N LYS A 583 -18.88 -12.70 -0.56
CA LYS A 583 -19.55 -12.25 -1.76
C LYS A 583 -19.74 -10.74 -1.77
N TYR A 584 -19.80 -10.12 -0.58
CA TYR A 584 -20.04 -8.69 -0.48
C TYR A 584 -18.79 -7.88 -0.13
N GLY A 585 -17.74 -8.52 0.39
CA GLY A 585 -16.59 -7.80 0.90
C GLY A 585 -15.69 -8.67 1.77
N ASP A 586 -15.30 -8.15 2.94
CA ASP A 586 -14.32 -8.81 3.79
C ASP A 586 -14.86 -10.15 4.29
N LYS A 587 -13.95 -11.11 4.45
CA LYS A 587 -14.25 -12.35 5.16
C LYS A 587 -13.69 -12.24 6.58
N LEU A 588 -14.58 -12.31 7.57
CA LEU A 588 -14.20 -12.23 8.97
C LEU A 588 -14.33 -13.62 9.57
N SER A 589 -13.35 -13.98 10.38
CA SER A 589 -13.28 -15.35 10.89
C SER A 589 -14.06 -15.54 12.18
N SER A 590 -14.37 -14.45 12.89
CA SER A 590 -15.03 -14.60 14.17
C SER A 590 -15.55 -13.26 14.66
N TRP A 591 -16.42 -13.31 15.66
CA TRP A 591 -16.85 -12.11 16.35
C TRP A 591 -15.66 -11.36 16.93
N ASP A 592 -14.71 -12.09 17.53
CA ASP A 592 -13.55 -11.45 18.13
C ASP A 592 -12.73 -10.70 17.07
N GLU A 593 -12.59 -11.27 15.87
CA GLU A 593 -11.84 -10.58 14.82
C GLU A 593 -12.57 -9.31 14.39
N PHE A 594 -13.91 -9.36 14.28
CA PHE A 594 -14.70 -8.17 13.97
C PHE A 594 -14.47 -7.08 15.00
N VAL A 595 -14.48 -7.46 16.29
CA VAL A 595 -14.31 -6.45 17.35
C VAL A 595 -12.90 -5.86 17.32
N GLN A 596 -11.89 -6.70 17.09
CA GLN A 596 -10.50 -6.23 17.06
C GLN A 596 -10.23 -5.33 15.87
N LYS A 597 -10.66 -5.72 14.68
CA LYS A 597 -10.51 -4.85 13.53
C LYS A 597 -11.40 -3.62 13.65
N GLY A 598 -12.60 -3.84 14.15
CA GLY A 598 -13.56 -2.80 14.41
C GLY A 598 -14.39 -2.40 13.22
N VAL A 599 -14.11 -2.95 12.04
CA VAL A 599 -14.77 -2.50 10.82
C VAL A 599 -14.70 -3.61 9.79
N TRP A 600 -15.76 -3.69 8.98
CA TRP A 600 -15.91 -4.57 7.83
C TRP A 600 -16.08 -3.69 6.61
N ASN A 601 -15.33 -3.97 5.55
CA ASN A 601 -15.38 -3.21 4.31
C ASN A 601 -15.97 -4.04 3.18
N SER A 602 -16.78 -3.39 2.35
CA SER A 602 -17.29 -4.01 1.14
C SER A 602 -16.19 -4.03 0.09
N SER A 603 -16.44 -4.79 -0.97
CA SER A 603 -15.67 -4.68 -2.18
C SER A 603 -15.95 -3.33 -2.85
N PRO A 604 -15.11 -2.94 -3.80
CA PRO A 604 -15.35 -1.66 -4.49
C PRO A 604 -16.63 -1.70 -5.32
N TYR A 605 -17.23 -0.51 -5.51
CA TYR A 605 -18.48 -0.39 -6.24
C TYR A 605 -18.30 -0.79 -7.71
N LYS A 606 -19.25 -1.56 -8.22
CA LYS A 606 -19.24 -1.95 -9.64
C LYS A 606 -19.89 -0.82 -10.45
N LEU A 607 -19.08 -0.11 -11.23
CA LEU A 607 -19.62 1.03 -11.97
C LEU A 607 -20.68 0.56 -12.96
N GLU A 608 -21.68 1.42 -13.17
CA GLU A 608 -22.83 1.20 -14.05
C GLU A 608 -23.74 0.08 -13.57
N ALA A 609 -23.60 -0.33 -12.30
CA ALA A 609 -24.40 -1.43 -11.78
C ALA A 609 -25.90 -1.21 -11.99
N ARG A 610 -26.36 0.02 -11.79
CA ARG A 610 -27.79 0.30 -11.83
C ARG A 610 -28.29 0.76 -13.19
N TRP A 611 -27.40 0.99 -14.14
CA TRP A 611 -27.82 1.40 -15.47
C TRP A 611 -28.79 0.38 -16.05
N GLY A 612 -29.94 0.86 -16.52
CA GLY A 612 -30.92 -0.02 -17.08
C GLY A 612 -31.77 -0.79 -16.09
N LYS A 613 -31.59 -0.57 -14.79
CA LYS A 613 -32.39 -1.27 -13.79
C LYS A 613 -32.61 -0.38 -12.56
N PHE A 614 -32.98 0.88 -12.78
CA PHE A 614 -33.33 1.75 -11.66
C PHE A 614 -34.68 1.35 -11.06
N LYS A 615 -34.85 1.61 -9.78
CA LYS A 615 -36.09 1.25 -9.08
C LYS A 615 -37.16 2.33 -9.22
N THR A 616 -37.31 2.80 -10.44
CA THR A 616 -38.31 3.78 -10.82
C THR A 616 -39.46 3.08 -11.55
N GLU A 617 -40.55 3.84 -11.77
CA GLU A 617 -41.69 3.29 -12.48
C GLU A 617 -41.30 2.75 -13.86
N THR A 618 -40.42 3.46 -14.56
CA THR A 618 -40.01 3.04 -15.89
C THR A 618 -38.78 2.12 -15.88
N THR A 619 -38.07 2.03 -14.77
CA THR A 619 -36.73 1.46 -14.63
C THR A 619 -35.66 2.31 -15.30
N LYS A 620 -36.02 3.48 -15.80
CA LYS A 620 -35.07 4.42 -16.39
C LYS A 620 -34.77 5.53 -15.39
N PHE A 621 -33.73 6.31 -15.68
CA PHE A 621 -33.48 7.58 -14.98
C PHE A 621 -34.46 8.61 -15.54
N GLU A 622 -35.38 9.10 -14.70
CA GLU A 622 -36.58 9.80 -15.19
C GLU A 622 -36.39 11.30 -15.11
N PHE A 623 -36.17 11.94 -16.28
CA PHE A 623 -36.33 13.38 -16.38
C PHE A 623 -37.81 13.77 -16.30
N TYR A 624 -38.70 12.94 -16.84
CA TYR A 624 -40.13 13.04 -16.60
C TYR A 624 -40.47 11.93 -15.61
N SER A 625 -40.71 12.30 -14.35
CA SER A 625 -40.81 11.30 -13.29
C SER A 625 -42.22 10.72 -13.26
N LYS A 626 -42.41 9.64 -14.04
CA LYS A 626 -43.59 8.82 -13.88
C LYS A 626 -43.69 8.29 -12.46
N THR A 627 -42.55 8.10 -11.80
CA THR A 627 -42.55 7.67 -10.39
C THR A 627 -43.26 8.70 -9.52
N LEU A 628 -42.91 9.98 -9.67
CA LEU A 628 -43.55 11.02 -8.86
C LEU A 628 -45.00 11.25 -9.28
N GLU A 629 -45.31 11.14 -10.57
CA GLU A 629 -46.70 11.22 -10.99
C GLU A 629 -47.55 10.14 -10.32
N LYS A 630 -47.03 8.91 -10.26
CA LYS A 630 -47.78 7.83 -9.64
C LYS A 630 -48.00 8.08 -8.15
N ALA A 631 -46.99 8.63 -7.48
CA ALA A 631 -47.14 8.94 -6.06
C ALA A 631 -48.13 10.07 -5.84
N LEU A 632 -48.05 11.11 -6.66
CA LEU A 632 -48.99 12.21 -6.54
C LEU A 632 -50.40 11.77 -6.90
N GLN A 633 -50.53 10.95 -7.94
CA GLN A 633 -51.85 10.43 -8.31
C GLN A 633 -52.45 9.64 -7.17
N SER A 634 -51.65 8.82 -6.50
CA SER A 634 -52.13 8.06 -5.35
C SER A 634 -52.62 8.99 -4.25
N HIS A 635 -51.85 10.03 -3.93
CA HIS A 635 -52.25 10.98 -2.90
C HIS A 635 -53.51 11.72 -3.32
N ALA A 636 -53.56 12.15 -4.58
CA ALA A 636 -54.75 12.86 -5.08
C ALA A 636 -55.99 11.98 -5.01
N ASP A 637 -55.87 10.73 -5.46
CA ASP A 637 -57.02 9.82 -5.45
C ASP A 637 -57.47 9.55 -4.03
N LYS A 638 -56.53 9.42 -3.10
CA LYS A 638 -56.86 9.22 -1.69
C LYS A 638 -57.76 10.32 -1.16
N HIS A 639 -57.54 11.56 -1.60
CA HIS A 639 -58.27 12.70 -1.09
C HIS A 639 -59.33 13.21 -2.06
N LYS A 640 -59.61 12.47 -3.12
CA LYS A 640 -60.69 12.80 -4.06
C LYS A 640 -60.51 14.18 -4.66
N VAL A 641 -59.27 14.50 -5.03
CA VAL A 641 -58.94 15.76 -5.68
C VAL A 641 -58.03 15.45 -6.87
N SER A 642 -57.78 16.49 -7.68
CA SER A 642 -56.84 16.38 -8.77
C SER A 642 -55.42 16.64 -8.25
N ILE A 643 -54.42 16.29 -9.06
CA ILE A 643 -53.04 16.55 -8.68
C ILE A 643 -52.79 18.05 -8.59
N ASP A 644 -53.34 18.83 -9.51
CA ASP A 644 -53.23 20.29 -9.41
C ASP A 644 -53.76 20.81 -8.08
N GLU A 645 -54.87 20.23 -7.60
CA GLU A 645 -55.40 20.65 -6.30
C GLU A 645 -54.45 20.27 -5.16
N VAL A 646 -53.72 19.16 -5.29
CA VAL A 646 -52.68 18.83 -4.33
C VAL A 646 -51.58 19.89 -4.36
N MET A 647 -51.10 20.24 -5.56
CA MET A 647 -50.05 21.24 -5.66
C MET A 647 -50.50 22.56 -5.03
N LYS A 648 -51.73 22.97 -5.31
CA LYS A 648 -52.23 24.21 -4.75
C LYS A 648 -52.30 24.15 -3.23
N ALA A 649 -52.80 23.03 -2.69
CA ALA A 649 -52.92 22.88 -1.24
C ALA A 649 -51.57 22.82 -0.55
N CYS A 650 -50.53 22.40 -1.26
CA CYS A 650 -49.18 22.31 -0.70
C CYS A 650 -48.31 23.51 -1.06
N ASP A 651 -48.90 24.52 -1.71
CA ASP A 651 -48.27 25.82 -2.00
C ASP A 651 -47.05 25.69 -2.93
N TYR A 652 -47.14 24.79 -3.90
CA TYR A 652 -46.21 24.77 -5.02
C TYR A 652 -46.82 25.53 -6.18
N GLN A 653 -45.97 26.08 -7.04
CA GLN A 653 -46.44 26.79 -8.23
C GLN A 653 -46.77 25.87 -9.38
N ALA A 654 -46.17 24.67 -9.41
CA ALA A 654 -46.36 23.75 -10.53
C ALA A 654 -47.83 23.39 -10.74
N ARG A 655 -48.24 23.39 -12.00
CA ARG A 655 -49.54 22.87 -12.40
C ARG A 655 -49.32 21.98 -13.63
N GLY A 656 -50.27 21.08 -13.86
CA GLY A 656 -50.17 20.17 -14.99
C GLY A 656 -48.87 19.39 -14.96
N HIS A 657 -48.28 19.20 -16.15
CA HIS A 657 -47.10 18.36 -16.31
C HIS A 657 -45.89 18.88 -15.55
N LEU A 658 -45.85 20.18 -15.26
CA LEU A 658 -44.70 20.73 -14.54
C LEU A 658 -44.48 20.05 -13.21
N ALA A 659 -45.52 19.44 -12.63
CA ALA A 659 -45.38 18.77 -11.35
C ALA A 659 -44.44 17.58 -11.42
N PHE A 660 -44.16 17.07 -12.62
CA PHE A 660 -43.39 15.84 -12.80
C PHE A 660 -42.03 16.03 -13.43
N ILE A 661 -41.62 17.27 -13.71
CA ILE A 661 -40.34 17.51 -14.37
C ILE A 661 -39.53 18.54 -13.59
N PRO A 662 -38.22 18.59 -13.81
CA PRO A 662 -37.41 19.67 -13.24
C PRO A 662 -37.89 21.02 -13.76
N HIS A 663 -38.14 21.94 -12.84
CA HIS A 663 -38.68 23.25 -13.20
C HIS A 663 -38.42 24.23 -12.07
N TYR A 664 -38.62 25.52 -12.36
CA TYR A 664 -38.31 26.60 -11.44
C TYR A 664 -39.53 26.91 -10.58
N GLU A 665 -39.38 26.73 -9.26
CA GLU A 665 -40.31 27.21 -8.26
C GLU A 665 -39.68 28.47 -7.64
N GLU A 666 -40.37 29.60 -7.72
CA GLU A 666 -39.87 30.77 -7.01
C GLU A 666 -39.76 30.43 -5.53
N PRO A 667 -38.65 30.80 -4.87
CA PRO A 667 -38.50 30.41 -3.46
C PRO A 667 -39.58 31.06 -2.59
N TYR A 668 -40.16 30.27 -1.69
CA TYR A 668 -41.07 30.81 -0.69
C TYR A 668 -40.31 31.76 0.22
N ARG A 669 -40.92 32.92 0.55
CA ARG A 669 -40.36 33.88 1.48
C ARG A 669 -41.44 34.30 2.48
N PHE A 670 -41.05 34.51 3.73
CA PHE A 670 -42.00 34.90 4.77
C PHE A 670 -41.60 36.23 5.41
N GLY A 671 -42.51 37.18 5.42
CA GLY A 671 -42.27 38.46 6.03
C GLY A 671 -42.16 39.57 5.01
N ASP A 672 -42.42 40.79 5.47
CA ASP A 672 -42.32 41.97 4.62
C ASP A 672 -40.86 42.35 4.42
N GLU A 673 -40.39 42.35 3.17
CA GLU A 673 -39.00 42.62 2.88
C GLU A 673 -38.59 44.03 3.30
N SER A 674 -39.55 44.95 3.38
CA SER A 674 -39.21 46.30 3.80
C SER A 674 -38.91 46.35 5.30
N GLU A 675 -39.62 45.55 6.11
CA GLU A 675 -39.32 45.50 7.54
C GLU A 675 -38.17 44.56 7.85
N PHE A 676 -38.02 43.49 7.08
CA PHE A 676 -37.04 42.44 7.31
C PHE A 676 -36.17 42.34 6.07
N PRO A 677 -35.14 43.19 5.95
CA PRO A 677 -34.45 43.33 4.66
C PRO A 677 -33.37 42.31 4.37
N LEU A 678 -33.01 41.45 5.33
CA LEU A 678 -31.91 40.49 5.15
C LEU A 678 -32.44 39.07 5.11
N LEU A 679 -31.78 38.22 4.31
CA LEU A 679 -32.09 36.81 4.26
C LEU A 679 -31.09 36.05 5.14
N LEU A 680 -31.61 35.25 6.08
CA LEU A 680 -30.74 34.43 6.92
C LEU A 680 -30.10 33.32 6.09
N VAL A 681 -28.80 33.14 6.26
CA VAL A 681 -28.05 32.03 5.70
C VAL A 681 -27.55 31.23 6.90
N ASP A 682 -28.35 30.25 7.31
CA ASP A 682 -28.00 29.31 8.37
C ASP A 682 -26.92 28.37 7.87
N GLN A 683 -25.97 28.05 8.75
CA GLN A 683 -24.88 27.14 8.42
C GLN A 683 -24.53 26.34 9.67
N LYS A 684 -23.85 25.23 9.48
CA LYS A 684 -23.30 24.47 10.59
C LYS A 684 -21.89 24.94 10.88
N SER A 685 -21.50 24.85 12.14
CA SER A 685 -20.09 24.97 12.48
C SER A 685 -19.35 23.68 12.14
N ARG A 686 -18.14 23.80 11.61
CA ARG A 686 -17.34 22.61 11.33
C ARG A 686 -16.86 21.95 12.61
N LEU A 687 -17.10 22.57 13.76
CA LEU A 687 -16.85 21.96 15.05
C LEU A 687 -18.13 21.50 15.76
N ASN A 688 -19.30 21.63 15.12
CA ASN A 688 -20.53 21.06 15.66
C ASN A 688 -20.52 19.54 15.52
N LYS A 689 -20.57 18.80 16.63
CA LYS A 689 -21.02 17.40 16.60
C LYS A 689 -22.54 17.45 16.77
N GLU A 690 -23.21 17.73 15.65
CA GLU A 690 -24.63 18.06 15.61
C GLU A 690 -24.89 19.09 16.72
N GLY A 691 -25.91 18.92 17.55
CA GLY A 691 -26.15 19.89 18.61
C GLY A 691 -25.49 19.58 19.93
N ARG A 692 -24.32 18.95 19.88
CA ARG A 692 -23.75 18.32 21.06
C ARG A 692 -22.32 18.72 21.46
N THR A 693 -21.70 19.71 20.83
CA THR A 693 -20.39 20.16 21.30
C THR A 693 -20.40 21.58 21.89
N ALA A 694 -21.58 22.15 22.15
CA ALA A 694 -21.60 23.49 22.73
C ALA A 694 -21.20 23.52 24.20
N ASN A 695 -21.09 22.36 24.85
CA ASN A 695 -20.57 22.32 26.21
C ASN A 695 -19.11 21.85 26.25
N SER A 696 -18.39 22.01 25.13
CA SER A 696 -16.99 21.60 25.05
CA SER A 696 -16.99 21.61 25.03
C SER A 696 -16.12 22.85 24.93
N PRO A 697 -15.32 23.19 25.95
CA PRO A 697 -14.52 24.43 25.85
C PRO A 697 -13.61 24.49 24.62
N TRP A 698 -13.11 23.36 24.15
CA TRP A 698 -12.23 23.41 22.97
C TRP A 698 -12.99 23.86 21.73
N TYR A 699 -14.31 23.64 21.69
CA TYR A 699 -15.13 24.15 20.58
C TYR A 699 -14.95 25.66 20.45
N TYR A 700 -15.09 26.37 21.57
CA TYR A 700 -14.99 27.83 21.55
C TYR A 700 -13.56 28.28 21.31
N GLU A 701 -12.58 27.57 21.85
CA GLU A 701 -11.18 27.95 21.71
C GLU A 701 -10.77 28.00 20.24
N PHE A 702 -11.36 27.14 19.40
CA PHE A 702 -11.00 27.06 17.98
C PHE A 702 -12.15 27.42 17.06
N LYS A 703 -13.12 28.22 17.54
CA LYS A 703 -14.32 28.46 16.75
C LYS A 703 -14.03 29.18 15.45
N ASP A 704 -12.92 29.94 15.36
CA ASP A 704 -12.63 30.66 14.12
C ASP A 704 -12.09 29.74 13.00
N VAL A 705 -12.04 28.42 13.18
CA VAL A 705 -11.77 27.57 12.01
C VAL A 705 -12.95 27.61 11.04
N ASP A 706 -14.13 28.05 11.49
CA ASP A 706 -15.22 28.39 10.60
C ASP A 706 -14.86 29.70 9.89
N PRO A 707 -14.71 29.70 8.57
CA PRO A 707 -14.22 30.93 7.90
C PRO A 707 -15.11 32.12 8.19
N GLY A 708 -14.48 33.20 8.67
CA GLY A 708 -15.17 34.42 9.02
C GLY A 708 -15.61 34.52 10.47
N ASP A 709 -15.61 33.41 11.22
CA ASP A 709 -16.11 33.45 12.59
C ASP A 709 -14.99 33.82 13.57
N VAL A 710 -15.33 33.87 14.86
CA VAL A 710 -14.51 34.49 15.88
C VAL A 710 -14.41 33.55 17.08
N ALA A 711 -13.20 33.31 17.55
CA ALA A 711 -13.00 32.41 18.67
C ALA A 711 -13.74 32.91 19.90
N ASN A 712 -14.31 31.98 20.65
CA ASN A 712 -14.96 32.24 21.93
C ASN A 712 -16.15 33.19 21.80
N GLU A 713 -16.77 33.27 20.61
CA GLU A 713 -17.91 34.14 20.37
C GLU A 713 -18.97 33.40 19.54
N ASP A 714 -20.17 33.98 19.51
CA ASP A 714 -21.21 33.62 18.56
C ASP A 714 -21.44 34.86 17.70
N VAL A 715 -21.04 34.81 16.43
CA VAL A 715 -21.17 35.99 15.58
C VAL A 715 -22.12 35.67 14.44
N ALA A 716 -22.81 36.72 13.99
CA ALA A 716 -23.53 36.78 12.72
C ALA A 716 -22.71 37.61 11.74
N LYS A 717 -22.51 37.08 10.53
CA LYS A 717 -21.59 37.70 9.57
C LYS A 717 -22.39 38.50 8.54
N PHE A 718 -22.05 39.78 8.41
CA PHE A 718 -22.68 40.69 7.47
C PHE A 718 -21.65 41.17 6.46
N ASN A 719 -22.05 41.32 5.20
CA ASN A 719 -21.18 42.02 4.27
C ASN A 719 -20.96 43.45 4.76
N PRO A 720 -19.76 44.00 4.61
CA PRO A 720 -19.52 45.38 5.06
C PRO A 720 -20.50 46.39 4.46
N ILE A 721 -21.05 46.14 3.27
CA ILE A 721 -22.05 47.05 2.70
C ILE A 721 -23.24 47.18 3.64
N ASP A 722 -23.72 46.04 4.15
CA ASP A 722 -24.83 46.02 5.09
C ASP A 722 -24.42 46.46 6.48
N GLY A 723 -23.17 46.22 6.86
CA GLY A 723 -22.67 46.79 8.10
C GLY A 723 -22.76 48.30 8.11
N LYS A 724 -22.32 48.93 7.03
CA LYS A 724 -22.45 50.38 6.90
C LYS A 724 -23.92 50.83 6.89
N LYS A 725 -24.78 50.09 6.18
CA LYS A 725 -26.19 50.45 6.08
C LYS A 725 -26.87 50.42 7.44
N PHE A 726 -26.53 49.46 8.29
CA PHE A 726 -27.20 49.29 9.57
C PHE A 726 -26.37 49.78 10.76
N GLY A 727 -25.23 50.43 10.49
CA GLY A 727 -24.44 51.02 11.55
C GLY A 727 -23.75 50.02 12.45
N LEU A 728 -23.31 48.88 11.89
CA LEU A 728 -22.73 47.80 12.68
C LEU A 728 -21.21 47.78 12.53
N LYS A 729 -20.53 47.47 13.63
CA LYS A 729 -19.09 47.26 13.63
C LYS A 729 -18.78 45.94 14.30
N ASP A 730 -17.63 45.38 13.95
CA ASP A 730 -17.16 44.16 14.58
C ASP A 730 -17.27 44.25 16.09
N GLY A 731 -17.85 43.21 16.69
CA GLY A 731 -17.94 43.12 18.13
C GLY A 731 -19.17 43.77 18.73
N ASP A 732 -19.96 44.50 17.94
CA ASP A 732 -21.18 45.09 18.46
C ASP A 732 -22.15 44.01 18.90
N GLU A 733 -22.76 44.19 20.07
CA GLU A 733 -23.87 43.35 20.49
C GLU A 733 -25.10 43.70 19.64
N ILE A 734 -25.71 42.69 19.03
CA ILE A 734 -26.82 42.93 18.12
C ILE A 734 -27.98 42.01 18.45
N ARG A 735 -29.18 42.48 18.09
CA ARG A 735 -30.38 41.67 18.10
C ARG A 735 -30.84 41.46 16.66
N ILE A 736 -31.10 40.21 16.31
CA ILE A 736 -31.66 39.82 15.02
C ILE A 736 -33.08 39.35 15.26
N THR A 737 -34.03 39.94 14.51
CA THR A 737 -35.44 39.68 14.70
C THR A 737 -36.05 39.23 13.38
N SER A 738 -36.87 38.19 13.44
CA SER A 738 -37.68 37.76 12.31
C SER A 738 -39.15 37.90 12.65
N PRO A 739 -40.07 37.60 11.74
CA PRO A 739 -41.50 37.64 12.13
C PRO A 739 -41.87 36.69 13.27
N VAL A 740 -41.07 35.69 13.60
CA VAL A 740 -41.48 34.70 14.60
C VAL A 740 -40.65 34.73 15.88
N GLY A 741 -39.53 35.45 15.91
CA GLY A 741 -38.73 35.45 17.11
C GLY A 741 -37.49 36.28 16.93
N MET A 742 -36.61 36.19 17.92
CA MET A 742 -35.40 37.00 17.94
C MET A 742 -34.30 36.23 18.65
N LEU A 743 -33.07 36.70 18.43
CA LEU A 743 -31.90 36.27 19.20
C LEU A 743 -30.94 37.45 19.33
N THR A 744 -30.01 37.33 20.27
CA THR A 744 -28.92 38.27 20.40
C THR A 744 -27.59 37.54 20.18
N CYS A 745 -26.65 38.23 19.56
CA CYS A 745 -25.30 37.71 19.36
C CYS A 745 -24.40 38.91 19.09
N LYS A 746 -23.25 38.67 18.48
CA LYS A 746 -22.35 39.77 18.12
C LYS A 746 -22.21 39.88 16.62
N ALA A 747 -21.83 41.08 16.16
CA ALA A 747 -21.70 41.35 14.75
C ALA A 747 -20.27 41.12 14.27
N LYS A 748 -20.14 40.60 13.05
CA LYS A 748 -18.86 40.46 12.37
C LYS A 748 -19.07 40.89 10.94
N LEU A 749 -18.21 41.78 10.45
CA LEU A 749 -18.27 42.20 9.05
C LEU A 749 -17.30 41.35 8.25
N TRP A 750 -17.78 40.78 7.14
CA TRP A 750 -16.95 39.84 6.37
C TRP A 750 -17.34 39.90 4.91
N GLU A 751 -16.35 40.09 4.04
CA GLU A 751 -16.65 40.20 2.61
C GLU A 751 -17.13 38.89 1.99
N GLY A 752 -16.94 37.74 2.65
CA GLY A 752 -17.42 36.47 2.17
C GLY A 752 -18.92 36.23 2.31
N VAL A 753 -19.67 37.28 2.66
CA VAL A 753 -21.13 37.24 2.83
C VAL A 753 -21.78 37.96 1.65
N ARG A 754 -22.71 37.30 1.00
CA ARG A 754 -23.46 37.97 -0.06
C ARG A 754 -24.23 39.16 0.50
N PRO A 755 -24.10 40.35 -0.09
CA PRO A 755 -24.91 41.49 0.38
C PRO A 755 -26.39 41.16 0.37
N GLY A 756 -27.11 41.64 1.37
CA GLY A 756 -28.50 41.28 1.55
C GLY A 756 -28.76 40.02 2.32
N THR A 757 -27.70 39.32 2.78
CA THR A 757 -27.83 38.13 3.61
C THR A 757 -27.04 38.30 4.90
N VAL A 758 -27.32 37.41 5.85
CA VAL A 758 -26.54 37.34 7.09
C VAL A 758 -26.27 35.87 7.37
N ALA A 759 -25.00 35.50 7.45
CA ALA A 759 -24.59 34.12 7.59
C ALA A 759 -24.21 33.85 9.04
N LYS A 760 -24.92 32.92 9.69
CA LYS A 760 -24.70 32.63 11.10
C LYS A 760 -24.75 31.15 11.39
N CYS A 761 -23.74 30.65 12.10
CA CYS A 761 -23.73 29.25 12.49
C CYS A 761 -24.85 28.95 13.48
N PHE A 762 -25.59 27.89 13.18
CA PHE A 762 -26.36 27.15 14.17
C PHE A 762 -25.41 26.47 15.14
N GLY A 763 -25.83 26.38 16.39
CA GLY A 763 -25.14 25.55 17.35
C GLY A 763 -24.98 26.17 18.71
N GLN A 764 -24.94 27.49 18.78
CA GLN A 764 -24.93 28.19 20.06
C GLN A 764 -26.38 28.62 20.38
N GLY A 765 -26.55 29.39 21.45
CA GLY A 765 -27.89 29.75 21.91
C GLY A 765 -28.51 28.76 22.88
N HIS A 766 -27.74 27.78 23.36
CA HIS A 766 -28.23 26.92 24.43
C HIS A 766 -28.47 27.73 25.70
N TRP A 767 -29.60 27.47 26.36
CA TRP A 767 -29.86 27.94 27.71
C TRP A 767 -29.79 26.82 28.73
N ALA A 768 -29.61 25.57 28.28
CA ALA A 768 -29.37 24.44 29.18
C ALA A 768 -28.10 23.70 28.73
N TYR A 769 -28.14 22.37 28.71
CA TYR A 769 -27.05 21.48 28.30
C TYR A 769 -25.90 21.44 29.32
N GLY A 770 -25.31 22.58 29.65
CA GLY A 770 -24.26 22.58 30.66
C GLY A 770 -23.76 23.98 30.93
N ARG A 771 -22.74 24.06 31.79
CA ARG A 771 -22.28 25.35 32.26
C ARG A 771 -21.47 26.10 31.21
N TYR A 772 -20.83 25.39 30.27
CA TYR A 772 -20.07 26.09 29.23
C TYR A 772 -20.98 26.53 28.09
N ALA A 773 -22.03 25.77 27.81
CA ALA A 773 -22.94 26.00 26.70
C ALA A 773 -23.94 27.12 26.99
N SER A 774 -24.15 27.47 28.25
CA SER A 774 -25.14 28.48 28.64
C SER A 774 -24.50 29.58 29.47
N ALA A 775 -25.20 30.70 29.60
CA ALA A 775 -24.70 31.73 30.50
C ALA A 775 -25.12 31.42 31.94
N LYS A 776 -26.42 31.32 32.18
CA LYS A 776 -26.95 30.87 33.46
C LYS A 776 -27.81 29.66 33.14
N PHE A 777 -27.36 28.48 33.57
CA PHE A 777 -28.03 27.23 33.23
C PHE A 777 -29.53 27.29 33.60
N GLY A 778 -30.37 26.99 32.62
CA GLY A 778 -31.79 26.99 32.77
C GLY A 778 -32.45 28.33 32.56
N VAL A 779 -31.69 29.38 32.35
CA VAL A 779 -32.22 30.74 32.38
C VAL A 779 -31.77 31.57 31.18
N THR A 780 -30.45 31.69 30.97
CA THR A 780 -29.91 32.65 30.04
C THR A 780 -28.96 31.96 29.07
N PRO A 781 -29.16 32.15 27.75
CA PRO A 781 -28.34 31.45 26.78
C PRO A 781 -26.98 32.10 26.56
N ARG A 782 -26.05 31.28 26.09
CA ARG A 782 -24.79 31.74 25.52
C ARG A 782 -24.96 31.84 23.99
N GLY A 783 -24.72 33.02 23.44
CA GLY A 783 -24.98 33.17 22.02
C GLY A 783 -26.47 33.22 21.69
N GLY A 784 -26.79 32.94 20.44
CA GLY A 784 -28.15 33.08 19.94
C GLY A 784 -28.63 31.85 19.21
N SER A 785 -29.88 31.48 19.47
CA SER A 785 -30.46 30.24 18.96
C SER A 785 -31.10 30.49 17.60
N ASN A 786 -30.44 30.00 16.54
CA ASN A 786 -30.91 30.27 15.18
C ASN A 786 -32.37 29.86 14.97
N ASN A 787 -32.78 28.73 15.50
CA ASN A 787 -34.10 28.22 15.17
C ASN A 787 -35.23 29.04 15.77
N ASP A 788 -34.94 29.91 16.74
CA ASP A 788 -35.96 30.86 17.19
C ASP A 788 -36.31 31.86 16.09
N LEU A 789 -35.46 32.00 15.07
CA LEU A 789 -35.73 32.92 13.97
C LEU A 789 -36.51 32.29 12.83
N ILE A 790 -36.55 30.96 12.76
CA ILE A 790 -36.93 30.25 11.55
C ILE A 790 -38.38 29.80 11.67
N ALA A 791 -39.27 30.42 10.86
CA ALA A 791 -40.68 30.07 10.90
C ALA A 791 -40.90 28.61 10.49
N ASP A 792 -41.85 27.97 11.19
CA ASP A 792 -42.23 26.56 11.01
C ASP A 792 -42.91 26.36 9.66
N ARG A 793 -42.13 25.87 8.69
CA ARG A 793 -42.60 25.71 7.32
C ARG A 793 -42.08 24.38 6.78
N TYR A 794 -42.72 23.88 5.72
CA TYR A 794 -42.48 22.52 5.24
C TYR A 794 -42.38 22.45 3.72
N ASP A 795 -41.45 21.63 3.23
CA ASP A 795 -41.50 21.07 1.87
C ASP A 795 -42.52 19.93 1.93
N ARG A 796 -43.77 20.23 1.59
CA ARG A 796 -44.85 19.32 1.95
C ARG A 796 -44.81 18.03 1.13
N LEU A 797 -44.23 18.04 -0.07
CA LEU A 797 -44.11 16.79 -0.82
C LEU A 797 -43.19 15.78 -0.13
N SER A 798 -42.17 16.23 0.60
CA SER A 798 -41.28 15.32 1.30
C SER A 798 -41.54 15.22 2.80
N GLY A 799 -42.25 16.18 3.39
CA GLY A 799 -42.36 16.28 4.82
C GLY A 799 -41.25 17.08 5.50
N ALA A 800 -40.25 17.53 4.74
CA ALA A 800 -39.08 18.17 5.33
C ALA A 800 -39.42 19.53 5.90
N SER A 801 -38.78 19.87 7.03
CA SER A 801 -38.82 21.22 7.55
C SER A 801 -37.91 22.13 6.72
N ALA A 802 -38.34 23.37 6.53
CA ALA A 802 -37.53 24.36 5.83
C ALA A 802 -36.65 25.12 6.83
N PHE A 803 -35.36 25.19 6.53
CA PHE A 803 -34.42 25.94 7.35
C PHE A 803 -33.75 27.07 6.57
N TYR A 804 -34.07 27.23 5.29
CA TYR A 804 -33.31 28.10 4.42
C TYR A 804 -34.26 28.80 3.46
N GLY A 805 -33.80 29.94 2.95
CA GLY A 805 -34.50 30.62 1.87
C GLY A 805 -35.67 31.49 2.26
N HIS A 806 -36.48 31.06 3.22
CA HIS A 806 -37.69 31.83 3.52
C HIS A 806 -37.53 32.79 4.69
N ILE A 807 -36.37 32.79 5.35
CA ILE A 807 -36.20 33.52 6.60
C ILE A 807 -35.69 34.92 6.31
N ARG A 808 -36.55 35.90 6.53
CA ARG A 808 -36.20 37.31 6.48
C ARG A 808 -36.00 37.83 7.89
N VAL A 809 -34.97 38.65 8.08
CA VAL A 809 -34.66 39.20 9.39
C VAL A 809 -34.26 40.67 9.27
N ARG A 810 -34.28 41.33 10.41
CA ARG A 810 -33.70 42.65 10.57
C ARG A 810 -32.74 42.61 11.75
N VAL A 811 -31.87 43.63 11.82
CA VAL A 811 -30.83 43.69 12.83
C VAL A 811 -30.74 45.10 13.40
N GLU A 812 -30.38 45.17 14.67
CA GLU A 812 -30.15 46.43 15.36
C GLU A 812 -29.15 46.17 16.47
N LYS A 813 -28.50 47.24 16.94
CA LYS A 813 -27.65 47.14 18.12
C LYS A 813 -28.51 47.08 19.38
N VAL A 814 -28.07 46.31 20.36
CA VAL A 814 -28.84 46.18 21.61
C VAL A 814 -28.51 47.39 22.49
N MET B 1 21.98 16.99 12.19
CA MET B 1 20.52 16.72 12.04
C MET B 1 19.76 18.00 12.28
N ARG B 2 18.80 18.29 11.40
CA ARG B 2 17.96 19.48 11.48
C ARG B 2 16.54 19.04 11.15
N LEU B 3 15.81 18.57 12.17
CA LEU B 3 14.43 18.18 11.95
C LEU B 3 13.58 19.40 11.63
N GLY B 4 12.62 19.20 10.71
CA GLY B 4 11.69 20.26 10.36
C GLY B 4 10.45 19.68 9.73
N MET B 5 9.56 20.57 9.32
CA MET B 5 8.25 20.17 8.85
C MET B 5 7.96 20.91 7.54
N VAL B 6 7.32 20.20 6.61
CA VAL B 6 6.79 20.80 5.39
C VAL B 6 5.28 20.68 5.43
N ILE B 7 4.59 21.78 5.20
CA ILE B 7 3.12 21.81 5.22
C ILE B 7 2.63 22.18 3.83
N ASP B 8 1.78 21.30 3.28
CA ASP B 8 1.24 21.48 1.94
C ASP B 8 -0.08 22.23 2.03
N LEU B 9 -0.08 23.51 1.64
CA LEU B 9 -1.28 24.32 1.80
C LEU B 9 -2.39 23.93 0.83
N GLN B 10 -2.09 23.28 -0.31
CA GLN B 10 -3.16 22.83 -1.17
C GLN B 10 -3.94 21.70 -0.51
N LYS B 11 -3.23 20.78 0.17
CA LYS B 11 -3.89 19.70 0.89
C LYS B 11 -4.63 20.20 2.14
N CYS B 12 -4.12 21.25 2.77
CA CYS B 12 -4.72 21.72 4.02
C CYS B 12 -6.13 22.24 3.79
N VAL B 13 -7.07 21.85 4.67
CA VAL B 13 -8.44 22.34 4.59
C VAL B 13 -8.80 23.33 5.70
N GLY B 14 -7.84 23.70 6.54
CA GLY B 14 -8.05 24.73 7.54
C GLY B 14 -8.97 24.34 8.67
N CYS B 15 -8.95 23.07 9.08
CA CYS B 15 -9.92 22.50 10.01
C CYS B 15 -9.49 22.60 11.47
N GLY B 16 -8.21 22.82 11.75
CA GLY B 16 -7.75 22.88 13.12
C GLY B 16 -7.56 21.54 13.81
N GLY B 17 -7.68 20.43 13.07
CA GLY B 17 -7.51 19.12 13.70
C GLY B 17 -6.13 18.94 14.31
N CYS B 18 -5.12 19.48 13.65
CA CYS B 18 -3.75 19.47 14.18
C CYS B 18 -3.68 20.17 15.53
N SER B 19 -4.33 21.33 15.66
CA SER B 19 -4.30 22.09 16.91
C SER B 19 -5.06 21.39 18.02
N LEU B 20 -6.19 20.76 17.70
CA LEU B 20 -6.93 19.98 18.69
C LEU B 20 -6.14 18.73 19.10
N ALA B 21 -5.48 18.07 18.14
CA ALA B 21 -4.65 16.93 18.50
C ALA B 21 -3.54 17.37 19.47
N CYS B 22 -2.95 18.52 19.22
CA CYS B 22 -1.91 19.03 20.13
C CYS B 22 -2.46 19.22 21.55
N LYS B 23 -3.69 19.75 21.67
CA LYS B 23 -4.32 19.88 22.99
C LYS B 23 -4.38 18.54 23.71
N THR B 24 -4.85 17.49 23.02
CA THR B 24 -5.00 16.19 23.67
C THR B 24 -3.64 15.58 24.00
N GLU B 25 -2.62 15.87 23.19
CA GLU B 25 -1.32 15.27 23.38
C GLU B 25 -0.58 15.92 24.55
N ASN B 26 -0.67 17.24 24.67
CA ASN B 26 0.28 18.00 25.49
C ASN B 26 -0.32 18.67 26.71
N ASN B 27 -1.62 18.51 26.94
CA ASN B 27 -2.25 18.94 28.18
CA ASN B 27 -2.31 18.95 28.15
C ASN B 27 -2.11 20.44 28.42
N THR B 28 -2.12 21.21 27.36
CA THR B 28 -2.05 22.65 27.48
C THR B 28 -3.30 23.18 28.20
N ASN B 29 -3.11 24.21 29.01
CA ASN B 29 -4.22 24.84 29.68
C ASN B 29 -5.23 25.37 28.68
N ASP B 30 -6.46 25.56 29.16
CA ASP B 30 -7.46 26.25 28.36
C ASP B 30 -6.91 27.60 27.89
N GLY B 31 -7.07 27.87 26.59
CA GLY B 31 -6.59 29.10 26.01
C GLY B 31 -5.15 29.09 25.51
N ILE B 32 -4.38 28.06 25.83
CA ILE B 32 -3.00 27.92 25.39
C ILE B 32 -2.98 26.88 24.26
N HIS B 33 -2.50 27.27 23.09
CA HIS B 33 -2.49 26.36 21.96
C HIS B 33 -1.12 26.46 21.28
N TRP B 34 -0.32 25.40 21.45
CA TRP B 34 1.02 25.37 20.87
C TRP B 34 0.95 25.39 19.35
N SER B 35 0.08 24.54 18.80
CA SER B 35 -0.33 24.60 17.41
C SER B 35 -1.46 25.61 17.28
N HIS B 36 -1.36 26.51 16.32
CA HIS B 36 -2.45 27.46 16.06
C HIS B 36 -2.46 27.75 14.56
N HIS B 37 -2.86 28.95 14.17
CA HIS B 37 -2.99 29.26 12.76
C HIS B 37 -2.99 30.77 12.55
N ILE B 38 -2.76 31.16 11.31
CA ILE B 38 -2.95 32.53 10.83
C ILE B 38 -3.93 32.44 9.68
N ALA B 39 -5.09 33.04 9.82
CA ALA B 39 -6.08 33.05 8.76
C ALA B 39 -6.26 34.48 8.24
N THR B 40 -6.46 34.62 6.93
CA THR B 40 -6.61 35.91 6.28
CA THR B 40 -6.65 35.92 6.32
C THR B 40 -7.77 35.88 5.31
N THR B 41 -8.52 36.98 5.23
CA THR B 41 -9.55 37.16 4.20
C THR B 41 -9.13 38.41 3.41
N GLU B 42 -9.09 38.29 2.08
CA GLU B 42 -8.64 39.38 1.21
C GLU B 42 -9.65 39.61 0.10
N GLY B 43 -9.81 40.87 -0.27
CA GLY B 43 -10.62 41.21 -1.43
C GLY B 43 -12.02 41.69 -1.03
N THR B 44 -12.68 42.29 -2.01
CA THR B 44 -14.04 42.78 -1.83
CA THR B 44 -14.04 42.80 -1.85
C THR B 44 -15.01 41.92 -2.62
N PHE B 45 -16.16 41.66 -2.01
CA PHE B 45 -17.18 40.83 -2.62
C PHE B 45 -17.43 41.24 -4.06
N PRO B 46 -17.52 40.29 -5.01
CA PRO B 46 -17.52 38.83 -4.85
C PRO B 46 -16.15 38.17 -5.01
N ASP B 47 -15.10 38.98 -5.14
CA ASP B 47 -13.75 38.48 -5.40
C ASP B 47 -12.98 38.32 -4.10
N VAL B 48 -13.39 37.32 -3.32
CA VAL B 48 -12.94 37.14 -1.95
C VAL B 48 -12.08 35.89 -1.85
N LYS B 49 -10.94 36.03 -1.16
CA LYS B 49 -9.99 34.95 -0.92
C LYS B 49 -9.84 34.72 0.57
N TYR B 50 -9.96 33.46 1.00
CA TYR B 50 -9.72 33.07 2.38
C TYR B 50 -8.56 32.07 2.41
N THR B 51 -7.58 32.31 3.27
CA THR B 51 -6.44 31.42 3.45
CA THR B 51 -6.47 31.37 3.45
C THR B 51 -6.24 31.10 4.93
N TYR B 52 -5.83 29.87 5.22
CA TYR B 52 -5.48 29.39 6.55
C TYR B 52 -4.06 28.84 6.49
N ILE B 53 -3.21 29.30 7.41
CA ILE B 53 -1.82 28.83 7.51
C ILE B 53 -1.65 28.22 8.89
N PRO B 54 -1.44 26.90 9.00
CA PRO B 54 -1.13 26.33 10.33
C PRO B 54 0.22 26.79 10.82
N THR B 55 0.32 27.05 12.12
CA THR B 55 1.56 27.51 12.72
C THR B 55 1.95 26.65 13.94
N LEU B 56 3.25 26.65 14.22
CA LEU B 56 3.81 25.97 15.38
C LEU B 56 5.17 26.60 15.64
N CYS B 57 5.94 26.02 16.57
CA CYS B 57 7.32 26.46 16.75
C CYS B 57 8.11 26.04 15.51
N ASN B 58 8.96 26.95 15.03
CA ASN B 58 9.74 26.71 13.82
C ASN B 58 11.09 26.06 14.11
N HIS B 59 11.38 25.75 15.37
CA HIS B 59 12.61 25.06 15.77
C HIS B 59 13.81 25.58 14.99
N CYS B 60 14.00 26.88 15.14
CA CYS B 60 14.85 27.68 14.28
C CYS B 60 16.32 27.29 14.34
N ASP B 61 16.99 27.47 13.19
CA ASP B 61 18.42 27.26 13.10
C ASP B 61 19.19 28.17 14.05
N ASP B 62 18.75 29.42 14.20
CA ASP B 62 19.43 30.43 15.02
CA ASP B 62 19.42 30.46 14.99
C ASP B 62 18.34 31.05 15.90
N ALA B 63 17.97 30.31 16.95
CA ALA B 63 16.79 30.61 17.76
C ALA B 63 17.08 31.73 18.74
N PRO B 64 16.45 32.90 18.59
CA PRO B 64 16.67 33.98 19.56
C PRO B 64 16.13 33.68 20.95
N CYS B 65 15.11 32.83 21.06
CA CYS B 65 14.61 32.45 22.38
C CYS B 65 15.71 31.76 23.19
N VAL B 66 16.55 30.96 22.55
CA VAL B 66 17.65 30.29 23.22
C VAL B 66 18.74 31.29 23.61
N LYS B 67 19.06 32.23 22.73
CA LYS B 67 20.15 33.17 22.98
C LYS B 67 19.85 34.09 24.18
N VAL B 68 18.60 34.49 24.37
CA VAL B 68 18.29 35.43 25.44
C VAL B 68 17.98 34.75 26.78
N CYS B 69 17.75 33.44 26.80
CA CYS B 69 17.29 32.78 28.03
C CYS B 69 18.38 32.88 29.09
N PRO B 70 18.13 33.52 30.23
CA PRO B 70 19.22 33.74 31.21
C PRO B 70 19.60 32.49 31.99
N THR B 71 18.72 31.48 32.08
CA THR B 71 18.99 30.28 32.84
C THR B 71 19.49 29.11 32.01
N GLY B 72 19.40 29.20 30.68
CA GLY B 72 19.69 28.04 29.85
C GLY B 72 18.55 27.05 29.78
N ALA B 73 17.40 27.36 30.37
CA ALA B 73 16.27 26.45 30.30
C ALA B 73 15.90 26.18 28.84
N MET B 74 15.84 27.23 28.02
CA MET B 74 15.57 27.06 26.60
C MET B 74 16.88 26.70 25.90
N HIS B 75 16.87 25.61 25.12
CA HIS B 75 18.12 25.09 24.57
C HIS B 75 17.86 24.28 23.29
N LYS B 76 18.91 24.11 22.48
CA LYS B 76 18.82 23.23 21.30
C LYS B 76 19.28 21.83 21.68
N ASP B 77 18.63 20.82 21.14
CA ASP B 77 19.09 19.44 21.31
C ASP B 77 19.77 18.99 20.01
N LYS B 78 20.24 17.75 20.02
CA LYS B 78 21.07 17.24 18.93
C LYS B 78 20.29 16.95 17.66
N ARG B 79 18.96 16.99 17.73
CA ARG B 79 18.11 16.87 16.55
C ARG B 79 17.78 18.22 15.92
N GLY B 80 18.29 19.30 16.49
CA GLY B 80 17.91 20.63 16.05
C GLY B 80 16.64 21.18 16.67
N LEU B 81 16.03 20.46 17.61
CA LEU B 81 14.82 20.95 18.25
C LEU B 81 15.16 22.01 19.29
N THR B 82 14.25 22.97 19.45
CA THR B 82 14.32 23.91 20.57
C THR B 82 13.43 23.35 21.68
N LEU B 83 14.06 22.94 22.78
CA LEU B 83 13.35 22.35 23.90
C LEU B 83 13.64 23.16 25.15
N GLN B 84 12.85 22.89 26.19
CA GLN B 84 12.96 23.64 27.44
C GLN B 84 13.05 22.70 28.63
N ASN B 85 14.01 22.94 29.52
CA ASN B 85 14.03 22.38 30.88
CA ASN B 85 14.03 22.38 30.88
C ASN B 85 13.13 23.27 31.74
N ASN B 86 11.86 22.89 31.81
CA ASN B 86 10.86 23.71 32.49
C ASN B 86 11.24 23.93 33.94
N ASP B 87 11.96 22.98 34.54
CA ASP B 87 12.40 23.07 35.93
C ASP B 87 13.34 24.26 36.16
N GLU B 88 14.04 24.72 35.14
CA GLU B 88 14.94 25.85 35.29
C GLU B 88 14.35 27.17 34.81
N CYS B 89 13.10 27.18 34.36
CA CYS B 89 12.45 28.41 33.89
C CYS B 89 12.06 29.28 35.07
N ILE B 90 12.51 30.54 35.06
CA ILE B 90 12.17 31.49 36.10
C ILE B 90 11.05 32.44 35.68
N GLY B 91 10.43 32.21 34.53
CA GLY B 91 9.31 33.02 34.10
C GLY B 91 9.68 34.45 33.80
N CYS B 92 10.88 34.70 33.29
CA CYS B 92 11.31 36.06 32.99
C CYS B 92 10.69 36.60 31.70
N LYS B 93 10.16 35.72 30.87
CA LYS B 93 9.48 36.02 29.61
C LYS B 93 10.38 36.59 28.51
N LYS B 94 11.71 36.55 28.69
CA LYS B 94 12.58 37.11 27.67
C LYS B 94 12.43 36.35 26.36
N CYS B 95 12.23 35.04 26.44
CA CYS B 95 12.05 34.21 25.25
C CYS B 95 10.86 34.69 24.42
N MET B 96 9.76 35.07 25.07
CA MET B 96 8.57 35.47 24.33
C MET B 96 8.79 36.75 23.55
N ASN B 97 9.56 37.68 24.11
CA ASN B 97 9.82 38.93 23.39
C ASN B 97 10.83 38.70 22.27
N ALA B 98 11.72 37.74 22.46
CA ALA B 98 12.72 37.48 21.43
C ALA B 98 12.16 36.69 20.25
N CYS B 99 11.21 35.81 20.49
CA CYS B 99 10.63 34.97 19.42
C CYS B 99 9.83 35.85 18.46
N PRO B 100 10.16 35.88 17.17
CA PRO B 100 9.39 36.70 16.23
C PRO B 100 7.98 36.19 15.96
N TYR B 101 7.67 34.95 16.34
CA TYR B 101 6.49 34.26 15.84
C TYR B 101 5.34 34.16 16.84
N GLY B 102 5.55 34.58 18.09
CA GLY B 102 4.49 34.50 19.10
C GLY B 102 3.97 33.12 19.42
N VAL B 103 4.83 32.09 19.38
CA VAL B 103 4.39 30.72 19.61
C VAL B 103 4.60 30.27 21.05
N ILE B 104 5.18 31.12 21.91
CA ILE B 104 5.43 30.81 23.32
C ILE B 104 4.28 31.37 24.15
N SER B 105 3.81 30.60 25.12
CA SER B 105 2.79 31.05 26.06
C SER B 105 3.36 31.05 27.46
N PHE B 106 2.82 31.92 28.30
CA PHE B 106 3.23 32.06 29.69
C PHE B 106 2.08 31.58 30.57
N ASN B 107 2.40 30.69 31.53
CA ASN B 107 1.39 30.18 32.43
C ASN B 107 1.17 31.17 33.60
N ALA B 108 0.54 32.30 33.27
CA ALA B 108 0.13 33.22 34.33
C ALA B 108 -0.99 32.60 35.15
N ALA B 109 -1.86 31.85 34.49
CA ALA B 109 -2.98 31.20 35.15
C ALA B 109 -2.53 29.85 35.69
N THR B 110 -3.12 29.47 36.81
CA THR B 110 -2.92 28.11 37.33
C THR B 110 -3.51 27.11 36.34
N PRO B 111 -2.72 26.20 35.77
CA PRO B 111 -3.29 25.34 34.71
C PRO B 111 -4.43 24.49 35.25
N HIS B 112 -5.51 24.44 34.45
CA HIS B 112 -6.64 23.54 34.68
C HIS B 112 -7.43 23.90 35.93
N ARG B 113 -7.37 25.19 36.34
CA ARG B 113 -8.11 25.62 37.52
C ARG B 113 -9.61 25.41 37.39
N ARG B 114 -10.16 25.41 36.16
CA ARG B 114 -11.60 25.23 36.03
C ARG B 114 -12.05 23.85 36.50
N TRP B 115 -11.13 22.88 36.59
CA TRP B 115 -11.48 21.54 37.06
C TRP B 115 -11.57 21.45 38.58
N GLN B 116 -11.26 22.50 39.32
CA GLN B 116 -11.43 22.52 40.77
C GLN B 116 -12.83 22.94 41.20
N ASP B 117 -13.69 23.32 40.25
CA ASP B 117 -15.08 23.71 40.52
C ASP B 117 -15.89 22.48 40.91
N ASP B 118 -16.57 22.53 42.06
CA ASP B 118 -17.40 21.40 42.48
C ASP B 118 -18.89 21.69 42.42
N SER B 119 -19.29 22.81 41.81
CA SER B 119 -20.70 23.12 41.65
C SER B 119 -21.32 22.24 40.57
N GLU B 120 -22.63 22.01 40.71
CA GLU B 120 -23.40 21.10 39.84
C GLU B 120 -24.56 21.89 39.23
N VAL B 121 -24.77 21.76 37.92
CA VAL B 121 -25.87 22.52 37.33
C VAL B 121 -27.23 21.98 37.80
N VAL B 122 -27.31 20.69 38.11
CA VAL B 122 -28.48 20.09 38.75
C VAL B 122 -27.98 19.37 39.99
N ALA B 123 -28.32 19.90 41.16
CA ALA B 123 -27.75 19.37 42.40
C ALA B 123 -28.03 17.89 42.56
N ASN B 124 -27.00 17.13 42.93
CA ASN B 124 -27.14 15.71 43.19
C ASN B 124 -27.70 14.96 41.99
N GLY B 125 -27.50 15.50 40.79
CA GLY B 125 -28.06 14.92 39.58
C GLY B 125 -27.03 14.88 38.48
N THR B 126 -26.54 16.04 38.07
CA THR B 126 -25.37 16.11 37.19
C THR B 126 -24.11 16.14 38.04
N VAL B 127 -22.97 15.98 37.40
CA VAL B 127 -21.72 15.88 38.15
C VAL B 127 -21.05 17.24 38.22
N SER B 128 -19.74 17.25 38.45
CA SER B 128 -19.02 18.51 38.53
C SER B 128 -17.62 18.27 38.03
N PRO B 129 -16.89 19.34 37.69
CA PRO B 129 -15.49 19.12 37.27
C PRO B 129 -14.68 18.42 38.33
N LEU B 130 -14.81 18.83 39.60
CA LEU B 130 -14.02 18.21 40.65
C LEU B 130 -14.40 16.73 40.79
N MET B 131 -15.69 16.42 40.67
CA MET B 131 -16.15 15.04 40.85
C MET B 131 -15.65 14.17 39.72
N LEU B 132 -15.60 14.70 38.51
CA LEU B 132 -15.07 13.94 37.38
C LEU B 132 -13.59 13.67 37.57
N LEU B 133 -12.86 14.66 38.08
CA LEU B 133 -11.46 14.44 38.44
C LEU B 133 -11.31 13.29 39.42
N LYS B 134 -12.10 13.27 40.49
CA LYS B 134 -12.01 12.20 41.47
C LYS B 134 -12.40 10.85 40.87
N ARG B 135 -13.47 10.82 40.07
CA ARG B 135 -13.94 9.56 39.51
C ARG B 135 -12.89 8.91 38.62
N THR B 136 -12.20 9.70 37.80
CA THR B 136 -11.29 9.18 36.80
C THR B 136 -9.87 8.95 37.32
N GLY B 137 -9.53 9.49 38.48
CA GLY B 137 -8.19 9.35 38.99
C GLY B 137 -7.18 10.33 38.44
N ALA B 138 -7.61 11.29 37.64
CA ALA B 138 -6.70 12.27 37.07
C ALA B 138 -6.28 13.29 38.11
N THR B 139 -5.12 13.92 37.87
CA THR B 139 -4.56 14.91 38.79
C THR B 139 -5.10 16.32 38.56
N ALA B 140 -5.14 16.76 37.29
CA ALA B 140 -5.54 18.12 36.96
C ALA B 140 -6.75 18.19 36.04
N THR B 141 -6.84 17.29 35.06
CA THR B 141 -7.95 17.25 34.14
C THR B 141 -8.15 15.81 33.68
N PRO B 142 -9.40 15.37 33.50
CA PRO B 142 -9.60 13.99 33.02
C PRO B 142 -9.03 13.75 31.63
N ASN B 143 -8.68 14.82 30.91
CA ASN B 143 -8.10 14.71 29.58
C ASN B 143 -6.58 14.69 29.57
N GLU B 144 -5.92 14.63 30.71
CA GLU B 144 -4.46 14.74 30.75
C GLU B 144 -3.78 13.48 30.23
N ASN B 145 -2.78 13.68 29.39
CA ASN B 145 -2.04 12.58 28.77
C ASN B 145 -0.79 12.28 29.57
N PRO B 146 -0.71 11.13 30.24
CA PRO B 146 0.49 10.82 31.03
C PRO B 146 1.76 10.64 30.20
N GLU B 147 1.63 10.33 28.91
CA GLU B 147 2.81 10.14 28.08
C GLU B 147 3.69 11.38 28.06
N ARG B 148 3.08 12.56 28.13
CA ARG B 148 3.81 13.83 28.04
C ARG B 148 4.93 13.88 29.05
N GLY B 149 4.70 13.30 30.22
CA GLY B 149 5.66 13.33 31.31
C GLY B 149 6.94 12.56 31.06
N ASP B 150 7.04 11.85 29.94
CA ASP B 150 8.28 11.15 29.61
C ASP B 150 9.45 12.13 29.55
N THR B 151 9.21 13.35 29.04
CA THR B 151 10.29 14.28 28.81
C THR B 151 10.00 15.71 29.25
N TYR B 152 8.81 16.00 29.76
CA TYR B 152 8.37 17.37 30.00
C TYR B 152 7.24 17.26 31.02
N PRO B 153 6.99 18.28 31.82
CA PRO B 153 5.90 18.14 32.81
C PRO B 153 4.56 17.89 32.15
N MET B 154 3.86 16.87 32.61
CA MET B 154 2.50 16.62 32.12
C MET B 154 1.64 17.86 32.34
N ILE B 155 1.79 18.49 33.50
CA ILE B 155 1.11 19.72 33.89
C ILE B 155 2.19 20.71 34.26
N ARG B 156 2.27 21.81 33.53
CA ARG B 156 3.36 22.72 33.83
C ARG B 156 3.01 23.56 35.06
N PRO B 157 4.02 24.02 35.79
CA PRO B 157 3.76 24.94 36.88
C PRO B 157 3.44 26.35 36.38
N LYS B 158 2.64 27.04 37.17
CA LYS B 158 2.43 28.46 37.01
C LYS B 158 3.76 29.20 36.96
N ARG B 159 3.78 30.28 36.18
CA ARG B 159 4.92 31.19 36.06
C ARG B 159 6.08 30.57 35.28
N THR B 160 5.78 29.62 34.38
CA THR B 160 6.74 29.17 33.40
C THR B 160 6.16 29.37 31.99
N THR B 161 7.06 29.45 31.01
CA THR B 161 6.63 29.47 29.62
C THR B 161 6.58 28.05 29.05
N GLU B 162 5.94 27.93 27.88
CA GLU B 162 5.84 26.64 27.21
C GLU B 162 5.49 26.88 25.74
N LYS B 163 5.80 25.89 24.91
CA LYS B 163 5.58 25.97 23.48
C LYS B 163 5.68 24.56 22.90
N CYS B 164 5.39 24.47 21.60
CA CYS B 164 5.57 23.23 20.84
C CYS B 164 6.95 22.63 21.06
N THR B 165 6.98 21.33 21.37
CA THR B 165 8.21 20.57 21.58
C THR B 165 8.50 19.63 20.41
N PHE B 166 7.81 19.81 19.29
CA PHE B 166 7.88 18.91 18.14
C PHE B 166 7.53 17.49 18.53
N CYS B 167 6.70 17.35 19.57
CA CYS B 167 6.35 16.03 20.10
C CYS B 167 7.59 15.16 20.30
N ASP B 168 8.62 15.77 20.90
CA ASP B 168 9.88 15.07 21.16
C ASP B 168 9.70 13.74 21.86
N HIS B 169 8.71 13.65 22.77
CA HIS B 169 8.50 12.40 23.49
C HIS B 169 8.01 11.30 22.56
N ARG B 170 7.26 11.65 21.50
CA ARG B 170 6.84 10.67 20.51
C ARG B 170 7.99 10.30 19.58
N LEU B 171 8.79 11.29 19.17
CA LEU B 171 9.96 11.01 18.34
C LEU B 171 10.90 10.05 19.04
N ASP B 172 11.04 10.19 20.37
CA ASP B 172 11.93 9.30 21.12
C ASP B 172 11.48 7.85 21.00
N LYS B 173 10.19 7.62 20.80
CA LYS B 173 9.64 6.27 20.67
C LYS B 173 9.52 5.83 19.21
N GLY B 174 10.02 6.64 18.28
CA GLY B 174 9.90 6.34 16.87
C GLY B 174 8.53 6.60 16.28
N LEU B 175 7.71 7.40 16.95
CA LEU B 175 6.36 7.72 16.52
C LEU B 175 6.32 9.12 15.92
N ASN B 176 5.18 9.47 15.33
CA ASN B 176 4.98 10.75 14.66
C ASN B 176 4.41 11.79 15.62
N PRO B 177 4.66 13.07 15.34
CA PRO B 177 3.94 14.12 16.07
C PRO B 177 2.43 13.94 15.97
N ALA B 178 1.74 14.30 17.05
CA ALA B 178 0.29 14.14 17.09
C ALA B 178 -0.40 14.88 15.94
N CYS B 179 0.08 16.09 15.64
CA CYS B 179 -0.54 16.90 14.59
C CYS B 179 -0.33 16.29 13.21
N VAL B 180 0.81 15.62 13.00
CA VAL B 180 1.06 14.94 11.73
C VAL B 180 0.09 13.78 11.54
N ASP B 181 -0.04 12.94 12.57
CA ASP B 181 -1.00 11.84 12.54
C ASP B 181 -2.44 12.32 12.44
N ALA B 182 -2.75 13.51 12.93
CA ALA B 182 -4.13 13.98 12.98
C ALA B 182 -4.63 14.57 11.67
N CYS B 183 -3.73 14.82 10.71
CA CYS B 183 -4.09 15.57 9.52
C CYS B 183 -4.78 14.69 8.50
N PRO B 184 -6.02 14.99 8.10
CA PRO B 184 -6.75 14.04 7.22
C PRO B 184 -6.14 13.92 5.84
N SER B 185 -5.46 14.95 5.36
CA SER B 185 -4.93 14.97 4.00
C SER B 185 -3.43 14.73 3.97
N GLU B 186 -2.82 14.39 5.11
CA GLU B 186 -1.37 14.20 5.19
C GLU B 186 -0.63 15.43 4.67
N ALA B 187 -1.16 16.61 5.00
CA ALA B 187 -0.54 17.85 4.56
C ALA B 187 0.77 18.12 5.28
N ARG B 188 1.00 17.51 6.45
CA ARG B 188 2.16 17.77 7.29
C ARG B 188 3.13 16.60 7.23
N VAL B 189 4.39 16.87 6.93
CA VAL B 189 5.44 15.87 6.82
C VAL B 189 6.65 16.37 7.59
N ILE B 190 7.27 15.50 8.38
CA ILE B 190 8.49 15.88 9.09
C ILE B 190 9.67 15.01 8.64
N GLY B 191 10.87 15.49 8.92
CA GLY B 191 12.06 14.73 8.62
C GLY B 191 13.32 15.56 8.80
N ASP B 192 14.45 14.97 8.43
CA ASP B 192 15.74 15.59 8.63
C ASP B 192 16.09 16.39 7.38
N LEU B 193 16.14 17.72 7.52
CA LEU B 193 16.47 18.58 6.40
C LEU B 193 17.94 18.46 5.98
N ASP B 194 18.78 17.89 6.84
CA ASP B 194 20.18 17.62 6.48
C ASP B 194 20.34 16.34 5.68
N ASP B 195 19.28 15.55 5.53
CA ASP B 195 19.34 14.34 4.72
C ASP B 195 18.74 14.65 3.37
N PRO B 196 19.54 14.70 2.30
CA PRO B 196 18.99 15.11 0.99
C PRO B 196 17.94 14.16 0.46
N GLN B 197 17.88 12.93 0.97
CA GLN B 197 16.91 11.94 0.51
C GLN B 197 15.65 11.90 1.37
N SER B 198 15.58 12.66 2.45
CA SER B 198 14.35 12.70 3.24
C SER B 198 13.19 13.24 2.41
N LYS B 199 11.97 12.86 2.79
CA LYS B 199 10.81 13.42 2.10
C LYS B 199 10.75 14.94 2.23
N VAL B 200 11.06 15.49 3.41
CA VAL B 200 10.99 16.95 3.54
C VAL B 200 12.03 17.62 2.64
N SER B 201 13.24 17.07 2.58
CA SER B 201 14.25 17.67 1.71
C SER B 201 13.82 17.64 0.25
N GLN B 202 13.17 16.56 -0.17
CA GLN B 202 12.76 16.46 -1.57
C GLN B 202 11.55 17.35 -1.87
N LEU B 203 10.62 17.50 -0.91
CA LEU B 203 9.47 18.37 -1.13
C LEU B 203 9.87 19.81 -1.41
N ILE B 204 10.88 20.33 -0.71
CA ILE B 204 11.22 21.73 -0.90
C ILE B 204 12.13 21.96 -2.11
N LYS B 205 12.59 20.88 -2.74
CA LYS B 205 13.20 20.96 -4.07
C LYS B 205 12.16 20.82 -5.17
N LEU B 206 11.14 19.97 -4.95
CA LEU B 206 10.09 19.78 -5.93
C LEU B 206 9.15 20.98 -6.00
N HIS B 207 8.98 21.69 -4.90
CA HIS B 207 8.09 22.83 -4.80
C HIS B 207 8.87 24.01 -4.21
N LYS B 208 8.46 25.22 -4.57
CA LYS B 208 9.11 26.41 -4.02
C LYS B 208 8.73 26.57 -2.55
N PRO B 209 9.68 26.48 -1.63
CA PRO B 209 9.32 26.57 -0.21
C PRO B 209 9.14 28.02 0.24
N MET B 210 8.20 28.23 1.15
CA MET B 210 8.00 29.52 1.79
C MET B 210 8.14 29.39 3.30
N GLN B 211 8.66 30.44 3.91
CA GLN B 211 8.80 30.48 5.35
C GLN B 211 8.12 31.72 5.91
N LEU B 212 7.70 31.64 7.17
CA LEU B 212 7.21 32.80 7.89
C LEU B 212 8.40 33.64 8.36
N LYS B 213 8.29 34.95 8.16
CA LYS B 213 9.26 35.93 8.63
C LYS B 213 10.71 35.51 8.50
N PRO B 214 11.15 35.09 7.32
CA PRO B 214 12.57 34.77 7.16
C PRO B 214 13.46 35.97 7.41
N GLU B 215 12.92 37.18 7.25
CA GLU B 215 13.71 38.40 7.43
C GLU B 215 14.17 38.56 8.88
N ALA B 216 13.51 37.89 9.83
CA ALA B 216 13.94 37.96 11.22
C ALA B 216 15.26 37.26 11.45
N GLY B 217 15.73 36.45 10.50
CA GLY B 217 17.05 35.85 10.57
C GLY B 217 17.21 34.66 11.48
N THR B 218 16.11 33.96 11.81
CA THR B 218 16.20 32.80 12.69
C THR B 218 16.38 31.48 11.94
N GLY B 219 16.15 31.44 10.64
CA GLY B 219 16.22 30.20 9.92
C GLY B 219 15.16 29.21 10.36
N PRO B 220 13.89 29.59 10.24
CA PRO B 220 12.82 28.68 10.65
C PRO B 220 12.85 27.40 9.82
N ARG B 221 12.38 26.30 10.42
CA ARG B 221 12.40 25.02 9.73
C ARG B 221 11.00 24.44 9.56
N VAL B 222 9.96 25.27 9.60
CA VAL B 222 8.65 24.91 9.05
C VAL B 222 8.57 25.59 7.68
N PHE B 223 8.32 24.80 6.66
CA PHE B 223 8.27 25.29 5.28
C PHE B 223 6.87 25.05 4.75
N TYR B 224 6.33 26.03 4.02
CA TYR B 224 5.00 25.94 3.40
C TYR B 224 5.18 25.81 1.90
N ILE B 225 4.44 24.90 1.30
CA ILE B 225 4.45 24.72 -0.15
C ILE B 225 3.04 24.82 -0.71
N ARG B 226 2.98 25.22 -1.98
CA ARG B 226 1.76 25.34 -2.76
C ARG B 226 0.84 26.42 -2.20
N SER B 227 -0.44 26.35 -2.56
CA SER B 227 -1.38 27.42 -2.26
CA SER B 227 -1.38 27.43 -2.24
C SER B 227 -2.66 26.84 -1.68
N PHE B 228 -3.22 27.53 -0.68
CA PHE B 228 -4.48 27.10 -0.07
C PHE B 228 -5.63 27.20 -1.06
N GLY B 229 -5.69 28.30 -1.82
CA GLY B 229 -6.68 28.48 -2.84
C GLY B 229 -6.13 28.35 -4.25
N VAL B 230 -7.04 28.46 -5.22
CA VAL B 230 -6.70 28.37 -6.63
C VAL B 230 -7.27 29.59 -7.33
N LYS B 231 -6.67 29.92 -8.47
CA LYS B 231 -7.11 31.09 -9.22
C LYS B 231 -8.52 30.87 -9.78
N THR B 232 -9.31 31.93 -9.79
CA THR B 232 -10.71 31.84 -10.18
C THR B 232 -10.84 31.58 -11.68
N ALA B 233 -11.69 30.62 -12.02
CA ALA B 233 -12.01 30.34 -13.41
C ALA B 233 -13.15 31.26 -13.88
N TYR B 234 -13.42 31.22 -15.17
CA TYR B 234 -14.53 31.99 -15.71
C TYR B 234 -14.29 33.49 -15.48
N LEU C 8 10.95 -42.62 20.07
CA LEU C 8 10.41 -41.27 20.17
C LEU C 8 11.27 -40.30 19.36
N ARG C 9 12.39 -40.79 18.85
CA ARG C 9 13.29 -39.95 18.08
C ARG C 9 12.68 -39.63 16.73
N ARG C 10 12.98 -38.43 16.26
CA ARG C 10 12.42 -37.94 15.01
C ARG C 10 13.45 -37.74 13.93
N THR C 11 14.75 -37.88 14.23
CA THR C 11 15.75 -37.72 13.18
C THR C 11 15.44 -38.75 12.09
N GLY C 12 15.31 -38.27 10.86
CA GLY C 12 15.14 -39.12 9.70
C GLY C 12 13.72 -39.55 9.37
N VAL C 13 12.72 -39.13 10.13
CA VAL C 13 11.38 -39.65 9.90
C VAL C 13 10.54 -38.82 8.92
N GLY C 14 11.06 -37.70 8.45
CA GLY C 14 10.38 -36.90 7.44
C GLY C 14 10.50 -37.49 6.05
N GLU C 15 10.05 -36.72 5.05
CA GLU C 15 9.99 -37.13 3.66
C GLU C 15 10.76 -36.15 2.79
N TRP C 16 11.47 -36.67 1.78
CA TRP C 16 12.10 -35.81 0.78
C TRP C 16 11.26 -35.78 -0.50
N LEU C 17 10.95 -34.57 -0.97
CA LEU C 17 10.15 -34.35 -2.17
C LEU C 17 10.93 -33.55 -3.20
N ALA C 18 10.84 -33.95 -4.47
CA ALA C 18 11.65 -33.32 -5.52
C ALA C 18 11.06 -31.99 -5.99
N THR C 19 11.93 -31.02 -6.23
CA THR C 19 11.55 -29.78 -6.89
C THR C 19 12.76 -29.22 -7.63
N THR C 20 12.70 -27.95 -8.02
CA THR C 20 13.81 -27.28 -8.70
C THR C 20 14.01 -25.90 -8.08
N CYS C 21 15.26 -25.58 -7.80
CA CYS C 21 15.65 -24.25 -7.34
C CYS C 21 15.80 -23.31 -8.54
N GLN C 22 15.50 -22.02 -8.32
CA GLN C 22 15.73 -21.03 -9.37
C GLN C 22 16.48 -19.80 -8.83
N GLY C 23 17.29 -20.01 -7.81
CA GLY C 23 18.18 -18.96 -7.32
C GLY C 23 19.14 -18.44 -8.38
N CYS C 24 19.41 -19.25 -9.40
CA CYS C 24 20.09 -18.77 -10.58
C CYS C 24 19.70 -19.72 -11.70
N THR C 25 20.17 -19.43 -12.92
CA THR C 25 19.82 -20.20 -14.11
C THR C 25 20.60 -21.52 -14.18
N SER C 26 21.32 -21.87 -13.12
CA SER C 26 21.73 -23.26 -12.92
C SER C 26 20.51 -24.18 -12.82
N TRP C 27 19.42 -23.68 -12.23
CA TRP C 27 18.16 -24.41 -12.12
C TRP C 27 18.34 -25.84 -11.62
N CYS C 28 18.95 -25.94 -10.44
CA CYS C 28 19.29 -27.26 -9.90
C CYS C 28 18.06 -28.03 -9.48
N ALA C 29 18.08 -29.32 -9.78
CA ALA C 29 17.10 -30.24 -9.21
C ALA C 29 17.37 -30.43 -7.72
N LYS C 30 16.31 -30.35 -6.91
CA LYS C 30 16.41 -30.40 -5.47
C LYS C 30 15.49 -31.45 -4.87
N GLN C 31 15.76 -31.78 -3.60
CA GLN C 31 14.77 -32.39 -2.74
C GLN C 31 14.57 -31.49 -1.53
N ILE C 32 13.31 -31.39 -1.11
CA ILE C 32 12.89 -30.65 0.08
C ILE C 32 12.55 -31.67 1.16
N TYR C 33 13.10 -31.48 2.36
CA TYR C 33 12.77 -32.35 3.49
C TYR C 33 11.60 -31.74 4.25
N VAL C 34 10.53 -32.51 4.41
CA VAL C 34 9.28 -32.02 5.01
C VAL C 34 8.95 -32.86 6.22
N MET C 35 8.62 -32.19 7.33
CA MET C 35 8.19 -32.81 8.56
C MET C 35 7.17 -31.88 9.21
N ASP C 36 6.12 -32.45 9.80
CA ASP C 36 5.06 -31.68 10.42
C ASP C 36 4.53 -30.60 9.47
N GLY C 37 4.48 -30.93 8.18
CA GLY C 37 3.98 -30.04 7.16
C GLY C 37 4.86 -28.86 6.79
N ARG C 38 6.08 -28.78 7.33
CA ARG C 38 6.98 -27.68 7.06
C ARG C 38 8.23 -28.14 6.33
N ALA C 39 8.69 -27.29 5.40
CA ALA C 39 9.95 -27.49 4.72
C ALA C 39 11.08 -27.12 5.67
N LEU C 40 11.99 -28.08 5.90
CA LEU C 40 13.04 -27.93 6.89
C LEU C 40 14.45 -27.94 6.30
N LYS C 41 14.65 -28.52 5.13
CA LYS C 41 15.98 -28.65 4.58
C LYS C 41 15.86 -28.66 3.06
N VAL C 42 16.95 -28.29 2.40
CA VAL C 42 17.09 -28.41 0.96
C VAL C 42 18.41 -29.12 0.66
N ARG C 43 18.37 -30.07 -0.28
CA ARG C 43 19.61 -30.67 -0.78
C ARG C 43 19.50 -30.89 -2.29
N GLY C 44 20.65 -30.99 -2.95
CA GLY C 44 20.65 -31.40 -4.35
C GLY C 44 20.02 -32.78 -4.50
N ASN C 45 19.25 -32.93 -5.57
CA ASN C 45 18.58 -34.20 -5.85
C ASN C 45 19.59 -35.25 -6.27
N PRO C 46 19.81 -36.32 -5.50
CA PRO C 46 20.84 -37.31 -5.89
C PRO C 46 20.56 -37.98 -7.23
N ASN C 47 19.34 -37.92 -7.73
CA ASN C 47 19.02 -38.49 -9.04
C ASN C 47 19.48 -37.62 -10.19
N SER C 48 19.93 -36.41 -9.92
CA SER C 48 20.41 -35.50 -10.95
C SER C 48 21.71 -35.99 -11.56
N GLY C 49 21.75 -36.04 -12.90
CA GLY C 49 22.98 -36.38 -13.60
C GLY C 49 23.93 -35.21 -13.81
N VAL C 50 23.45 -33.98 -13.70
CA VAL C 50 24.33 -32.83 -13.84
C VAL C 50 25.14 -32.61 -12.56
N HIS C 51 24.45 -32.52 -11.42
CA HIS C 51 25.09 -32.09 -10.19
C HIS C 51 24.93 -33.02 -8.99
N GLY C 52 24.01 -33.97 -9.03
CA GLY C 52 23.83 -34.84 -7.89
C GLY C 52 23.43 -34.05 -6.65
N MET C 53 23.89 -34.52 -5.50
CA MET C 53 23.57 -33.82 -4.26
C MET C 53 24.34 -32.52 -4.11
N SER C 54 25.34 -32.25 -4.94
CA SER C 54 26.10 -31.01 -4.81
C SER C 54 25.19 -29.81 -4.97
N SER C 55 25.44 -28.77 -4.17
CA SER C 55 24.67 -27.55 -4.17
C SER C 55 25.54 -26.37 -3.80
N CYS C 56 25.21 -25.20 -4.34
CA CYS C 56 25.70 -23.93 -3.83
C CYS C 56 24.97 -23.57 -2.52
N PRO C 57 25.46 -22.55 -1.81
CA PRO C 57 24.97 -22.29 -0.44
C PRO C 57 23.58 -21.70 -0.43
N ARG C 58 23.13 -21.12 -1.55
CA ARG C 58 21.86 -20.41 -1.56
C ARG C 58 20.67 -21.35 -1.46
N GLN C 59 20.86 -22.65 -1.65
CA GLN C 59 19.72 -23.55 -1.53
C GLN C 59 19.05 -23.38 -0.16
N HIS C 60 19.82 -23.11 0.89
CA HIS C 60 19.26 -23.03 2.24
C HIS C 60 18.48 -21.74 2.44
N LEU C 61 18.86 -20.68 1.75
CA LEU C 61 18.12 -19.41 1.87
C LEU C 61 16.69 -19.51 1.34
N SER C 62 16.42 -20.48 0.48
CA SER C 62 15.10 -20.74 -0.04
C SER C 62 14.08 -20.82 1.10
N LEU C 63 14.51 -21.36 2.24
CA LEU C 63 13.59 -21.59 3.35
C LEU C 63 13.17 -20.29 4.02
N GLN C 64 13.96 -19.23 3.87
CA GLN C 64 13.55 -17.92 4.34
C GLN C 64 12.79 -17.13 3.28
N GLN C 65 12.63 -17.67 2.06
CA GLN C 65 11.80 -17.04 1.05
C GLN C 65 10.36 -17.54 1.11
N VAL C 66 10.17 -18.86 1.19
CA VAL C 66 8.81 -19.37 1.26
C VAL C 66 8.18 -18.96 2.60
N TYR C 67 8.99 -18.96 3.66
CA TYR C 67 8.58 -18.52 5.00
C TYR C 67 9.06 -17.08 5.28
N ASP C 68 8.96 -16.25 4.27
CA ASP C 68 9.26 -14.81 4.38
C ASP C 68 8.06 -14.13 5.03
N PRO C 69 8.25 -13.41 6.14
CA PRO C 69 7.12 -12.83 6.86
C PRO C 69 6.53 -11.58 6.20
N ASP C 70 7.05 -11.20 5.03
CA ASP C 70 6.53 -10.07 4.27
C ASP C 70 5.89 -10.51 2.95
N ARG C 71 5.63 -11.80 2.78
CA ARG C 71 4.90 -12.24 1.60
C ARG C 71 3.48 -11.70 1.62
N LEU C 72 2.97 -11.42 0.41
CA LEU C 72 1.55 -11.14 0.23
C LEU C 72 0.68 -12.37 0.44
N ARG C 73 -0.44 -12.18 1.12
CA ARG C 73 -1.37 -13.28 1.28
C ARG C 73 -2.69 -13.06 0.55
N THR C 74 -2.86 -11.95 -0.16
CA THR C 74 -4.13 -11.62 -0.79
C THR C 74 -3.86 -10.71 -1.98
N PRO C 75 -4.71 -10.77 -3.01
CA PRO C 75 -4.71 -9.70 -4.01
C PRO C 75 -4.94 -8.36 -3.33
N MET C 76 -4.43 -7.30 -3.95
CA MET C 76 -4.62 -5.96 -3.43
C MET C 76 -4.83 -4.99 -4.58
N MET C 77 -5.43 -3.85 -4.27
CA MET C 77 -5.53 -2.73 -5.19
C MET C 77 -4.96 -1.49 -4.53
N ARG C 78 -4.31 -0.63 -5.31
CA ARG C 78 -3.88 0.65 -4.77
C ARG C 78 -5.09 1.56 -4.60
N THR C 79 -5.03 2.42 -3.60
CA THR C 79 -6.09 3.42 -3.41
C THR C 79 -5.57 4.85 -3.48
N ASN C 80 -4.25 5.03 -3.64
CA ASN C 80 -3.70 6.35 -3.98
C ASN C 80 -3.75 6.48 -5.51
N PRO C 81 -4.54 7.40 -6.06
CA PRO C 81 -4.57 7.50 -7.53
C PRO C 81 -3.25 7.98 -8.13
N LYS C 82 -2.39 8.63 -7.34
CA LYS C 82 -1.08 9.03 -7.83
C LYS C 82 -0.07 7.90 -7.71
N LYS C 83 0.83 7.81 -8.69
CA LYS C 83 1.91 6.85 -8.69
C LYS C 83 3.23 7.59 -8.67
N GLY C 84 4.21 7.03 -7.97
CA GLY C 84 5.53 7.61 -7.92
C GLY C 84 6.33 7.08 -6.76
N ARG C 85 7.64 7.22 -6.88
CA ARG C 85 8.52 6.80 -5.79
C ARG C 85 8.10 7.46 -4.48
N ASP C 86 7.56 8.67 -4.55
CA ASP C 86 7.13 9.47 -3.42
C ASP C 86 5.68 9.25 -3.02
N GLN C 87 4.95 8.33 -3.68
CA GLN C 87 3.53 8.12 -3.44
C GLN C 87 3.29 6.75 -2.81
N ASP C 88 2.83 6.74 -1.56
CA ASP C 88 2.43 5.48 -0.93
C ASP C 88 1.22 4.93 -1.67
N PRO C 89 1.28 3.71 -2.21
CA PRO C 89 0.13 3.20 -2.98
C PRO C 89 -1.13 3.01 -2.15
N LYS C 90 -1.01 2.94 -0.82
CA LYS C 90 -2.15 2.68 0.09
C LYS C 90 -2.94 1.45 -0.38
N PHE C 91 -2.22 0.34 -0.51
CA PHE C 91 -2.84 -0.91 -0.95
C PHE C 91 -3.88 -1.38 0.07
N VAL C 92 -5.00 -1.90 -0.44
CA VAL C 92 -6.01 -2.56 0.38
C VAL C 92 -6.40 -3.90 -0.23
N PRO C 93 -6.83 -4.86 0.58
CA PRO C 93 -7.09 -6.19 0.03
C PRO C 93 -8.39 -6.26 -0.77
N ILE C 94 -8.34 -7.09 -1.81
CA ILE C 94 -9.50 -7.42 -2.62
C ILE C 94 -9.47 -8.92 -2.91
N SER C 95 -10.56 -9.41 -3.51
CA SER C 95 -10.62 -10.83 -3.83
C SER C 95 -9.93 -11.13 -5.18
N TRP C 96 -9.63 -12.41 -5.40
CA TRP C 96 -9.13 -12.80 -6.72
C TRP C 96 -10.14 -12.45 -7.80
N ASP C 97 -11.43 -12.66 -7.53
CA ASP C 97 -12.43 -12.38 -8.55
C ASP C 97 -12.44 -10.89 -8.91
N LYS C 98 -12.35 -10.01 -7.91
CA LYS C 98 -12.38 -8.58 -8.19
C LYS C 98 -11.10 -8.13 -8.89
N ALA C 99 -9.95 -8.65 -8.44
CA ALA C 99 -8.67 -8.25 -9.03
C ALA C 99 -8.62 -8.60 -10.51
N LEU C 100 -9.05 -9.81 -10.85
CA LEU C 100 -9.03 -10.24 -12.25
C LEU C 100 -10.15 -9.57 -13.04
N ASP C 101 -11.29 -9.27 -12.39
CA ASP C 101 -12.34 -8.49 -13.05
C ASP C 101 -11.79 -7.14 -13.50
N MET C 102 -11.01 -6.47 -12.64
CA MET C 102 -10.46 -5.16 -12.97
C MET C 102 -9.51 -5.26 -14.17
N LEU C 103 -8.62 -6.25 -14.14
CA LEU C 103 -7.68 -6.44 -15.23
C LEU C 103 -8.40 -6.81 -16.51
N ALA C 104 -9.38 -7.73 -16.42
CA ALA C 104 -10.10 -8.15 -17.61
C ALA C 104 -10.84 -6.98 -18.24
N ASP C 105 -11.45 -6.12 -17.42
CA ASP C 105 -12.16 -4.97 -17.99
C ASP C 105 -11.21 -4.08 -18.79
N LYS C 106 -10.00 -3.85 -18.26
CA LYS C 106 -9.05 -2.97 -18.93
C LYS C 106 -8.57 -3.57 -20.24
N ILE C 107 -8.37 -4.89 -20.27
CA ILE C 107 -7.97 -5.58 -21.50
C ILE C 107 -9.07 -5.50 -22.54
N ILE C 108 -10.31 -5.81 -22.14
CA ILE C 108 -11.40 -5.81 -23.11
C ILE C 108 -11.61 -4.41 -23.67
N ALA C 109 -11.37 -3.37 -22.86
CA ALA C 109 -11.53 -2.01 -23.35
C ALA C 109 -10.54 -1.69 -24.48
N LEU C 110 -9.31 -2.22 -24.38
CA LEU C 110 -8.33 -2.03 -25.44
C LEU C 110 -8.80 -2.65 -26.75
N ARG C 111 -9.33 -3.87 -26.69
CA ARG C 111 -9.79 -4.55 -27.89
C ARG C 111 -10.96 -3.81 -28.53
N VAL C 112 -11.92 -3.38 -27.71
CA VAL C 112 -13.07 -2.62 -28.21
C VAL C 112 -12.59 -1.36 -28.93
N ALA C 113 -11.52 -0.75 -28.44
CA ALA C 113 -10.98 0.47 -29.03
C ALA C 113 -9.98 0.20 -30.14
N ASN C 114 -9.82 -1.07 -30.52
CA ASN C 114 -8.89 -1.47 -31.58
C ASN C 114 -7.46 -1.03 -31.26
N GLU C 115 -7.08 -1.15 -30.00
CA GLU C 115 -5.72 -0.82 -29.58
C GLU C 115 -5.16 -1.92 -28.67
N PRO C 116 -5.32 -3.19 -29.04
CA PRO C 116 -4.76 -4.27 -28.20
C PRO C 116 -3.25 -4.25 -28.08
N HIS C 117 -2.56 -3.64 -29.06
CA HIS C 117 -1.11 -3.50 -28.96
C HIS C 117 -0.66 -2.61 -27.82
N LYS C 118 -1.57 -1.84 -27.20
CA LYS C 118 -1.23 -1.05 -26.01
C LYS C 118 -1.25 -1.87 -24.72
N TYR C 119 -1.37 -3.19 -24.85
CA TYR C 119 -1.15 -4.13 -23.77
C TYR C 119 0.30 -4.61 -23.81
N ALA C 120 0.89 -4.82 -22.63
CA ALA C 120 2.23 -5.38 -22.56
C ALA C 120 2.29 -6.42 -21.45
N LEU C 121 3.01 -7.51 -21.71
CA LEU C 121 3.28 -8.57 -20.74
C LEU C 121 4.78 -8.55 -20.47
N LEU C 122 5.15 -8.32 -19.21
CA LEU C 122 6.55 -8.31 -18.81
C LEU C 122 6.89 -9.57 -18.04
N ARG C 123 7.99 -10.23 -18.43
CA ARG C 123 8.43 -11.48 -17.83
C ARG C 123 9.82 -11.28 -17.26
N GLY C 124 10.00 -11.59 -15.96
CA GLY C 124 11.31 -11.66 -15.37
C GLY C 124 11.82 -13.09 -15.37
N ARG C 125 11.88 -13.74 -14.21
CA ARG C 125 12.12 -15.17 -14.16
C ARG C 125 10.84 -15.90 -14.60
N TYR C 126 10.97 -17.20 -14.81
CA TYR C 126 9.98 -17.97 -15.56
C TYR C 126 10.36 -19.43 -15.45
N SER C 127 9.45 -20.30 -15.85
CA SER C 127 9.79 -21.70 -16.07
C SER C 127 9.41 -22.07 -17.50
N HIS C 128 9.71 -23.32 -17.88
CA HIS C 128 9.39 -23.73 -19.25
C HIS C 128 7.91 -23.93 -19.51
N ILE C 129 6.97 -23.63 -18.60
CA ILE C 129 5.57 -23.62 -18.96
C ILE C 129 5.11 -22.20 -19.33
N ASN C 130 6.05 -21.26 -19.51
CA ASN C 130 5.68 -19.85 -19.68
C ASN C 130 4.94 -19.54 -20.99
N ASP C 131 4.97 -20.42 -22.00
CA ASP C 131 4.46 -20.05 -23.33
C ASP C 131 3.02 -19.51 -23.27
N LEU C 132 2.19 -20.08 -22.40
CA LEU C 132 0.79 -19.65 -22.32
C LEU C 132 0.67 -18.19 -21.89
N LEU C 133 1.23 -17.86 -20.72
CA LEU C 133 1.07 -16.51 -20.20
C LEU C 133 1.88 -15.50 -21.02
N TYR C 134 3.10 -15.87 -21.39
CA TYR C 134 4.03 -14.94 -22.02
C TYR C 134 3.65 -14.66 -23.48
N LYS C 135 3.37 -15.70 -24.25
CA LYS C 135 3.22 -15.56 -25.70
C LYS C 135 1.77 -15.71 -26.16
N LYS C 136 1.11 -16.82 -25.80
CA LYS C 136 -0.20 -17.11 -26.36
C LYS C 136 -1.26 -16.13 -25.88
N MET C 137 -1.33 -15.88 -24.58
CA MET C 137 -2.29 -14.91 -24.06
CA MET C 137 -2.28 -14.91 -24.04
C MET C 137 -2.06 -13.53 -24.67
N THR C 138 -0.80 -13.10 -24.74
CA THR C 138 -0.45 -11.78 -25.26
C THR C 138 -0.88 -11.61 -26.72
N ASN C 139 -0.57 -12.59 -27.55
CA ASN C 139 -0.90 -12.50 -28.97
C ASN C 139 -2.41 -12.61 -29.20
N LEU C 140 -3.10 -13.45 -28.41
CA LEU C 140 -4.53 -13.61 -28.58
C LEU C 140 -5.28 -12.33 -28.21
N ILE C 141 -4.81 -11.63 -27.16
CA ILE C 141 -5.34 -10.30 -26.87
C ILE C 141 -5.09 -9.38 -28.06
N GLY C 142 -3.92 -9.50 -28.67
CA GLY C 142 -3.59 -8.79 -29.89
C GLY C 142 -2.38 -7.90 -29.76
N SER C 143 -1.42 -8.29 -28.93
CA SER C 143 -0.26 -7.46 -28.69
C SER C 143 1.03 -8.16 -29.10
N PRO C 144 1.99 -7.41 -29.67
CA PRO C 144 3.33 -7.95 -29.88
C PRO C 144 4.25 -7.76 -28.68
N ASN C 145 3.73 -7.22 -27.57
CA ASN C 145 4.60 -6.72 -26.51
C ASN C 145 4.70 -7.70 -25.34
N ASN C 146 5.12 -8.93 -25.65
CA ASN C 146 5.62 -9.88 -24.65
C ASN C 146 7.11 -9.61 -24.49
N ILE C 147 7.47 -8.94 -23.39
CA ILE C 147 8.82 -8.40 -23.17
C ILE C 147 9.47 -9.22 -22.07
N SER C 148 10.47 -10.03 -22.45
CA SER C 148 11.25 -10.79 -21.49
C SER C 148 12.33 -9.89 -20.90
N HIS C 149 13.13 -10.46 -19.98
CA HIS C 149 14.27 -9.75 -19.40
C HIS C 149 15.60 -10.15 -20.04
N SER C 150 15.58 -10.84 -21.18
CA SER C 150 16.80 -11.44 -21.68
C SER C 150 17.91 -10.41 -21.91
N SER C 151 17.56 -9.19 -22.34
CA SER C 151 18.63 -8.26 -22.70
C SER C 151 19.24 -7.57 -21.48
N VAL C 152 18.60 -7.63 -20.31
CA VAL C 152 19.30 -7.24 -19.09
C VAL C 152 19.99 -8.45 -18.44
N CYS C 153 19.91 -9.62 -19.08
CA CYS C 153 20.54 -10.82 -18.55
C CYS C 153 21.88 -11.07 -19.23
N ALA C 154 21.88 -11.68 -20.41
CA ALA C 154 23.16 -12.06 -21.00
C ALA C 154 23.14 -12.23 -22.52
N GLU C 155 22.31 -11.47 -23.23
CA GLU C 155 22.21 -11.72 -24.68
C GLU C 155 23.53 -11.42 -25.41
N ALA C 156 24.34 -10.48 -24.92
CA ALA C 156 25.61 -10.22 -25.61
C ALA C 156 26.55 -11.42 -25.53
N HIS C 157 26.41 -12.23 -24.47
CA HIS C 157 27.21 -13.45 -24.27
C HIS C 157 26.85 -14.53 -25.29
N LYS C 158 25.70 -14.41 -25.94
CA LYS C 158 25.32 -15.34 -27.00
C LYS C 158 25.85 -14.93 -28.38
N MET C 159 26.40 -13.72 -28.52
CA MET C 159 26.75 -13.23 -29.84
C MET C 159 27.91 -14.01 -30.44
N GLY C 160 28.95 -14.26 -29.66
CA GLY C 160 30.07 -15.03 -30.15
C GLY C 160 29.66 -16.45 -30.55
N PRO C 161 29.04 -17.17 -29.62
CA PRO C 161 28.61 -18.53 -29.95
C PRO C 161 27.68 -18.58 -31.15
N TYR C 162 26.78 -17.61 -31.31
CA TYR C 162 25.89 -17.68 -32.45
C TYR C 162 26.63 -17.35 -33.75
N TYR C 163 27.33 -16.23 -33.78
CA TYR C 163 27.91 -15.75 -35.05
C TYR C 163 29.19 -16.48 -35.42
N LEU C 164 29.77 -17.25 -34.52
CA LEU C 164 30.91 -18.09 -34.84
C LEU C 164 30.53 -19.55 -35.06
N ASP C 165 29.61 -20.12 -34.26
CA ASP C 165 29.28 -21.52 -34.42
C ASP C 165 27.78 -21.84 -34.37
N GLY C 166 26.89 -20.84 -34.48
CA GLY C 166 25.48 -21.12 -34.68
C GLY C 166 24.67 -21.43 -33.46
N ASN C 167 25.21 -21.19 -32.27
CA ASN C 167 24.55 -21.50 -31.02
C ASN C 167 24.06 -20.21 -30.39
N TRP C 168 22.76 -19.89 -30.56
CA TRP C 168 22.18 -18.77 -29.82
C TRP C 168 21.78 -19.31 -28.45
N GLY C 169 22.76 -19.36 -27.55
CA GLY C 169 22.53 -20.02 -26.29
C GLY C 169 23.82 -20.13 -25.52
N TYR C 170 23.74 -20.82 -24.37
CA TYR C 170 24.87 -21.00 -23.48
C TYR C 170 25.62 -22.29 -23.81
N ASN C 171 26.78 -22.44 -23.19
CA ASN C 171 27.57 -23.64 -23.26
C ASN C 171 27.73 -24.24 -21.87
N GLN C 172 28.00 -25.55 -21.84
CA GLN C 172 28.54 -26.21 -20.67
C GLN C 172 30.05 -26.39 -20.89
N TYR C 173 30.79 -26.41 -19.76
CA TYR C 173 32.25 -26.39 -19.75
C TYR C 173 32.75 -27.70 -19.17
N ASP C 174 33.59 -28.43 -19.92
CA ASP C 174 33.97 -29.79 -19.55
C ASP C 174 35.18 -29.77 -18.61
N VAL C 175 34.94 -29.22 -17.41
CA VAL C 175 36.00 -28.95 -16.45
CA VAL C 175 36.02 -28.94 -16.48
C VAL C 175 36.71 -30.22 -16.02
N LYS C 176 35.97 -31.33 -15.91
CA LYS C 176 36.60 -32.56 -15.44
C LYS C 176 37.72 -33.03 -16.37
N ASN C 177 37.70 -32.62 -17.63
CA ASN C 177 38.71 -33.05 -18.59
C ASN C 177 39.55 -31.91 -19.13
N ALA C 178 39.38 -30.70 -18.59
CA ALA C 178 40.10 -29.54 -19.08
C ALA C 178 41.57 -29.62 -18.70
N LYS C 179 42.43 -29.14 -19.61
CA LYS C 179 43.82 -28.92 -19.28
C LYS C 179 44.17 -27.43 -19.19
N PHE C 180 43.35 -26.55 -19.74
CA PHE C 180 43.55 -25.11 -19.58
C PHE C 180 42.19 -24.44 -19.49
N ILE C 181 42.00 -23.60 -18.47
CA ILE C 181 40.76 -22.84 -18.27
C ILE C 181 41.13 -21.38 -18.25
N LEU C 182 40.53 -20.60 -19.16
CA LEU C 182 40.78 -19.16 -19.23
C LEU C 182 39.44 -18.46 -19.04
N SER C 183 39.31 -17.69 -17.95
CA SER C 183 38.05 -17.05 -17.63
C SER C 183 38.12 -15.53 -17.76
N PHE C 184 37.29 -14.97 -18.66
CA PHE C 184 37.15 -13.52 -18.79
C PHE C 184 35.94 -13.10 -17.95
N GLY C 185 36.19 -12.93 -16.67
CA GLY C 185 35.23 -12.41 -15.72
C GLY C 185 34.30 -13.43 -15.09
N ALA C 186 34.32 -14.69 -15.54
CA ALA C 186 33.43 -15.68 -14.96
C ALA C 186 34.03 -16.18 -13.65
N ASP C 187 33.15 -16.46 -12.70
CA ASP C 187 33.46 -16.79 -11.32
C ASP C 187 32.59 -17.99 -10.97
N PRO C 188 32.87 -19.18 -11.56
CA PRO C 188 31.85 -20.24 -11.59
C PRO C 188 31.65 -20.98 -10.28
N ILE C 189 32.45 -20.71 -9.25
CA ILE C 189 32.20 -21.31 -7.95
C ILE C 189 31.36 -20.37 -7.10
N ALA C 190 30.85 -19.30 -7.72
CA ALA C 190 30.01 -18.33 -7.04
C ALA C 190 28.81 -17.89 -7.86
N SER C 191 28.99 -17.63 -9.16
CA SER C 191 27.86 -17.30 -10.04
C SER C 191 28.06 -18.09 -11.35
N ASN C 192 27.49 -17.61 -12.46
CA ASN C 192 27.36 -18.38 -13.70
C ASN C 192 26.36 -19.54 -13.52
N ARG C 193 26.36 -20.53 -14.41
CA ARG C 193 25.14 -21.29 -14.69
C ARG C 193 25.22 -22.78 -14.33
N GLN C 194 26.18 -23.17 -13.50
CA GLN C 194 26.01 -24.42 -12.74
C GLN C 194 26.86 -24.31 -11.49
N VAL C 195 26.45 -23.45 -10.56
CA VAL C 195 27.31 -23.17 -9.42
C VAL C 195 27.54 -24.45 -8.63
N SER C 196 26.50 -25.30 -8.54
CA SER C 196 26.62 -26.53 -7.80
C SER C 196 27.67 -27.46 -8.40
N PHE C 197 27.60 -27.68 -9.72
CA PHE C 197 28.51 -28.62 -10.35
C PHE C 197 29.93 -28.05 -10.47
N TYR C 198 30.06 -26.75 -10.83
CA TYR C 198 31.42 -26.21 -10.97
C TYR C 198 32.07 -26.04 -9.58
N SER C 199 31.29 -25.86 -8.52
CA SER C 199 31.85 -25.91 -7.17
C SER C 199 32.29 -27.34 -6.82
N GLN C 200 31.52 -28.33 -7.26
CA GLN C 200 31.84 -29.71 -7.00
C GLN C 200 33.22 -30.06 -7.55
N THR C 201 33.56 -29.50 -8.72
CA THR C 201 34.69 -29.94 -9.51
C THR C 201 35.88 -29.00 -9.54
N TRP C 202 35.71 -27.73 -9.13
CA TRP C 202 36.76 -26.74 -9.38
C TRP C 202 38.09 -27.12 -8.72
N GLY C 203 38.08 -27.39 -7.41
CA GLY C 203 39.32 -27.74 -6.73
C GLY C 203 40.01 -28.95 -7.31
N ASP C 204 39.25 -30.01 -7.63
CA ASP C 204 39.85 -31.18 -8.26
C ASP C 204 40.46 -30.82 -9.62
N SER C 205 39.81 -29.92 -10.37
CA SER C 205 40.30 -29.58 -11.70
CA SER C 205 40.30 -29.58 -11.70
C SER C 205 41.67 -28.92 -11.64
N LEU C 206 41.99 -28.26 -10.52
CA LEU C 206 43.28 -27.59 -10.40
C LEU C 206 44.44 -28.57 -10.42
N ASP C 207 44.18 -29.86 -10.19
CA ASP C 207 45.23 -30.85 -10.25
C ASP C 207 45.58 -31.28 -11.67
N HIS C 208 44.74 -30.96 -12.67
CA HIS C 208 45.06 -31.31 -14.04
C HIS C 208 44.87 -30.18 -15.02
N ALA C 209 44.40 -29.03 -14.59
CA ALA C 209 44.22 -27.87 -15.46
C ALA C 209 44.98 -26.67 -14.89
N LYS C 210 45.55 -25.88 -15.78
CA LYS C 210 46.07 -24.56 -15.44
C LYS C 210 44.94 -23.55 -15.62
N VAL C 211 44.70 -22.72 -14.61
CA VAL C 211 43.50 -21.88 -14.56
C VAL C 211 43.93 -20.42 -14.42
N VAL C 212 43.46 -19.59 -15.35
CA VAL C 212 43.72 -18.15 -15.36
C VAL C 212 42.38 -17.43 -15.30
N VAL C 213 42.20 -16.52 -14.33
CA VAL C 213 40.96 -15.77 -14.19
C VAL C 213 41.26 -14.28 -14.39
N VAL C 214 40.57 -13.69 -15.36
CA VAL C 214 40.73 -12.29 -15.74
C VAL C 214 39.53 -11.52 -15.21
N ASP C 215 39.75 -10.69 -14.21
CA ASP C 215 38.63 -10.00 -13.54
C ASP C 215 39.20 -8.79 -12.83
N PRO C 216 38.56 -7.63 -12.92
CA PRO C 216 39.09 -6.45 -12.20
C PRO C 216 39.14 -6.61 -10.68
N ARG C 217 38.40 -7.57 -10.11
CA ARG C 217 38.48 -7.86 -8.68
C ARG C 217 38.95 -9.30 -8.49
N LEU C 218 39.49 -9.56 -7.30
CA LEU C 218 39.90 -10.90 -6.90
C LEU C 218 38.65 -11.68 -6.47
N SER C 219 38.09 -12.40 -7.42
CA SER C 219 36.92 -13.22 -7.15
C SER C 219 37.33 -14.50 -6.44
N ALA C 220 36.31 -15.22 -5.93
CA ALA C 220 36.56 -16.53 -5.32
C ALA C 220 37.31 -17.44 -6.29
N SER C 221 36.89 -17.47 -7.56
CA SER C 221 37.58 -18.30 -8.56
C SER C 221 39.02 -17.85 -8.79
N ALA C 222 39.25 -16.53 -8.88
CA ALA C 222 40.62 -16.03 -9.04
C ALA C 222 41.49 -16.37 -7.83
N ALA C 223 40.92 -16.37 -6.63
CA ALA C 223 41.66 -16.77 -5.45
C ALA C 223 42.02 -18.25 -5.47
N LYS C 224 41.26 -19.05 -6.21
CA LYS C 224 41.57 -20.46 -6.41
C LYS C 224 42.06 -20.71 -7.83
N ALA C 225 42.87 -19.81 -8.36
CA ALA C 225 43.39 -19.95 -9.71
C ALA C 225 44.91 -19.86 -9.70
N HIS C 226 45.52 -20.34 -10.79
CA HIS C 226 46.97 -20.22 -10.92
C HIS C 226 47.42 -18.81 -11.30
N LYS C 227 46.52 -17.97 -11.80
CA LYS C 227 46.86 -16.59 -12.12
C LYS C 227 45.61 -15.75 -12.08
N TRP C 228 45.68 -14.64 -11.34
CA TRP C 228 44.67 -13.59 -11.39
C TRP C 228 45.22 -12.44 -12.22
N ILE C 229 44.55 -12.14 -13.33
CA ILE C 229 44.88 -10.98 -14.16
C ILE C 229 43.87 -9.89 -13.84
N PRO C 230 44.25 -8.81 -13.12
CA PRO C 230 43.30 -7.76 -12.69
C PRO C 230 43.09 -6.73 -13.79
N ILE C 231 42.34 -7.15 -14.81
CA ILE C 231 42.19 -6.35 -16.02
C ILE C 231 41.47 -5.04 -15.75
N GLU C 232 41.87 -3.98 -16.45
CA GLU C 232 41.08 -2.76 -16.43
C GLU C 232 39.72 -3.08 -17.05
N PRO C 233 38.60 -2.68 -16.42
CA PRO C 233 37.28 -2.94 -17.02
C PRO C 233 37.20 -2.53 -18.49
N GLY C 234 36.65 -3.43 -19.31
CA GLY C 234 36.44 -3.18 -20.72
C GLY C 234 37.60 -3.47 -21.64
N GLN C 235 38.71 -4.00 -21.13
CA GLN C 235 39.88 -4.26 -21.97
C GLN C 235 40.13 -5.75 -22.23
N ASP C 236 39.16 -6.60 -21.90
CA ASP C 236 39.34 -8.06 -22.03
C ASP C 236 39.73 -8.48 -23.43
N SER C 237 39.11 -7.91 -24.45
CA SER C 237 39.39 -8.37 -25.81
C SER C 237 40.84 -8.13 -26.20
N VAL C 238 41.53 -7.15 -25.58
CA VAL C 238 42.94 -6.92 -25.89
C VAL C 238 43.76 -8.19 -25.59
N LEU C 239 43.48 -8.82 -24.44
CA LEU C 239 44.21 -10.02 -24.07
C LEU C 239 43.82 -11.19 -24.96
N ALA C 240 42.53 -11.33 -25.25
CA ALA C 240 42.09 -12.44 -26.08
C ALA C 240 42.69 -12.36 -27.46
N LEU C 241 42.76 -11.15 -28.02
CA LEU C 241 43.30 -10.98 -29.36
C LEU C 241 44.81 -11.23 -29.38
N ALA C 242 45.53 -10.75 -28.39
CA ALA C 242 46.97 -11.00 -28.35
C ALA C 242 47.26 -12.48 -28.15
N ILE C 243 46.44 -13.20 -27.39
CA ILE C 243 46.65 -14.66 -27.26
C ILE C 243 46.52 -15.34 -28.61
N ALA C 244 45.48 -14.99 -29.36
CA ALA C 244 45.28 -15.54 -30.70
C ALA C 244 46.46 -15.22 -31.60
N HIS C 245 46.92 -13.97 -31.56
CA HIS C 245 48.08 -13.59 -32.34
C HIS C 245 49.26 -14.50 -32.06
N VAL C 246 49.59 -14.67 -30.78
CA VAL C 246 50.75 -15.48 -30.42
C VAL C 246 50.54 -16.93 -30.86
N ALA C 247 49.31 -17.44 -30.72
CA ALA C 247 49.04 -18.81 -31.16
C ALA C 247 49.41 -18.99 -32.63
N LEU C 248 49.09 -18.01 -33.47
CA LEU C 248 49.43 -18.13 -34.89
C LEU C 248 50.94 -18.00 -35.11
N VAL C 249 51.58 -17.01 -34.46
CA VAL C 249 53.02 -16.83 -34.64
C VAL C 249 53.77 -18.08 -34.22
N GLU C 250 53.34 -18.71 -33.13
CA GLU C 250 54.00 -19.90 -32.59
C GLU C 250 53.57 -21.19 -33.27
N GLY C 251 52.53 -21.14 -34.11
CA GLY C 251 52.07 -22.32 -34.83
C GLY C 251 51.30 -23.33 -34.00
N VAL C 252 50.54 -22.88 -32.99
CA VAL C 252 49.98 -23.81 -32.01
C VAL C 252 48.45 -23.75 -31.94
N TRP C 253 47.81 -23.25 -33.00
CA TRP C 253 46.38 -23.50 -33.15
C TRP C 253 46.18 -25.01 -33.28
N HIS C 254 44.93 -25.45 -33.15
CA HIS C 254 44.62 -26.88 -33.15
C HIS C 254 44.37 -27.34 -34.59
N LYS C 255 45.38 -27.96 -35.21
CA LYS C 255 45.27 -28.27 -36.63
C LYS C 255 44.14 -29.22 -36.99
N PRO C 256 43.81 -30.24 -36.18
CA PRO C 256 42.69 -31.12 -36.58
C PRO C 256 41.38 -30.40 -36.75
N PHE C 257 41.20 -29.26 -36.08
CA PHE C 257 39.97 -28.49 -36.25
C PHE C 257 40.14 -27.35 -37.25
N VAL C 258 41.23 -26.61 -37.19
CA VAL C 258 41.41 -25.39 -37.96
C VAL C 258 41.94 -25.66 -39.36
N GLY C 259 42.88 -26.58 -39.49
CA GLY C 259 43.60 -26.77 -40.74
C GLY C 259 45.06 -26.39 -40.59
N ASP C 260 45.72 -26.20 -41.74
CA ASP C 260 47.14 -25.93 -41.73
C ASP C 260 47.52 -25.35 -43.10
N PHE C 261 48.70 -24.75 -43.14
CA PHE C 261 49.27 -24.31 -44.41
C PHE C 261 49.51 -25.49 -45.35
N ILE C 262 49.24 -25.27 -46.65
CA ILE C 262 49.37 -26.33 -47.65
C ILE C 262 50.78 -26.87 -47.71
N GLU C 263 51.78 -26.00 -47.65
CA GLU C 263 53.17 -26.43 -47.70
C GLU C 263 53.79 -26.65 -46.31
N GLY C 264 52.98 -26.68 -45.26
CA GLY C 264 53.47 -27.05 -43.95
C GLY C 264 54.13 -25.97 -43.12
N LYS C 265 54.95 -25.12 -43.75
CA LYS C 265 55.64 -24.06 -43.04
C LYS C 265 54.65 -23.00 -42.54
N ASN C 266 54.86 -22.53 -41.31
CA ASN C 266 54.00 -21.51 -40.73
C ASN C 266 54.36 -20.14 -41.32
N LEU C 267 53.42 -19.54 -42.05
CA LEU C 267 53.69 -18.26 -42.72
C LEU C 267 53.22 -17.05 -41.93
N PHE C 268 52.62 -17.24 -40.74
CA PHE C 268 52.15 -16.12 -39.93
C PHE C 268 53.34 -15.47 -39.23
N LYS C 269 53.76 -14.32 -39.75
CA LYS C 269 54.82 -13.50 -39.18
C LYS C 269 54.21 -12.17 -38.75
N ALA C 270 54.52 -11.72 -37.54
CA ALA C 270 53.87 -10.54 -36.99
C ALA C 270 53.91 -9.40 -37.99
N GLY C 271 52.76 -8.74 -38.18
CA GLY C 271 52.67 -7.56 -39.00
C GLY C 271 52.56 -7.76 -40.49
N LYS C 272 52.67 -8.99 -40.98
CA LYS C 272 52.80 -9.25 -42.41
C LYS C 272 51.65 -10.08 -42.95
N THR C 273 51.14 -9.65 -44.10
CA THR C 273 50.03 -10.29 -44.78
C THR C 273 50.45 -11.65 -45.31
N VAL C 274 49.46 -12.54 -45.42
CA VAL C 274 49.64 -13.93 -45.85
C VAL C 274 48.62 -14.22 -46.94
N SER C 275 49.00 -15.01 -47.94
CA SER C 275 48.03 -15.37 -48.98
C SER C 275 46.95 -16.30 -48.42
N VAL C 276 45.68 -15.92 -48.60
CA VAL C 276 44.58 -16.75 -48.13
C VAL C 276 44.66 -18.14 -48.73
N GLU C 277 45.10 -18.25 -50.00
CA GLU C 277 45.18 -19.51 -50.71
C GLU C 277 46.33 -20.41 -50.26
N SER C 278 47.23 -19.92 -49.41
CA SER C 278 48.32 -20.75 -48.91
C SER C 278 47.90 -21.64 -47.74
N PHE C 279 46.69 -21.44 -47.20
CA PHE C 279 46.20 -22.15 -46.03
C PHE C 279 44.95 -22.93 -46.41
N LYS C 280 44.82 -24.15 -45.91
CA LYS C 280 43.65 -24.97 -46.13
C LYS C 280 42.93 -25.18 -44.80
N GLU C 281 41.80 -24.50 -44.63
CA GLU C 281 41.03 -24.65 -43.40
C GLU C 281 40.19 -25.92 -43.44
N THR C 282 40.00 -26.53 -42.27
CA THR C 282 39.25 -27.78 -42.18
C THR C 282 37.82 -27.49 -41.76
N HIS C 283 37.62 -27.12 -40.50
CA HIS C 283 36.28 -26.87 -39.99
C HIS C 283 35.99 -25.42 -39.66
N THR C 284 36.95 -24.52 -39.92
CA THR C 284 36.82 -23.10 -39.68
C THR C 284 36.76 -22.35 -41.01
N TYR C 285 36.35 -21.09 -40.93
CA TYR C 285 36.38 -20.21 -42.08
C TYR C 285 36.90 -18.84 -41.66
N GLY C 286 37.88 -18.32 -42.41
CA GLY C 286 38.27 -16.94 -42.26
C GLY C 286 39.53 -16.66 -41.49
N LEU C 287 40.31 -17.69 -41.15
CA LEU C 287 41.48 -17.48 -40.32
C LEU C 287 42.46 -16.48 -40.94
N VAL C 288 42.80 -16.66 -42.22
CA VAL C 288 43.84 -15.82 -42.82
C VAL C 288 43.31 -14.41 -43.05
N GLU C 289 42.05 -14.27 -43.45
CA GLU C 289 41.44 -12.95 -43.58
C GLU C 289 41.48 -12.20 -42.24
N TRP C 290 41.15 -12.88 -41.16
CA TRP C 290 41.27 -12.28 -39.83
C TRP C 290 42.68 -11.80 -39.56
N TRP C 291 43.67 -12.64 -39.81
CA TRP C 291 45.06 -12.23 -39.67
C TRP C 291 45.37 -10.99 -40.51
N ASN C 292 45.01 -11.02 -41.81
CA ASN C 292 45.42 -9.95 -42.71
C ASN C 292 44.75 -8.63 -42.36
N GLN C 293 43.51 -8.67 -41.86
CA GLN C 293 42.75 -7.46 -41.62
C GLN C 293 42.97 -6.88 -40.23
N ALA C 294 43.45 -7.66 -39.27
CA ALA C 294 43.59 -7.14 -37.92
C ALA C 294 44.56 -7.92 -37.05
N LEU C 295 44.44 -9.26 -37.03
CA LEU C 295 45.13 -10.01 -35.99
C LEU C 295 46.65 -9.96 -36.14
N LYS C 296 47.16 -9.71 -37.34
CA LYS C 296 48.61 -9.68 -37.56
C LYS C 296 49.29 -8.58 -36.75
N ASP C 297 48.54 -7.56 -36.33
CA ASP C 297 49.13 -6.43 -35.60
C ASP C 297 48.74 -6.42 -34.13
N TYR C 298 47.98 -7.42 -33.66
CA TYR C 298 47.61 -7.51 -32.25
C TYR C 298 48.68 -8.26 -31.45
N THR C 299 49.87 -7.66 -31.40
CA THR C 299 51.03 -8.27 -30.79
C THR C 299 50.96 -8.20 -29.27
N PRO C 300 51.75 -9.01 -28.57
CA PRO C 300 51.81 -8.88 -27.10
C PRO C 300 52.27 -7.51 -26.66
N GLU C 301 53.16 -6.86 -27.42
CA GLU C 301 53.60 -5.51 -27.07
C GLU C 301 52.46 -4.50 -27.22
N TRP C 302 51.66 -4.62 -28.30
CA TRP C 302 50.46 -3.81 -28.45
C TRP C 302 49.54 -3.98 -27.26
N ALA C 303 49.34 -5.22 -26.82
CA ALA C 303 48.44 -5.52 -25.72
C ALA C 303 48.97 -5.00 -24.40
N SER C 304 50.27 -5.18 -24.18
CA SER C 304 50.88 -4.72 -22.93
C SER C 304 50.78 -3.21 -22.79
N LYS C 305 50.91 -2.47 -23.90
CA LYS C 305 50.83 -1.02 -23.82
C LYS C 305 49.45 -0.57 -23.34
N ILE C 306 48.40 -1.27 -23.78
CA ILE C 306 47.04 -0.91 -23.38
C ILE C 306 46.72 -1.39 -21.97
N THR C 307 47.13 -2.62 -21.63
CA THR C 307 46.62 -3.30 -20.43
C THR C 307 47.58 -3.30 -19.25
N GLY C 308 48.89 -3.14 -19.50
CA GLY C 308 49.88 -3.30 -18.46
C GLY C 308 50.26 -4.75 -18.19
N ILE C 309 49.65 -5.70 -18.88
CA ILE C 309 50.01 -7.10 -18.72
C ILE C 309 51.40 -7.33 -19.31
N ASP C 310 52.21 -8.10 -18.59
CA ASP C 310 53.55 -8.46 -19.07
C ASP C 310 53.43 -9.22 -20.39
N PRO C 311 54.11 -8.78 -21.46
CA PRO C 311 53.99 -9.54 -22.72
C PRO C 311 54.46 -10.97 -22.57
N LYS C 312 55.41 -11.24 -21.67
CA LYS C 312 55.87 -12.61 -21.45
C LYS C 312 54.75 -13.49 -20.90
N THR C 313 53.85 -12.90 -20.10
CA THR C 313 52.70 -13.65 -19.59
C THR C 313 51.72 -13.99 -20.69
N ILE C 314 51.45 -13.04 -21.58
CA ILE C 314 50.56 -13.31 -22.71
C ILE C 314 51.12 -14.45 -23.55
N ILE C 315 52.42 -14.40 -23.86
CA ILE C 315 53.05 -15.42 -24.69
C ILE C 315 53.00 -16.78 -24.01
N ALA C 316 53.30 -16.82 -22.71
CA ALA C 316 53.27 -18.08 -21.99
C ALA C 316 51.86 -18.68 -21.95
N ILE C 317 50.84 -17.85 -21.74
CA ILE C 317 49.47 -18.34 -21.76
C ILE C 317 49.14 -18.96 -23.10
N ALA C 318 49.47 -18.25 -24.20
CA ALA C 318 49.14 -18.75 -25.52
C ALA C 318 49.82 -20.10 -25.78
N LYS C 319 51.08 -20.24 -25.38
CA LYS C 319 51.79 -21.50 -25.55
C LYS C 319 51.21 -22.61 -24.68
N ASP C 320 50.83 -22.28 -23.43
CA ASP C 320 50.20 -23.29 -22.58
C ASP C 320 48.88 -23.77 -23.18
N MET C 321 48.06 -22.82 -23.67
CA MET C 321 46.82 -23.20 -24.33
C MET C 321 47.09 -24.06 -25.56
N GLY C 322 48.10 -23.68 -26.34
CA GLY C 322 48.46 -24.51 -27.49
C GLY C 322 48.81 -25.93 -27.10
N ALA C 323 49.55 -26.11 -25.99
CA ALA C 323 49.94 -27.45 -25.58
C ALA C 323 48.78 -28.23 -24.98
N ALA C 324 47.79 -27.54 -24.41
CA ALA C 324 46.60 -28.19 -23.85
C ALA C 324 45.57 -28.56 -24.89
N ALA C 325 45.60 -27.92 -26.07
CA ALA C 325 44.54 -28.09 -27.05
C ALA C 325 44.34 -29.57 -27.37
N PRO C 326 43.10 -30.02 -27.60
CA PRO C 326 41.85 -29.25 -27.60
C PRO C 326 41.14 -29.17 -26.24
N ALA C 327 41.82 -29.56 -25.17
CA ALA C 327 41.21 -29.53 -23.82
C ALA C 327 41.37 -28.14 -23.20
N VAL C 328 40.83 -27.17 -23.91
CA VAL C 328 40.98 -25.73 -23.62
C VAL C 328 39.58 -25.13 -23.64
N GLN C 329 39.26 -24.32 -22.63
CA GLN C 329 37.95 -23.68 -22.56
C GLN C 329 38.10 -22.24 -22.11
N VAL C 330 37.43 -21.36 -22.82
CA VAL C 330 37.44 -19.93 -22.53
C VAL C 330 36.03 -19.53 -22.14
N TRP C 331 35.90 -19.01 -20.93
CA TRP C 331 34.63 -18.52 -20.42
C TRP C 331 34.51 -17.01 -20.59
N THR C 332 33.32 -16.55 -20.94
CA THR C 332 33.04 -15.12 -20.84
C THR C 332 31.88 -14.89 -19.87
N SER C 333 32.03 -13.87 -19.03
CA SER C 333 30.95 -13.45 -18.16
C SER C 333 30.26 -12.20 -18.72
N ARG C 334 29.10 -11.90 -18.11
CA ARG C 334 28.45 -10.62 -18.31
C ARG C 334 29.43 -9.47 -18.19
N GLY C 335 30.35 -9.54 -17.21
CA GLY C 335 31.22 -8.42 -16.95
C GLY C 335 32.07 -8.06 -18.16
N ALA C 336 32.51 -9.08 -18.89
CA ALA C 336 33.31 -8.82 -20.08
C ALA C 336 32.47 -8.32 -21.26
N VAL C 337 31.24 -8.78 -21.40
CA VAL C 337 30.52 -8.60 -22.67
C VAL C 337 29.28 -7.69 -22.57
N MET C 338 28.72 -7.46 -21.39
CA MET C 338 27.53 -6.60 -21.29
C MET C 338 28.01 -5.15 -21.16
N GLN C 339 28.55 -4.67 -22.29
CA GLN C 339 29.13 -3.35 -22.47
C GLN C 339 28.67 -2.84 -23.84
N ALA C 340 28.70 -1.53 -24.03
CA ALA C 340 28.09 -0.94 -25.21
C ALA C 340 28.73 -1.43 -26.51
N ARG C 341 30.00 -1.85 -26.47
CA ARG C 341 30.64 -2.43 -27.65
C ARG C 341 30.98 -3.90 -27.45
N GLY C 342 30.28 -4.54 -26.52
CA GLY C 342 30.65 -5.86 -26.00
C GLY C 342 30.41 -7.01 -26.95
N THR C 343 29.59 -6.85 -27.98
CA THR C 343 29.47 -7.93 -28.98
C THR C 343 30.84 -8.42 -29.43
N TYR C 344 31.78 -7.52 -29.67
CA TYR C 344 33.09 -7.93 -30.19
C TYR C 344 34.02 -8.48 -29.11
N THR C 345 33.68 -8.32 -27.83
CA THR C 345 34.38 -9.05 -26.78
C THR C 345 33.88 -10.49 -26.72
N SER C 346 32.56 -10.69 -26.82
CA SER C 346 32.06 -12.05 -26.92
C SER C 346 32.72 -12.78 -28.09
N ILE C 347 32.79 -12.11 -29.24
CA ILE C 347 33.39 -12.72 -30.44
C ILE C 347 34.88 -12.97 -30.24
N SER C 348 35.61 -11.98 -29.72
CA SER C 348 37.07 -12.13 -29.61
C SER C 348 37.44 -13.23 -28.61
N CYS C 349 36.73 -13.31 -27.50
CA CYS C 349 37.02 -14.34 -26.51
C CYS C 349 36.59 -15.72 -27.02
N HIS C 350 35.39 -15.81 -27.59
CA HIS C 350 34.90 -17.11 -28.04
C HIS C 350 35.70 -17.62 -29.24
N ALA C 351 36.28 -16.71 -30.04
CA ALA C 351 37.14 -17.16 -31.14
C ALA C 351 38.25 -18.09 -30.64
N LEU C 352 38.75 -17.89 -29.42
CA LEU C 352 39.79 -18.76 -28.89
C LEU C 352 39.31 -20.19 -28.70
N ASN C 353 38.02 -20.39 -28.44
CA ASN C 353 37.47 -21.74 -28.32
C ASN C 353 37.53 -22.49 -29.66
N GLY C 354 37.48 -21.77 -30.77
CA GLY C 354 37.67 -22.40 -32.05
C GLY C 354 39.15 -22.56 -32.40
N LEU C 355 39.94 -21.53 -32.11
CA LEU C 355 41.34 -21.55 -32.47
C LEU C 355 42.07 -22.70 -31.81
N PHE C 356 41.74 -23.01 -30.56
CA PHE C 356 42.37 -24.10 -29.85
C PHE C 356 41.55 -25.39 -29.90
N GLY C 357 40.48 -25.43 -30.69
CA GLY C 357 39.76 -26.67 -30.92
C GLY C 357 38.89 -27.16 -29.78
N GLY C 358 38.66 -26.32 -28.78
CA GLY C 358 37.88 -26.72 -27.62
C GLY C 358 36.42 -26.88 -27.90
N ILE C 359 35.90 -26.21 -28.92
CA ILE C 359 34.49 -26.29 -29.22
C ILE C 359 34.14 -27.74 -29.58
N ASP C 360 33.18 -28.31 -28.84
CA ASP C 360 32.69 -29.68 -28.99
C ASP C 360 33.78 -30.74 -28.74
N SER C 361 34.80 -30.40 -27.96
CA SER C 361 35.89 -31.33 -27.69
C SER C 361 35.97 -31.69 -26.20
N LYS C 362 36.64 -32.81 -25.94
CA LYS C 362 36.90 -33.25 -24.57
C LYS C 362 37.75 -32.22 -23.86
N GLY C 363 37.25 -31.76 -22.71
CA GLY C 363 37.87 -30.71 -21.94
C GLY C 363 37.56 -29.32 -22.41
N GLY C 364 36.77 -29.18 -23.49
CA GLY C 364 36.41 -27.88 -24.02
C GLY C 364 35.05 -27.42 -23.54
N LEU C 365 34.22 -26.94 -24.48
CA LEU C 365 32.88 -26.48 -24.12
C LEU C 365 31.95 -26.82 -25.27
N PHE C 366 30.67 -26.95 -24.97
CA PHE C 366 29.72 -27.27 -26.03
C PHE C 366 28.31 -26.99 -25.53
N PRO C 367 27.34 -26.99 -26.43
CA PRO C 367 25.96 -26.65 -26.03
C PRO C 367 25.32 -27.73 -25.17
N GLY C 368 24.13 -27.41 -24.68
CA GLY C 368 23.35 -28.40 -23.98
C GLY C 368 22.92 -29.53 -24.90
N ASN C 369 22.88 -30.73 -24.33
CA ASN C 369 22.42 -31.91 -25.03
C ASN C 369 20.96 -31.78 -25.47
N LYS C 370 20.61 -32.52 -26.53
CA LYS C 370 19.22 -32.60 -26.97
C LYS C 370 18.35 -33.30 -25.94
N THR C 371 17.15 -32.79 -25.72
CA THR C 371 16.14 -33.47 -24.94
C THR C 371 14.80 -33.38 -25.67
N PRO C 372 13.86 -34.26 -25.35
CA PRO C 372 12.53 -34.19 -25.99
C PRO C 372 11.51 -33.34 -25.25
N LEU C 373 11.93 -32.54 -24.27
CA LEU C 373 11.00 -31.63 -23.61
C LEU C 373 10.37 -30.70 -24.64
N LEU C 374 9.04 -30.57 -24.60
CA LEU C 374 8.35 -29.57 -25.41
C LEU C 374 8.42 -28.21 -24.73
N LYS C 375 8.50 -27.15 -25.54
CA LYS C 375 8.65 -25.80 -25.01
C LYS C 375 7.49 -24.88 -25.32
N GLU C 376 6.51 -25.33 -26.12
CA GLU C 376 5.38 -24.51 -26.50
C GLU C 376 4.11 -25.36 -26.47
N TYR C 377 3.00 -24.70 -26.16
CA TYR C 377 1.66 -25.25 -26.36
C TYR C 377 1.28 -25.13 -27.82
N PRO C 378 0.15 -25.72 -28.23
CA PRO C 378 -0.18 -25.73 -29.66
C PRO C 378 -0.33 -24.34 -30.25
N GLU C 379 -0.20 -24.27 -31.57
CA GLU C 379 -0.40 -23.02 -32.29
C GLU C 379 -1.79 -22.45 -32.00
N ALA C 380 -1.86 -21.12 -31.94
CA ALA C 380 -3.09 -20.40 -31.64
C ALA C 380 -3.70 -19.71 -32.85
N LYS C 381 -3.21 -20.02 -34.05
CA LYS C 381 -3.66 -19.32 -35.26
C LYS C 381 -5.18 -19.32 -35.41
N ALA C 382 -5.82 -20.44 -35.12
CA ALA C 382 -7.27 -20.51 -35.30
C ALA C 382 -8.03 -19.64 -34.32
N TYR C 383 -7.37 -19.15 -33.27
CA TYR C 383 -8.02 -18.38 -32.22
C TYR C 383 -7.78 -16.89 -32.32
N MET C 384 -7.00 -16.45 -33.31
CA MET C 384 -6.75 -15.04 -33.56
C MET C 384 -7.92 -14.43 -34.35
N ASP C 385 -8.57 -13.43 -33.77
CA ASP C 385 -9.57 -12.68 -34.53
C ASP C 385 -8.86 -11.55 -35.29
N GLU C 386 -9.64 -10.73 -36.01
CA GLU C 386 -9.04 -9.68 -36.83
C GLU C 386 -8.40 -8.59 -35.98
N ILE C 387 -8.97 -8.27 -34.82
CA ILE C 387 -8.34 -7.31 -33.91
C ILE C 387 -6.94 -7.78 -33.53
N ALA C 388 -6.81 -9.06 -33.17
CA ALA C 388 -5.51 -9.58 -32.74
C ALA C 388 -4.54 -9.66 -33.91
N ALA C 389 -5.01 -10.09 -35.08
CA ALA C 389 -4.13 -10.21 -36.24
C ALA C 389 -3.49 -8.88 -36.61
N LYS C 390 -4.26 -7.77 -36.50
CA LYS C 390 -3.71 -6.45 -36.79
C LYS C 390 -2.75 -6.01 -35.69
N GLY C 391 -3.09 -6.26 -34.42
CA GLY C 391 -2.29 -5.76 -33.32
C GLY C 391 -0.90 -6.39 -33.24
N VAL C 392 -0.79 -7.68 -33.52
CA VAL C 392 0.50 -8.34 -33.37
C VAL C 392 1.52 -7.92 -34.42
N LYS C 393 1.09 -7.20 -35.44
CA LYS C 393 1.99 -6.69 -36.47
C LYS C 393 2.55 -5.31 -36.12
N LYS C 394 2.13 -4.70 -35.03
CA LYS C 394 2.65 -3.38 -34.68
C LYS C 394 4.11 -3.47 -34.22
N GLU C 395 4.83 -2.35 -34.35
CA GLU C 395 6.18 -2.24 -33.81
C GLU C 395 6.16 -2.52 -32.30
N LYS C 396 7.18 -3.21 -31.81
CA LYS C 396 7.27 -3.49 -30.38
C LYS C 396 7.63 -2.25 -29.60
N ILE C 397 7.14 -2.18 -28.36
CA ILE C 397 7.33 -1.01 -27.51
C ILE C 397 8.79 -0.76 -27.20
N ASP C 398 9.65 -1.79 -27.29
CA ASP C 398 11.07 -1.62 -27.02
C ASP C 398 11.86 -1.16 -28.26
N GLN C 399 11.18 -0.86 -29.38
CA GLN C 399 11.78 -0.23 -30.55
C GLN C 399 12.80 -1.14 -31.25
N ARG C 400 12.81 -2.42 -30.96
CA ARG C 400 13.76 -3.33 -31.59
C ARG C 400 13.60 -3.25 -33.10
N GLY C 401 14.72 -3.28 -33.80
CA GLY C 401 14.71 -3.24 -35.25
C GLY C 401 14.91 -1.88 -35.87
N ARG C 402 14.81 -0.79 -35.10
CA ARG C 402 15.17 0.51 -35.64
C ARG C 402 16.65 0.52 -36.00
N LEU C 403 17.05 1.52 -36.79
CA LEU C 403 18.42 1.59 -37.28
C LEU C 403 19.43 1.42 -36.15
N GLU C 404 19.21 2.13 -35.05
CA GLU C 404 20.15 2.15 -33.93
C GLU C 404 19.88 1.05 -32.91
N PHE C 405 18.92 0.16 -33.17
CA PHE C 405 18.62 -0.94 -32.27
C PHE C 405 18.46 -2.23 -33.07
N PRO C 406 19.51 -2.67 -33.77
CA PRO C 406 19.38 -3.88 -34.61
C PRO C 406 19.03 -5.14 -33.81
N ALA C 407 19.59 -5.33 -32.62
CA ALA C 407 19.22 -6.43 -31.73
C ALA C 407 19.11 -7.75 -32.50
N LEU C 408 20.25 -8.14 -33.08
CA LEU C 408 20.32 -9.20 -34.07
C LEU C 408 20.33 -10.60 -33.47
N ALA C 409 19.35 -10.91 -32.63
CA ALA C 409 19.23 -12.26 -32.10
C ALA C 409 18.94 -13.24 -33.23
N LYS C 410 19.73 -14.31 -33.31
CA LYS C 410 19.52 -15.35 -34.30
C LYS C 410 19.52 -14.81 -35.73
N GLY C 411 20.28 -13.75 -35.97
CA GLY C 411 20.48 -13.23 -37.30
C GLY C 411 19.42 -12.29 -37.84
N LYS C 412 18.41 -11.94 -37.03
CA LYS C 412 17.25 -11.20 -37.51
C LYS C 412 17.29 -9.76 -37.00
N SER C 413 17.14 -8.80 -37.93
CA SER C 413 16.95 -7.41 -37.53
C SER C 413 15.69 -7.30 -36.67
N GLY C 414 15.83 -6.72 -35.49
CA GLY C 414 14.72 -6.67 -34.57
C GLY C 414 14.32 -8.00 -33.99
N GLY C 415 15.25 -8.97 -33.97
CA GLY C 415 14.94 -10.30 -33.51
C GLY C 415 14.96 -10.45 -32.01
N GLY C 416 15.66 -9.57 -31.31
CA GLY C 416 15.88 -9.69 -29.88
C GLY C 416 15.13 -8.62 -29.09
N VAL C 417 14.78 -8.97 -27.86
CA VAL C 417 14.18 -8.03 -26.93
C VAL C 417 15.19 -6.96 -26.54
N ILE C 418 14.69 -5.78 -26.18
CA ILE C 418 15.52 -4.72 -25.60
C ILE C 418 14.80 -4.27 -24.33
N THR C 419 14.90 -5.10 -23.29
CA THR C 419 14.12 -4.94 -22.06
C THR C 419 14.17 -3.53 -21.51
N ALA C 420 15.38 -3.01 -21.28
CA ALA C 420 15.53 -1.72 -20.60
C ALA C 420 14.96 -0.58 -21.44
N ASN C 421 14.97 -0.73 -22.76
CA ASN C 421 14.47 0.32 -23.63
C ASN C 421 12.95 0.34 -23.67
N ALA C 422 12.29 -0.73 -23.23
CA ALA C 422 10.83 -0.67 -23.12
C ALA C 422 10.41 0.46 -22.18
N ALA C 423 11.20 0.73 -21.13
CA ALA C 423 10.88 1.86 -20.26
C ALA C 423 10.92 3.18 -21.04
N ASN C 424 11.85 3.29 -22.01
CA ASN C 424 11.98 4.53 -22.79
C ASN C 424 10.84 4.65 -23.80
N GLY C 425 10.46 3.54 -24.44
CA GLY C 425 9.31 3.58 -25.31
C GLY C 425 8.04 3.96 -24.57
N ILE C 426 7.85 3.41 -23.37
CA ILE C 426 6.65 3.72 -22.59
C ILE C 426 6.65 5.17 -22.16
N ARG C 427 7.75 5.65 -21.59
CA ARG C 427 7.75 7.00 -21.04
C ARG C 427 7.76 8.06 -22.13
N ASN C 428 8.14 7.72 -23.36
CA ASN C 428 8.02 8.63 -24.49
C ASN C 428 6.83 8.32 -25.38
N GLN C 429 6.04 7.31 -25.04
CA GLN C 429 4.91 6.87 -25.87
CA GLN C 429 4.91 6.87 -25.87
C GLN C 429 5.34 6.73 -27.33
N ASP C 430 6.47 6.07 -27.55
CA ASP C 430 7.08 5.88 -28.83
C ASP C 430 7.50 4.43 -28.93
N PRO C 431 6.86 3.60 -29.78
CA PRO C 431 5.93 3.90 -30.86
C PRO C 431 4.52 4.32 -30.47
N TYR C 432 4.10 4.04 -29.24
CA TYR C 432 2.75 4.37 -28.79
C TYR C 432 2.71 4.20 -27.27
N GLU C 433 1.59 4.58 -26.69
CA GLU C 433 1.38 4.45 -25.26
C GLU C 433 1.07 3.01 -24.86
N ILE C 434 1.60 2.59 -23.71
CA ILE C 434 1.16 1.34 -23.07
C ILE C 434 0.13 1.71 -22.02
N LYS C 435 -1.07 1.14 -22.15
CA LYS C 435 -2.21 1.45 -21.30
C LYS C 435 -2.54 0.35 -20.31
N VAL C 436 -2.22 -0.91 -20.61
CA VAL C 436 -2.47 -2.04 -19.71
C VAL C 436 -1.22 -2.89 -19.66
N MET C 437 -0.76 -3.20 -18.46
CA MET C 437 0.45 -3.99 -18.31
C MET C 437 0.22 -5.09 -17.29
N LEU C 438 0.61 -6.31 -17.66
CA LEU C 438 0.69 -7.44 -16.73
C LEU C 438 2.15 -7.85 -16.66
N ALA C 439 2.66 -8.02 -15.45
CA ALA C 439 4.08 -8.32 -15.24
C ALA C 439 4.20 -9.41 -14.20
N TYR C 440 5.17 -10.31 -14.37
CA TYR C 440 5.37 -11.32 -13.35
C TYR C 440 6.83 -11.64 -13.12
N PHE C 441 7.15 -11.87 -11.85
CA PHE C 441 8.43 -12.46 -11.45
C PHE C 441 9.59 -11.54 -11.83
N ASN C 442 9.35 -10.22 -11.77
CA ASN C 442 10.26 -9.22 -12.32
C ASN C 442 10.33 -8.01 -11.40
N ASN C 443 11.44 -7.29 -11.45
CA ASN C 443 11.55 -6.08 -10.63
C ASN C 443 12.43 -5.05 -11.34
N PHE C 444 11.97 -4.58 -12.51
CA PHE C 444 12.86 -3.87 -13.42
C PHE C 444 13.30 -2.51 -12.92
N ASN C 445 12.55 -1.88 -12.00
CA ASN C 445 12.98 -0.62 -11.42
C ASN C 445 14.29 -0.78 -10.64
N PHE C 446 14.52 -1.98 -10.12
CA PHE C 446 15.67 -2.33 -9.32
C PHE C 446 16.74 -3.04 -10.14
N SER C 447 16.33 -3.87 -11.11
CA SER C 447 17.27 -4.72 -11.82
C SER C 447 17.78 -4.15 -13.14
N ASN C 448 17.11 -3.13 -13.71
CA ASN C 448 17.56 -2.51 -14.95
C ASN C 448 18.44 -1.30 -14.65
N PRO C 449 19.43 -1.02 -15.49
CA PRO C 449 20.20 0.22 -15.32
C PRO C 449 19.32 1.46 -15.33
N GLU C 450 19.69 2.43 -14.50
CA GLU C 450 18.96 3.68 -14.43
C GLU C 450 17.46 3.39 -14.28
N GLY C 451 17.14 2.55 -13.30
CA GLY C 451 15.78 2.10 -13.08
C GLY C 451 14.78 3.18 -12.76
N GLN C 452 15.24 4.40 -12.44
CA GLN C 452 14.29 5.49 -12.28
C GLN C 452 13.49 5.72 -13.56
N ARG C 453 14.01 5.27 -14.71
CA ARG C 453 13.24 5.37 -15.95
C ARG C 453 12.01 4.49 -15.89
N TRP C 454 12.07 3.36 -15.18
CA TRP C 454 10.89 2.53 -14.97
C TRP C 454 9.93 3.18 -13.97
N ASP C 455 10.45 3.86 -12.94
CA ASP C 455 9.58 4.66 -12.09
C ASP C 455 8.72 5.59 -12.94
N GLU C 456 9.36 6.34 -13.83
CA GLU C 456 8.67 7.30 -14.68
C GLU C 456 7.69 6.61 -15.63
N ALA C 457 8.16 5.56 -16.30
CA ALA C 457 7.33 4.86 -17.27
C ALA C 457 6.09 4.29 -16.61
N LEU C 458 6.26 3.58 -15.48
CA LEU C 458 5.14 2.92 -14.85
C LEU C 458 4.15 3.93 -14.30
N SER C 459 4.63 5.09 -13.87
CA SER C 459 3.73 6.13 -13.37
C SER C 459 2.83 6.65 -14.47
N LYS C 460 3.17 6.41 -15.73
CA LYS C 460 2.41 6.86 -16.88
C LYS C 460 1.54 5.76 -17.49
N VAL C 461 1.54 4.57 -16.90
CA VAL C 461 0.73 3.46 -17.42
C VAL C 461 -0.60 3.47 -16.70
N ASP C 462 -1.69 3.45 -17.46
CA ASP C 462 -3.02 3.62 -16.88
CA ASP C 462 -3.01 3.63 -16.88
C ASP C 462 -3.38 2.48 -15.94
N PHE C 463 -3.02 1.25 -16.29
CA PHE C 463 -3.36 0.12 -15.43
C PHE C 463 -2.27 -0.93 -15.48
N MET C 464 -1.70 -1.25 -14.32
CA MET C 464 -0.70 -2.31 -14.26
C MET C 464 -1.00 -3.26 -13.11
N ALA C 465 -0.78 -4.54 -13.37
CA ALA C 465 -0.91 -5.61 -12.38
C ALA C 465 0.41 -6.36 -12.31
N HIS C 466 0.85 -6.64 -11.08
CA HIS C 466 2.11 -7.30 -10.81
C HIS C 466 1.86 -8.63 -10.12
N ILE C 467 2.38 -9.70 -10.70
CA ILE C 467 2.29 -11.04 -10.12
C ILE C 467 3.62 -11.30 -9.41
N THR C 468 3.57 -11.40 -8.09
CA THR C 468 4.75 -11.32 -7.26
C THR C 468 4.42 -11.95 -5.90
N THR C 469 5.47 -12.39 -5.20
CA THR C 469 5.36 -12.89 -3.83
C THR C 469 5.42 -11.77 -2.80
N ASN C 470 6.23 -10.75 -3.08
CA ASN C 470 6.56 -9.67 -2.18
C ASN C 470 6.20 -8.35 -2.86
N VAL C 471 5.93 -7.33 -2.05
CA VAL C 471 5.74 -5.98 -2.60
C VAL C 471 7.13 -5.40 -2.85
N SER C 472 7.62 -5.54 -4.08
CA SER C 472 8.94 -5.06 -4.43
C SER C 472 8.83 -3.66 -5.01
N GLU C 473 9.97 -3.12 -5.46
CA GLU C 473 10.00 -1.77 -5.99
C GLU C 473 9.08 -1.61 -7.21
N PHE C 474 9.07 -2.59 -8.11
CA PHE C 474 8.15 -2.57 -9.25
C PHE C 474 6.69 -2.58 -8.78
N SER C 475 6.39 -3.34 -7.72
CA SER C 475 5.01 -3.45 -7.23
C SER C 475 4.47 -2.10 -6.76
N TRP C 476 5.35 -1.22 -6.29
CA TRP C 476 4.94 0.09 -5.76
C TRP C 476 4.12 0.88 -6.78
N PHE C 477 4.30 0.60 -8.07
CA PHE C 477 3.66 1.35 -9.13
C PHE C 477 2.43 0.64 -9.67
N ALA C 478 2.03 -0.47 -9.05
CA ALA C 478 0.93 -1.27 -9.57
C ALA C 478 -0.42 -0.74 -9.13
N ASP C 479 -1.42 -0.96 -9.98
CA ASP C 479 -2.80 -0.79 -9.58
C ASP C 479 -3.33 -2.01 -8.84
N VAL C 480 -2.89 -3.20 -9.23
CA VAL C 480 -3.37 -4.44 -8.63
C VAL C 480 -2.17 -5.34 -8.39
N LEU C 481 -2.16 -5.99 -7.23
CA LEU C 481 -1.18 -7.00 -6.89
C LEU C 481 -1.85 -8.37 -6.92
N LEU C 482 -1.23 -9.33 -7.60
CA LEU C 482 -1.72 -10.69 -7.73
C LEU C 482 -0.70 -11.60 -7.07
N PRO C 483 -0.94 -12.08 -5.85
CA PRO C 483 0.15 -12.73 -5.12
C PRO C 483 0.41 -14.13 -5.66
N SER C 484 1.68 -14.39 -5.94
CA SER C 484 2.09 -15.66 -6.51
C SER C 484 2.39 -16.71 -5.45
N SER C 485 1.97 -17.93 -5.74
CA SER C 485 2.48 -19.09 -5.02
C SER C 485 3.97 -19.19 -5.28
N HIS C 486 4.73 -19.56 -4.25
CA HIS C 486 6.18 -19.51 -4.38
C HIS C 486 6.67 -20.59 -5.34
N HIS C 487 7.51 -20.19 -6.30
CA HIS C 487 7.88 -21.09 -7.39
C HIS C 487 8.51 -22.40 -6.90
N MET C 488 9.22 -22.37 -5.80
CA MET C 488 10.04 -23.52 -5.44
C MET C 488 9.31 -24.50 -4.52
N PHE C 489 8.25 -24.05 -3.85
CA PHE C 489 7.59 -24.87 -2.84
C PHE C 489 6.10 -25.07 -3.07
N GLU C 490 5.45 -24.21 -3.87
CA GLU C 490 4.00 -24.20 -4.00
C GLU C 490 3.56 -24.25 -5.45
N LYS C 491 4.43 -24.67 -6.37
CA LYS C 491 4.17 -24.56 -7.79
C LYS C 491 4.51 -25.84 -8.55
N TRP C 492 3.71 -26.11 -9.59
CA TRP C 492 4.06 -27.08 -10.62
C TRP C 492 4.80 -26.36 -11.76
N GLY C 493 5.99 -26.85 -12.09
CA GLY C 493 6.77 -26.26 -13.16
C GLY C 493 7.73 -27.28 -13.72
N VAL C 494 8.50 -26.86 -14.73
CA VAL C 494 9.55 -27.72 -15.27
C VAL C 494 10.68 -26.82 -15.76
N LEU C 495 11.91 -27.25 -15.51
CA LEU C 495 13.12 -26.53 -15.84
C LEU C 495 14.12 -27.53 -16.42
N ASP C 496 15.28 -27.02 -16.84
CA ASP C 496 16.39 -27.83 -17.35
C ASP C 496 17.71 -27.27 -16.81
N SER C 497 18.77 -28.07 -16.93
CA SER C 497 20.11 -27.66 -16.51
C SER C 497 21.09 -28.44 -17.38
N ILE C 498 22.28 -27.86 -17.58
CA ILE C 498 23.32 -28.52 -18.36
C ILE C 498 24.64 -28.45 -17.62
N GLY C 499 25.45 -29.47 -17.81
CA GLY C 499 26.74 -29.60 -17.17
C GLY C 499 27.07 -31.06 -17.01
N ASN C 500 28.35 -31.32 -16.74
CA ASN C 500 28.82 -32.69 -16.55
C ASN C 500 28.58 -33.55 -17.79
N GLY C 501 28.52 -32.91 -18.97
CA GLY C 501 28.31 -33.59 -20.24
C GLY C 501 26.88 -33.97 -20.54
N VAL C 502 25.92 -33.58 -19.71
CA VAL C 502 24.54 -33.96 -19.92
C VAL C 502 23.63 -32.76 -19.77
N ALA C 503 22.39 -32.95 -20.22
CA ALA C 503 21.28 -32.06 -19.96
C ALA C 503 20.27 -32.83 -19.11
N GLN C 504 19.66 -32.16 -18.16
CA GLN C 504 18.61 -32.77 -17.36
C GLN C 504 17.37 -31.89 -17.43
N ILE C 505 16.23 -32.54 -17.25
CA ILE C 505 14.92 -31.89 -17.16
C ILE C 505 14.38 -32.20 -15.77
N SER C 506 13.99 -31.16 -15.01
CA SER C 506 13.58 -31.40 -13.64
C SER C 506 12.21 -30.79 -13.38
N ILE C 507 11.52 -31.40 -12.41
CA ILE C 507 10.18 -31.01 -11.99
C ILE C 507 10.26 -29.97 -10.90
N GLN C 508 9.28 -29.08 -10.89
CA GLN C 508 8.89 -28.29 -9.74
C GLN C 508 7.52 -28.79 -9.31
N GLN C 509 7.33 -29.08 -8.03
CA GLN C 509 6.05 -29.55 -7.54
C GLN C 509 5.84 -29.01 -6.14
N PRO C 510 4.59 -28.83 -5.71
CA PRO C 510 4.35 -28.35 -4.34
C PRO C 510 4.87 -29.37 -3.32
N SER C 511 5.60 -28.89 -2.32
CA SER C 511 6.05 -29.76 -1.25
C SER C 511 5.38 -29.45 0.08
N ILE C 512 4.62 -28.36 0.15
CA ILE C 512 3.88 -27.98 1.35
C ILE C 512 2.46 -27.63 0.94
N LYS C 513 1.57 -27.65 1.92
CA LYS C 513 0.24 -27.09 1.68
C LYS C 513 0.38 -25.59 1.45
N ARG C 514 -0.35 -25.06 0.48
CA ARG C 514 -0.23 -23.64 0.15
C ARG C 514 -0.47 -22.78 1.38
N LEU C 515 0.45 -21.84 1.63
CA LEU C 515 0.41 -21.07 2.86
C LEU C 515 -0.76 -20.08 2.85
N TRP C 516 -0.87 -19.30 1.78
CA TRP C 516 -1.74 -18.13 1.72
C TRP C 516 -2.65 -18.23 0.49
N ASP C 517 -3.45 -17.19 0.27
CA ASP C 517 -4.43 -17.16 -0.81
C ASP C 517 -3.75 -16.67 -2.09
N THR C 518 -2.81 -17.49 -2.56
CA THR C 518 -2.01 -17.17 -3.73
C THR C 518 -2.35 -18.11 -4.87
N ARG C 519 -1.81 -17.81 -6.05
CA ARG C 519 -2.03 -18.64 -7.23
C ARG C 519 -0.72 -18.73 -8.01
N ILE C 520 -0.60 -19.79 -8.80
CA ILE C 520 0.61 -20.02 -9.59
C ILE C 520 0.61 -19.08 -10.79
N ASP C 521 1.69 -18.30 -10.91
CA ASP C 521 1.81 -17.27 -11.93
C ASP C 521 1.53 -17.75 -13.34
N GLU C 522 2.17 -18.84 -13.76
CA GLU C 522 2.16 -19.22 -15.18
C GLU C 522 1.02 -20.16 -15.57
N SER C 523 0.20 -20.61 -14.62
CA SER C 523 -0.82 -21.59 -14.96
C SER C 523 -2.17 -21.15 -14.39
N GLU C 524 -2.29 -21.13 -13.07
CA GLU C 524 -3.58 -20.81 -12.48
C GLU C 524 -4.03 -19.40 -12.85
N ILE C 525 -3.12 -18.43 -12.83
CA ILE C 525 -3.56 -17.06 -13.09
C ILE C 525 -4.03 -16.87 -14.53
N PRO C 526 -3.29 -17.29 -15.56
CA PRO C 526 -3.84 -17.15 -16.93
C PRO C 526 -5.12 -17.95 -17.16
N TYR C 527 -5.27 -19.10 -16.51
CA TYR C 527 -6.52 -19.87 -16.57
C TYR C 527 -7.67 -19.06 -15.99
N MET C 528 -7.48 -18.51 -14.79
CA MET C 528 -8.53 -17.73 -14.16
C MET C 528 -8.83 -16.45 -14.94
N LEU C 529 -7.79 -15.81 -15.50
CA LEU C 529 -7.99 -14.61 -16.30
C LEU C 529 -8.73 -14.93 -17.58
N ALA C 530 -8.39 -16.04 -18.21
CA ALA C 530 -9.11 -16.45 -19.42
C ALA C 530 -10.58 -16.69 -19.13
N LYS C 531 -10.88 -17.31 -17.98
CA LYS C 531 -12.27 -17.52 -17.60
C LYS C 531 -12.98 -16.18 -17.42
N LYS C 532 -12.32 -15.22 -16.76
CA LYS C 532 -12.95 -13.91 -16.55
C LYS C 532 -13.17 -13.18 -17.88
N LEU C 533 -12.17 -13.22 -18.78
CA LEU C 533 -12.31 -12.58 -20.08
C LEU C 533 -13.47 -13.17 -20.87
N ALA C 534 -13.64 -14.50 -20.78
CA ALA C 534 -14.75 -15.16 -21.46
C ALA C 534 -16.09 -14.72 -20.88
N ASP C 535 -16.19 -14.60 -19.55
CA ASP C 535 -17.40 -14.08 -18.92
C ASP C 535 -17.75 -12.70 -19.46
N LYS C 536 -16.75 -11.91 -19.82
CA LYS C 536 -16.94 -10.54 -20.27
C LYS C 536 -16.96 -10.42 -21.79
N GLY C 537 -17.03 -11.56 -22.49
CA GLY C 537 -17.31 -11.55 -23.92
C GLY C 537 -16.14 -11.80 -24.83
N PHE C 538 -14.96 -12.12 -24.31
CA PHE C 538 -13.77 -12.38 -25.11
C PHE C 538 -13.26 -13.76 -24.71
N ASP C 539 -13.72 -14.79 -25.44
CA ASP C 539 -13.46 -16.15 -24.98
C ASP C 539 -12.37 -16.88 -25.75
N ALA C 540 -11.66 -16.19 -26.64
CA ALA C 540 -10.61 -16.87 -27.41
C ALA C 540 -9.56 -17.49 -26.50
N PRO C 541 -9.00 -16.79 -25.49
CA PRO C 541 -8.04 -17.46 -24.61
C PRO C 541 -8.60 -18.67 -23.91
N TRP C 542 -9.83 -18.59 -23.40
CA TRP C 542 -10.44 -19.73 -22.73
C TRP C 542 -10.66 -20.91 -23.68
N ARG C 543 -11.17 -20.64 -24.88
CA ARG C 543 -11.35 -21.71 -25.85
C ARG C 543 -10.01 -22.32 -26.21
N TYR C 544 -8.99 -21.49 -26.42
CA TYR C 544 -7.67 -22.02 -26.72
C TYR C 544 -7.19 -22.95 -25.62
N ILE C 545 -7.30 -22.51 -24.37
CA ILE C 545 -6.85 -23.34 -23.25
C ILE C 545 -7.62 -24.65 -23.21
N ASN C 546 -8.95 -24.58 -23.28
CA ASN C 546 -9.77 -25.76 -23.06
C ASN C 546 -9.72 -26.75 -24.22
N GLU C 547 -9.39 -26.29 -25.42
CA GLU C 547 -9.36 -27.16 -26.59
C GLU C 547 -7.96 -27.61 -26.97
N GLN C 548 -6.93 -26.83 -26.65
CA GLN C 548 -5.57 -27.16 -27.03
C GLN C 548 -4.69 -27.66 -25.90
N ILE C 549 -4.92 -27.22 -24.67
CA ILE C 549 -4.11 -27.68 -23.54
C ILE C 549 -4.95 -28.73 -22.81
N VAL C 550 -4.83 -29.98 -23.29
CA VAL C 550 -5.59 -31.11 -22.77
C VAL C 550 -4.62 -32.19 -22.34
N ASP C 551 -5.11 -33.09 -21.49
CA ASP C 551 -4.21 -34.03 -20.86
C ASP C 551 -3.61 -34.98 -21.90
N PRO C 552 -2.30 -35.24 -21.82
CA PRO C 552 -1.68 -36.11 -22.84
C PRO C 552 -2.13 -37.55 -22.75
N GLU C 553 -2.65 -38.00 -21.61
CA GLU C 553 -3.16 -39.36 -21.49
C GLU C 553 -4.66 -39.47 -21.69
N THR C 554 -5.44 -38.57 -21.12
CA THR C 554 -6.90 -38.68 -21.21
C THR C 554 -7.51 -37.83 -22.33
N GLY C 555 -6.76 -36.87 -22.88
CA GLY C 555 -7.31 -35.96 -23.86
C GLY C 555 -8.32 -34.97 -23.32
N LYS C 556 -8.52 -34.92 -21.98
CA LYS C 556 -9.50 -34.03 -21.38
C LYS C 556 -8.87 -32.72 -20.92
N PRO C 557 -9.58 -31.61 -21.00
CA PRO C 557 -9.09 -30.37 -20.38
C PRO C 557 -9.17 -30.48 -18.86
N ALA C 558 -8.47 -29.55 -18.19
CA ALA C 558 -8.48 -29.52 -16.73
C ALA C 558 -9.87 -29.24 -16.20
N ALA C 559 -10.21 -29.87 -15.07
CA ALA C 559 -11.48 -29.63 -14.43
C ALA C 559 -11.48 -28.38 -13.55
N ASP C 560 -10.32 -27.94 -13.08
CA ASP C 560 -10.23 -26.80 -12.16
C ASP C 560 -8.80 -26.27 -12.17
N GLU C 561 -8.57 -25.21 -11.38
CA GLU C 561 -7.28 -24.52 -11.34
C GLU C 561 -6.15 -25.47 -10.98
N ALA C 562 -6.33 -26.22 -9.89
CA ALA C 562 -5.25 -27.08 -9.40
C ALA C 562 -4.89 -28.14 -10.42
N GLU C 563 -5.89 -28.75 -11.06
CA GLU C 563 -5.59 -29.73 -12.09
C GLU C 563 -4.86 -29.08 -13.26
N PHE C 564 -5.27 -27.86 -13.63
CA PHE C 564 -4.61 -27.18 -14.75
C PHE C 564 -3.13 -26.89 -14.46
N ALA C 565 -2.81 -26.53 -13.22
CA ALA C 565 -1.42 -26.28 -12.84
C ALA C 565 -0.55 -27.49 -13.14
N LYS C 566 -1.03 -28.69 -12.80
CA LYS C 566 -0.27 -29.92 -13.06
C LYS C 566 -0.33 -30.29 -14.54
N LEU C 567 -1.48 -30.09 -15.18
CA LEU C 567 -1.63 -30.43 -16.60
CA LEU C 567 -1.63 -30.43 -16.60
C LEU C 567 -0.62 -29.69 -17.45
N MET C 568 -0.36 -28.41 -17.15
CA MET C 568 0.60 -27.64 -17.94
CA MET C 568 0.58 -27.68 -17.99
C MET C 568 1.96 -28.33 -17.99
N VAL C 569 2.37 -28.92 -16.86
CA VAL C 569 3.63 -29.65 -16.81
C VAL C 569 3.51 -31.02 -17.49
N ARG C 570 2.43 -31.75 -17.21
CA ARG C 570 2.22 -33.04 -17.85
C ARG C 570 2.27 -32.92 -19.38
N TYR C 571 1.68 -31.87 -19.93
CA TYR C 571 1.58 -31.71 -21.38
C TYR C 571 2.98 -31.61 -22.01
N LEU C 572 3.83 -30.75 -21.45
CA LEU C 572 5.13 -30.51 -22.08
C LEU C 572 6.13 -31.64 -21.81
N THR C 573 5.96 -32.38 -20.71
CA THR C 573 6.92 -33.42 -20.37
C THR C 573 6.51 -34.81 -20.85
N ALA C 574 5.35 -34.97 -21.47
CA ALA C 574 4.90 -36.29 -21.88
C ALA C 574 5.93 -37.06 -22.72
N PRO C 575 6.72 -36.44 -23.59
CA PRO C 575 7.74 -37.21 -24.31
C PRO C 575 8.76 -37.89 -23.43
N LEU C 576 8.91 -37.46 -22.19
CA LEU C 576 9.88 -38.05 -21.26
C LEU C 576 9.33 -39.25 -20.51
N TRP C 577 8.04 -39.27 -20.22
CA TRP C 577 7.47 -40.29 -19.35
C TRP C 577 6.33 -41.08 -19.97
N LYS C 578 5.68 -40.56 -21.01
CA LYS C 578 4.63 -41.29 -21.70
C LYS C 578 5.20 -42.11 -22.83
N GLU C 579 6.19 -41.56 -23.52
CA GLU C 579 6.94 -42.25 -24.56
C GLU C 579 8.24 -42.80 -23.98
N ASP C 580 8.91 -43.60 -24.79
CA ASP C 580 10.22 -44.15 -24.48
C ASP C 580 11.24 -43.15 -24.99
N ALA C 581 11.92 -42.46 -24.07
CA ALA C 581 12.90 -41.44 -24.43
C ALA C 581 14.33 -41.99 -24.45
N SER C 582 14.49 -43.32 -24.49
CA SER C 582 15.79 -43.97 -24.42
CA SER C 582 15.81 -43.94 -24.39
C SER C 582 16.77 -43.48 -25.48
N LYS C 583 16.25 -43.05 -26.64
CA LYS C 583 17.13 -42.55 -27.69
C LYS C 583 17.91 -41.32 -27.23
N TYR C 584 17.35 -40.54 -26.32
CA TYR C 584 17.95 -39.29 -25.86
C TYR C 584 18.55 -39.37 -24.48
N GLY C 585 18.22 -40.39 -23.69
CA GLY C 585 18.61 -40.44 -22.29
C GLY C 585 17.81 -41.46 -21.51
N ASP C 586 17.30 -41.06 -20.35
CA ASP C 586 16.60 -41.99 -19.49
C ASP C 586 15.31 -42.51 -20.11
N LYS C 587 15.00 -43.76 -19.78
CA LYS C 587 13.69 -44.35 -20.00
C LYS C 587 12.91 -44.30 -18.69
N LEU C 588 11.79 -43.57 -18.70
CA LEU C 588 10.93 -43.45 -17.54
C LEU C 588 9.64 -44.23 -17.80
N SER C 589 9.13 -44.90 -16.76
CA SER C 589 7.99 -45.78 -16.90
CA SER C 589 7.98 -45.78 -16.92
C SER C 589 6.65 -45.06 -16.81
N SER C 590 6.61 -43.90 -16.15
CA SER C 590 5.32 -43.26 -15.89
C SER C 590 5.54 -41.84 -15.42
N TRP C 591 4.44 -41.08 -15.44
CA TRP C 591 4.44 -39.76 -14.80
C TRP C 591 4.83 -39.86 -13.32
N ASP C 592 4.29 -40.85 -12.62
CA ASP C 592 4.60 -40.99 -11.19
C ASP C 592 6.10 -41.20 -10.95
N GLU C 593 6.76 -41.99 -11.82
CA GLU C 593 8.20 -42.20 -11.64
C GLU C 593 8.96 -40.90 -11.87
N PHE C 594 8.55 -40.11 -12.88
CA PHE C 594 9.15 -38.81 -13.14
C PHE C 594 9.00 -37.90 -11.93
N VAL C 595 7.80 -37.87 -11.35
CA VAL C 595 7.54 -37.02 -10.19
C VAL C 595 8.36 -37.48 -9.00
N GLN C 596 8.47 -38.80 -8.81
CA GLN C 596 9.18 -39.31 -7.65
C GLN C 596 10.68 -39.06 -7.78
N LYS C 597 11.27 -39.42 -8.92
CA LYS C 597 12.69 -39.18 -9.13
C LYS C 597 12.96 -37.67 -9.23
N GLY C 598 12.08 -36.95 -9.90
CA GLY C 598 12.12 -35.52 -10.02
C GLY C 598 12.96 -34.98 -11.16
N VAL C 599 13.61 -35.85 -11.92
CA VAL C 599 14.56 -35.41 -12.94
C VAL C 599 14.70 -36.50 -13.98
N TRP C 600 14.91 -36.07 -15.23
CA TRP C 600 15.22 -36.92 -16.37
C TRP C 600 16.59 -36.51 -16.88
N ASN C 601 17.47 -37.46 -17.10
CA ASN C 601 18.84 -37.19 -17.53
C ASN C 601 19.08 -37.63 -18.97
N SER C 602 19.79 -36.79 -19.74
CA SER C 602 20.18 -37.18 -21.09
C SER C 602 21.36 -38.14 -21.07
N SER C 603 21.63 -38.71 -22.24
CA SER C 603 22.87 -39.42 -22.50
C SER C 603 24.04 -38.43 -22.53
N PRO C 604 25.27 -38.92 -22.50
CA PRO C 604 26.43 -38.01 -22.59
C PRO C 604 26.52 -37.34 -23.94
N TYR C 605 27.15 -36.16 -23.94
CA TYR C 605 27.33 -35.39 -25.17
C TYR C 605 28.31 -36.12 -26.09
N LYS C 606 27.95 -36.22 -27.37
CA LYS C 606 28.80 -36.86 -28.36
C LYS C 606 29.83 -35.87 -28.88
N LEU C 607 31.09 -36.08 -28.54
CA LEU C 607 32.11 -35.10 -28.87
C LEU C 607 32.26 -34.97 -30.38
N GLU C 608 32.53 -33.74 -30.81
CA GLU C 608 32.68 -33.34 -32.20
C GLU C 608 31.38 -33.46 -32.98
N ALA C 609 30.24 -33.56 -32.28
CA ALA C 609 28.95 -33.71 -32.96
C ALA C 609 28.71 -32.62 -34.00
N ARG C 610 29.07 -31.38 -33.69
CA ARG C 610 28.75 -30.27 -34.58
C ARG C 610 29.85 -29.95 -35.59
N TRP C 611 31.01 -30.59 -35.47
CA TRP C 611 32.09 -30.35 -36.41
C TRP C 611 31.61 -30.62 -37.83
N GLY C 612 31.85 -29.68 -38.72
CA GLY C 612 31.43 -29.85 -40.10
C GLY C 612 29.96 -29.61 -40.37
N LYS C 613 29.18 -29.25 -39.36
CA LYS C 613 27.77 -28.97 -39.55
C LYS C 613 27.28 -27.89 -38.57
N PHE C 614 28.07 -26.83 -38.40
CA PHE C 614 27.60 -25.71 -37.60
C PHE C 614 26.47 -24.97 -38.36
N LYS C 615 25.56 -24.39 -37.60
CA LYS C 615 24.42 -23.68 -38.17
C LYS C 615 24.79 -22.25 -38.50
N THR C 616 25.92 -22.08 -39.17
CA THR C 616 26.40 -20.79 -39.66
C THR C 616 26.19 -20.73 -41.17
N GLU C 617 26.39 -19.55 -41.74
CA GLU C 617 26.24 -19.38 -43.18
C GLU C 617 27.15 -20.33 -43.96
N THR C 618 28.38 -20.54 -43.48
CA THR C 618 29.35 -21.39 -44.17
C THR C 618 29.32 -22.86 -43.75
N THR C 619 28.61 -23.17 -42.67
CA THR C 619 28.63 -24.42 -41.89
C THR C 619 29.95 -24.61 -41.15
N LYS C 620 30.84 -23.60 -41.17
CA LYS C 620 32.11 -23.64 -40.45
C LYS C 620 32.05 -22.81 -39.18
N PHE C 621 33.07 -22.98 -38.34
CA PHE C 621 33.33 -22.07 -37.23
C PHE C 621 33.96 -20.81 -37.82
N GLU C 622 33.28 -19.68 -37.72
CA GLU C 622 33.59 -18.52 -38.54
C GLU C 622 34.43 -17.50 -37.76
N PHE C 623 35.74 -17.49 -38.05
CA PHE C 623 36.58 -16.36 -37.65
C PHE C 623 36.23 -15.11 -38.45
N TYR C 624 35.86 -15.27 -39.72
CA TYR C 624 35.26 -14.20 -40.52
C TYR C 624 33.78 -14.54 -40.62
N SER C 625 32.95 -13.82 -39.85
CA SER C 625 31.55 -14.23 -39.72
C SER C 625 30.71 -13.72 -40.88
N LYS C 626 30.62 -14.53 -41.93
CA LYS C 626 29.63 -14.32 -42.96
C LYS C 626 28.22 -14.33 -42.39
N THR C 627 28.02 -15.07 -41.30
CA THR C 627 26.72 -15.08 -40.62
C THR C 627 26.36 -13.68 -40.11
N LEU C 628 27.31 -13.01 -39.46
CA LEU C 628 27.05 -11.66 -38.97
C LEU C 628 26.95 -10.66 -40.12
N GLU C 629 27.76 -10.86 -41.16
CA GLU C 629 27.65 -10.00 -42.33
C GLU C 629 26.24 -10.07 -42.93
N LYS C 630 25.69 -11.29 -43.06
CA LYS C 630 24.36 -11.43 -43.63
C LYS C 630 23.30 -10.74 -42.76
N ALA C 631 23.44 -10.85 -41.44
CA ALA C 631 22.48 -10.20 -40.54
C ALA C 631 22.61 -8.68 -40.62
N LEU C 632 23.83 -8.17 -40.63
CA LEU C 632 24.02 -6.73 -40.75
C LEU C 632 23.57 -6.23 -42.13
N GLN C 633 23.86 -6.99 -43.20
CA GLN C 633 23.39 -6.60 -44.53
C GLN C 633 21.86 -6.49 -44.55
N SER C 634 21.18 -7.44 -43.90
CA SER C 634 19.72 -7.40 -43.85
C SER C 634 19.23 -6.13 -43.15
N HIS C 635 19.85 -5.80 -42.02
CA HIS C 635 19.45 -4.61 -41.28
C HIS C 635 19.74 -3.35 -42.08
N ALA C 636 20.91 -3.30 -42.72
CA ALA C 636 21.27 -2.16 -43.55
C ALA C 636 20.31 -1.98 -44.71
N ASP C 637 19.97 -3.08 -45.41
CA ASP C 637 19.05 -3.00 -46.54
C ASP C 637 17.67 -2.51 -46.10
N LYS C 638 17.21 -2.98 -44.95
CA LYS C 638 15.93 -2.55 -44.39
C LYS C 638 15.87 -1.05 -44.20
N HIS C 639 16.99 -0.43 -43.81
CA HIS C 639 17.03 1.01 -43.53
C HIS C 639 17.70 1.81 -44.62
N LYS C 640 17.97 1.16 -45.76
CA LYS C 640 18.53 1.82 -46.95
C LYS C 640 19.83 2.55 -46.63
N VAL C 641 20.71 1.90 -45.88
CA VAL C 641 22.02 2.44 -45.56
C VAL C 641 23.07 1.33 -45.77
N SER C 642 24.33 1.71 -45.64
CA SER C 642 25.43 0.76 -45.73
C SER C 642 25.67 0.14 -44.36
N ILE C 643 26.42 -0.97 -44.34
CA ILE C 643 26.77 -1.58 -43.05
C ILE C 643 27.63 -0.62 -42.24
N ASP C 644 28.58 0.06 -42.88
CA ASP C 644 29.38 1.06 -42.15
C ASP C 644 28.48 2.12 -41.48
N GLU C 645 27.42 2.57 -42.15
CA GLU C 645 26.52 3.52 -41.53
C GLU C 645 25.76 2.91 -40.36
N VAL C 646 25.46 1.61 -40.43
CA VAL C 646 24.87 0.95 -39.26
C VAL C 646 25.83 1.01 -38.08
N MET C 647 27.09 0.67 -38.33
CA MET C 647 28.07 0.63 -37.25
C MET C 647 28.20 2.02 -36.61
N LYS C 648 28.25 3.06 -37.43
CA LYS C 648 28.33 4.43 -36.92
C LYS C 648 27.09 4.80 -36.10
N ALA C 649 25.91 4.44 -36.61
CA ALA C 649 24.67 4.76 -35.91
C ALA C 649 24.58 4.02 -34.58
N CYS C 650 25.26 2.89 -34.46
CA CYS C 650 25.23 2.08 -33.24
C CYS C 650 26.45 2.30 -32.36
N ASP C 651 27.33 3.24 -32.75
CA ASP C 651 28.49 3.69 -31.98
C ASP C 651 29.55 2.60 -31.78
N TYR C 652 29.74 1.76 -32.78
CA TYR C 652 30.90 0.89 -32.84
C TYR C 652 31.99 1.56 -33.65
N GLN C 653 33.23 1.20 -33.36
CA GLN C 653 34.37 1.72 -34.11
C GLN C 653 34.58 0.96 -35.41
N ALA C 654 34.13 -0.28 -35.49
CA ALA C 654 34.38 -1.11 -36.67
C ALA C 654 33.85 -0.50 -37.97
N ARG C 655 34.68 -0.56 -39.02
CA ARG C 655 34.27 -0.23 -40.38
C ARG C 655 34.81 -1.31 -41.31
N GLY C 656 34.19 -1.44 -42.48
CA GLY C 656 34.65 -2.45 -43.43
C GLY C 656 34.67 -3.84 -42.84
N HIS C 657 35.74 -4.59 -43.16
CA HIS C 657 35.82 -5.99 -42.76
C HIS C 657 35.85 -6.19 -41.25
N LEU C 658 36.29 -5.17 -40.51
CA LEU C 658 36.38 -5.28 -39.06
C LEU C 658 35.04 -5.59 -38.43
N ALA C 659 33.93 -5.24 -39.09
CA ALA C 659 32.62 -5.53 -38.53
C ALA C 659 32.34 -7.02 -38.44
N PHE C 660 33.10 -7.87 -39.14
CA PHE C 660 32.81 -9.29 -39.24
C PHE C 660 33.86 -10.17 -38.59
N ILE C 661 34.88 -9.59 -37.98
CA ILE C 661 35.98 -10.38 -37.42
C ILE C 661 36.22 -9.95 -35.97
N PRO C 662 36.89 -10.81 -35.20
CA PRO C 662 37.34 -10.38 -33.86
C PRO C 662 38.33 -9.23 -33.97
N HIS C 663 38.07 -8.18 -33.21
CA HIS C 663 38.90 -6.99 -33.26
C HIS C 663 38.67 -6.18 -32.00
N TYR C 664 39.55 -5.21 -31.79
CA TYR C 664 39.55 -4.40 -30.58
C TYR C 664 38.64 -3.19 -30.75
N GLU C 665 37.59 -3.13 -29.93
CA GLU C 665 36.80 -1.93 -29.74
C GLU C 665 37.25 -1.28 -28.44
N GLU C 666 37.69 -0.02 -28.50
CA GLU C 666 37.98 0.71 -27.27
C GLU C 666 36.70 0.75 -26.44
N PRO C 667 36.77 0.46 -25.15
CA PRO C 667 35.54 0.41 -24.36
C PRO C 667 34.88 1.78 -24.25
N TYR C 668 33.57 1.78 -24.39
CA TYR C 668 32.79 2.99 -24.17
C TYR C 668 32.89 3.41 -22.70
N ARG C 669 33.07 4.71 -22.47
CA ARG C 669 33.09 5.27 -21.13
C ARG C 669 32.15 6.47 -21.09
N PHE C 670 31.46 6.68 -19.98
CA PHE C 670 30.55 7.83 -19.85
C PHE C 670 30.93 8.68 -18.65
N GLY C 671 31.14 9.97 -18.90
CA GLY C 671 31.43 10.92 -17.86
C GLY C 671 32.86 11.43 -17.91
N ASP C 672 33.05 12.60 -17.31
CA ASP C 672 34.36 13.22 -17.23
C ASP C 672 35.21 12.49 -16.20
N GLU C 673 36.34 11.93 -16.65
CA GLU C 673 37.20 11.16 -15.77
C GLU C 673 37.83 12.02 -14.66
N SER C 674 37.97 13.33 -14.87
CA SER C 674 38.53 14.17 -13.81
C SER C 674 37.52 14.36 -12.68
N GLU C 675 36.23 14.43 -13.01
CA GLU C 675 35.20 14.53 -11.98
C GLU C 675 34.82 13.16 -11.39
N PHE C 676 34.88 12.10 -12.20
CA PHE C 676 34.46 10.76 -11.79
C PHE C 676 35.63 9.82 -12.00
N PRO C 677 36.56 9.73 -11.04
CA PRO C 677 37.85 9.07 -11.32
C PRO C 677 37.87 7.56 -11.15
N LEU C 678 36.80 6.93 -10.69
CA LEU C 678 36.78 5.50 -10.46
C LEU C 678 35.83 4.80 -11.43
N LEU C 679 36.20 3.60 -11.84
CA LEU C 679 35.35 2.75 -12.67
C LEU C 679 34.62 1.77 -11.77
N LEU C 680 33.29 1.71 -11.89
CA LEU C 680 32.52 0.74 -11.13
C LEU C 680 32.75 -0.67 -11.66
N VAL C 681 32.98 -1.60 -10.74
CA VAL C 681 33.06 -3.03 -11.01
C VAL C 681 31.88 -3.65 -10.27
N ASP C 682 30.76 -3.75 -10.97
CA ASP C 682 29.56 -4.41 -10.44
C ASP C 682 29.80 -5.91 -10.39
N GLN C 683 29.30 -6.55 -9.34
CA GLN C 683 29.40 -8.00 -9.16
C GLN C 683 28.14 -8.50 -8.49
N LYS C 684 27.88 -9.80 -8.60
CA LYS C 684 26.80 -10.43 -7.88
C LYS C 684 27.31 -10.92 -6.53
N SER C 685 26.43 -10.94 -5.54
CA SER C 685 26.73 -11.68 -4.31
C SER C 685 26.55 -13.17 -4.54
N ARG C 686 27.45 -13.98 -3.98
CA ARG C 686 27.26 -15.43 -4.09
C ARG C 686 26.10 -15.91 -3.24
N LEU C 687 25.49 -15.03 -2.45
CA LEU C 687 24.26 -15.35 -1.74
C LEU C 687 23.04 -14.70 -2.37
N ASN C 688 23.18 -13.98 -3.50
CA ASN C 688 22.02 -13.47 -4.22
C ASN C 688 21.32 -14.63 -4.92
N LYS C 689 20.06 -14.86 -4.60
CA LYS C 689 19.16 -15.61 -5.49
C LYS C 689 18.54 -14.56 -6.40
N GLU C 690 19.29 -14.18 -7.45
CA GLU C 690 19.00 -13.01 -8.30
C GLU C 690 18.64 -11.85 -7.37
N GLY C 691 17.56 -11.12 -7.61
CA GLY C 691 17.24 -10.00 -6.72
C GLY C 691 16.31 -10.35 -5.57
N ARG C 692 16.40 -11.59 -5.07
CA ARG C 692 15.33 -12.11 -4.23
C ARG C 692 15.75 -12.64 -2.85
N THR C 693 16.99 -12.48 -2.41
CA THR C 693 17.35 -12.89 -1.05
C THR C 693 17.71 -11.73 -0.12
N ALA C 694 17.44 -10.48 -0.52
CA ALA C 694 17.73 -9.36 0.37
C ALA C 694 16.78 -9.25 1.55
N ASN C 695 15.70 -10.02 1.58
CA ASN C 695 14.82 -10.05 2.73
C ASN C 695 15.02 -11.32 3.58
N SER C 696 16.16 -11.97 3.44
CA SER C 696 16.47 -13.17 4.20
CA SER C 696 16.49 -13.18 4.19
C SER C 696 17.54 -12.86 5.24
N PRO C 697 17.25 -12.96 6.53
CA PRO C 697 18.28 -12.59 7.52
C PRO C 697 19.56 -13.40 7.42
N TRP C 698 19.48 -14.65 6.98
CA TRP C 698 20.70 -15.45 6.87
C TRP C 698 21.64 -14.91 5.80
N TYR C 699 21.10 -14.24 4.78
CA TYR C 699 21.93 -13.60 3.77
C TYR C 699 22.92 -12.63 4.42
N TYR C 700 22.41 -11.78 5.31
CA TYR C 700 23.24 -10.79 5.99
C TYR C 700 24.21 -11.44 6.96
N GLU C 701 23.75 -12.48 7.66
CA GLU C 701 24.58 -13.12 8.67
C GLU C 701 25.86 -13.69 8.07
N PHE C 702 25.80 -14.11 6.80
CA PHE C 702 26.95 -14.74 6.12
C PHE C 702 27.43 -13.94 4.93
N LYS C 703 27.13 -12.63 4.87
CA LYS C 703 27.44 -11.88 3.66
C LYS C 703 28.93 -11.85 3.35
N ASP C 704 29.81 -12.03 4.34
CA ASP C 704 31.25 -11.96 4.07
C ASP C 704 31.80 -13.23 3.40
N VAL C 705 30.96 -14.20 3.02
CA VAL C 705 31.47 -15.25 2.14
C VAL C 705 31.79 -14.69 0.75
N ASP C 706 31.28 -13.51 0.38
CA ASP C 706 31.77 -12.77 -0.79
C ASP C 706 33.14 -12.20 -0.44
N PRO C 707 34.22 -12.60 -1.11
CA PRO C 707 35.56 -12.16 -0.68
C PRO C 707 35.68 -10.65 -0.63
N GLY C 708 36.12 -10.15 0.54
CA GLY C 708 36.29 -8.73 0.78
C GLY C 708 35.11 -8.03 1.41
N ASP C 709 33.94 -8.66 1.40
CA ASP C 709 32.72 -8.04 1.91
C ASP C 709 32.56 -8.27 3.40
N VAL C 710 31.48 -7.71 3.96
CA VAL C 710 31.34 -7.55 5.40
C VAL C 710 29.96 -8.02 5.81
N ALA C 711 29.91 -8.86 6.84
CA ALA C 711 28.63 -9.36 7.31
C ALA C 711 27.72 -8.21 7.73
N ASN C 712 26.43 -8.37 7.46
CA ASN C 712 25.38 -7.44 7.90
C ASN C 712 25.53 -6.03 7.35
N GLU C 713 26.30 -5.85 6.29
CA GLU C 713 26.56 -4.54 5.72
C GLU C 713 26.48 -4.62 4.20
N ASP C 714 26.38 -3.44 3.58
CA ASP C 714 26.58 -3.22 2.15
C ASP C 714 27.81 -2.36 2.00
N VAL C 715 28.88 -2.91 1.42
CA VAL C 715 30.13 -2.17 1.30
C VAL C 715 30.49 -2.03 -0.18
N ALA C 716 31.14 -0.92 -0.50
CA ALA C 716 31.86 -0.73 -1.73
C ALA C 716 33.34 -0.87 -1.39
N LYS C 717 34.05 -1.67 -2.21
CA LYS C 717 35.43 -2.04 -1.92
C LYS C 717 36.37 -1.20 -2.78
N PHE C 718 37.33 -0.55 -2.10
CA PHE C 718 38.32 0.29 -2.73
C PHE C 718 39.71 -0.28 -2.45
N ASN C 719 40.60 -0.18 -3.42
CA ASN C 719 41.99 -0.48 -3.13
C ASN C 719 42.52 0.52 -2.09
N PRO C 720 43.37 0.10 -1.15
CA PRO C 720 43.87 1.08 -0.17
C PRO C 720 44.51 2.32 -0.76
N ILE C 721 45.04 2.25 -1.98
CA ILE C 721 45.61 3.44 -2.62
C ILE C 721 44.55 4.51 -2.80
N ASP C 722 43.39 4.12 -3.32
CA ASP C 722 42.28 5.05 -3.52
C ASP C 722 41.58 5.39 -2.21
N GLY C 723 41.55 4.48 -1.25
CA GLY C 723 41.02 4.83 0.07
C GLY C 723 41.80 5.98 0.69
N LYS C 724 43.13 5.89 0.65
CA LYS C 724 43.98 6.96 1.16
C LYS C 724 43.77 8.25 0.37
N LYS C 725 43.64 8.13 -0.95
CA LYS C 725 43.46 9.31 -1.80
C LYS C 725 42.18 10.06 -1.45
N PHE C 726 41.11 9.35 -1.13
CA PHE C 726 39.82 9.96 -0.86
C PHE C 726 39.48 10.00 0.63
N GLY C 727 40.44 9.69 1.49
CA GLY C 727 40.24 9.86 2.93
C GLY C 727 39.25 8.90 3.54
N LEU C 728 39.19 7.66 3.04
CA LEU C 728 38.21 6.69 3.48
C LEU C 728 38.81 5.71 4.47
N LYS C 729 38.00 5.31 5.45
CA LYS C 729 38.35 4.23 6.36
C LYS C 729 37.24 3.20 6.39
N ASP C 730 37.62 1.97 6.72
CA ASP C 730 36.65 0.90 6.87
C ASP C 730 35.50 1.35 7.77
N GLY C 731 34.27 1.13 7.30
CA GLY C 731 33.09 1.45 8.05
C GLY C 731 32.56 2.85 7.85
N ASP C 732 33.29 3.71 7.14
CA ASP C 732 32.77 5.04 6.86
C ASP C 732 31.52 4.98 6.01
N GLU C 733 30.52 5.78 6.38
CA GLU C 733 29.36 5.97 5.52
CA GLU C 733 29.35 5.96 5.52
C GLU C 733 29.75 6.85 4.34
N ILE C 734 29.49 6.38 3.12
CA ILE C 734 29.92 7.08 1.94
C ILE C 734 28.79 7.25 0.95
N ARG C 735 28.94 8.27 0.10
CA ARG C 735 28.05 8.50 -1.03
CA ARG C 735 28.05 8.51 -1.02
C ARG C 735 28.86 8.35 -2.31
N ILE C 736 28.39 7.48 -3.20
CA ILE C 736 28.98 7.24 -4.50
C ILE C 736 28.07 7.89 -5.54
N THR C 737 28.65 8.70 -6.39
CA THR C 737 27.89 9.46 -7.38
C THR C 737 28.44 9.19 -8.78
N SER C 738 27.54 8.98 -9.73
CA SER C 738 27.88 8.95 -11.13
C SER C 738 27.18 10.09 -11.85
N PRO C 739 27.38 10.25 -13.16
CA PRO C 739 26.64 11.30 -13.90
C PRO C 739 25.12 11.14 -13.86
N VAL C 740 24.58 9.96 -13.53
CA VAL C 740 23.14 9.75 -13.59
C VAL C 740 22.48 9.51 -12.25
N GLY C 741 23.24 9.33 -11.17
CA GLY C 741 22.61 9.02 -9.90
C GLY C 741 23.62 8.82 -8.79
N MET C 742 23.11 8.41 -7.64
CA MET C 742 23.95 8.28 -6.45
C MET C 742 23.40 7.14 -5.60
N LEU C 743 24.24 6.65 -4.70
CA LEU C 743 23.80 5.75 -3.63
C LEU C 743 24.67 6.02 -2.41
N THR C 744 24.20 5.54 -1.26
CA THR C 744 25.00 5.55 -0.05
C THR C 744 25.21 4.12 0.44
N CYS C 745 26.38 3.87 1.01
CA CYS C 745 26.70 2.59 1.61
C CYS C 745 27.88 2.83 2.56
N LYS C 746 28.62 1.77 2.88
CA LYS C 746 29.81 1.86 3.71
C LYS C 746 31.04 1.53 2.88
N ALA C 747 32.19 1.99 3.33
CA ALA C 747 33.45 1.79 2.64
C ALA C 747 34.17 0.59 3.22
N LYS C 748 34.87 -0.14 2.35
CA LYS C 748 35.76 -1.22 2.74
C LYS C 748 37.03 -1.09 1.91
N LEU C 749 38.19 -1.11 2.56
CA LEU C 749 39.47 -1.09 1.86
C LEU C 749 39.97 -2.52 1.69
N TRP C 750 40.35 -2.87 0.45
CA TRP C 750 40.68 -4.25 0.13
C TRP C 750 41.68 -4.30 -1.01
N GLU C 751 42.78 -5.03 -0.81
CA GLU C 751 43.81 -5.09 -1.83
C GLU C 751 43.37 -5.89 -3.05
N GLY C 752 42.29 -6.65 -2.95
CA GLY C 752 41.76 -7.38 -4.10
C GLY C 752 41.00 -6.55 -5.11
N VAL C 753 41.04 -5.24 -4.97
CA VAL C 753 40.41 -4.30 -5.89
C VAL C 753 41.49 -3.67 -6.75
N ARG C 754 41.33 -3.71 -8.06
CA ARG C 754 42.25 -3.01 -8.95
C ARG C 754 42.22 -1.51 -8.63
N PRO C 755 43.37 -0.87 -8.42
CA PRO C 755 43.36 0.59 -8.23
C PRO C 755 42.70 1.30 -9.41
N GLY C 756 41.95 2.36 -9.09
CA GLY C 756 41.14 3.06 -10.06
C GLY C 756 39.76 2.48 -10.28
N THR C 757 39.40 1.43 -9.55
CA THR C 757 38.07 0.83 -9.64
C THR C 757 37.47 0.75 -8.23
N VAL C 758 36.17 0.50 -8.19
CA VAL C 758 35.45 0.27 -6.94
C VAL C 758 34.54 -0.92 -7.18
N ALA C 759 34.70 -1.96 -6.36
CA ALA C 759 33.99 -3.23 -6.55
C ALA C 759 32.87 -3.31 -5.54
N LYS C 760 31.63 -3.41 -6.04
CA LYS C 760 30.47 -3.42 -5.15
C LYS C 760 29.44 -4.42 -5.64
N CYS C 761 28.96 -5.26 -4.73
CA CYS C 761 27.92 -6.21 -5.07
C CYS C 761 26.60 -5.49 -5.37
N PHE C 762 25.97 -5.87 -6.47
CA PHE C 762 24.55 -5.68 -6.67
C PHE C 762 23.75 -6.54 -5.69
N GLY C 763 22.60 -6.03 -5.26
CA GLY C 763 21.65 -6.85 -4.55
C GLY C 763 21.02 -6.19 -3.35
N GLN C 764 21.73 -5.25 -2.73
CA GLN C 764 21.15 -4.45 -1.67
C GLN C 764 20.68 -3.13 -2.28
N GLY C 765 20.23 -2.22 -1.42
CA GLY C 765 19.63 -0.97 -1.86
C GLY C 765 18.14 -1.02 -2.09
N HIS C 766 17.47 -2.11 -1.71
CA HIS C 766 16.03 -2.17 -1.77
C HIS C 766 15.41 -1.13 -0.85
N TRP C 767 14.38 -0.44 -1.33
CA TRP C 767 13.57 0.40 -0.47
C TRP C 767 12.18 -0.19 -0.21
N ALA C 768 11.85 -1.31 -0.84
CA ALA C 768 10.64 -2.06 -0.53
C ALA C 768 11.06 -3.52 -0.28
N TYR C 769 10.30 -4.47 -0.84
CA TYR C 769 10.51 -5.91 -0.73
C TYR C 769 10.15 -6.45 0.65
N GLY C 770 10.71 -5.92 1.73
CA GLY C 770 10.34 -6.38 3.07
C GLY C 770 11.09 -5.64 4.15
N ARG C 771 10.85 -6.08 5.40
CA ARG C 771 11.37 -5.36 6.55
C ARG C 771 12.87 -5.55 6.75
N TYR C 772 13.45 -6.64 6.23
CA TYR C 772 14.90 -6.82 6.34
C TYR C 772 15.65 -6.19 5.17
N ALA C 773 15.02 -6.17 3.99
CA ALA C 773 15.63 -5.67 2.77
C ALA C 773 15.66 -4.15 2.71
N SER C 774 14.78 -3.48 3.45
CA SER C 774 14.69 -2.02 3.43
C SER C 774 14.99 -1.51 4.82
N ALA C 775 15.42 -0.26 4.89
CA ALA C 775 15.62 0.36 6.20
C ALA C 775 14.30 0.87 6.75
N LYS C 776 13.54 1.60 5.94
CA LYS C 776 12.16 1.98 6.28
C LYS C 776 11.32 1.62 5.05
N PHE C 777 10.43 0.64 5.20
CA PHE C 777 9.73 0.12 4.03
C PHE C 777 9.01 1.20 3.25
N GLY C 778 9.31 1.28 1.95
CA GLY C 778 8.70 2.25 1.07
C GLY C 778 9.35 3.61 1.07
N VAL C 779 10.37 3.82 1.90
CA VAL C 779 10.92 5.15 2.12
C VAL C 779 12.42 5.16 1.99
N THR C 780 13.11 4.31 2.75
CA THR C 780 14.56 4.43 2.90
C THR C 780 15.22 3.09 2.59
N PRO C 781 16.19 3.06 1.68
CA PRO C 781 16.85 1.78 1.37
C PRO C 781 17.84 1.34 2.44
N ARG C 782 18.02 0.04 2.52
CA ARG C 782 19.13 -0.56 3.24
C ARG C 782 20.26 -0.78 2.23
N GLY C 783 21.42 -0.20 2.50
CA GLY C 783 22.47 -0.27 1.52
C GLY C 783 22.17 0.64 0.33
N GLY C 784 22.84 0.35 -0.78
CA GLY C 784 22.77 1.21 -1.95
C GLY C 784 22.53 0.44 -3.23
N SER C 785 21.69 1.02 -4.10
CA SER C 785 21.18 0.34 -5.29
C SER C 785 22.13 0.61 -6.46
N ASN C 786 22.90 -0.41 -6.85
CA ASN C 786 23.92 -0.22 -7.87
C ASN C 786 23.35 0.39 -9.14
N ASN C 787 22.16 -0.05 -9.57
CA ASN C 787 21.71 0.36 -10.89
C ASN C 787 21.33 1.82 -10.97
N ASP C 788 21.19 2.51 -9.82
CA ASP C 788 21.02 3.97 -9.87
C ASP C 788 22.28 4.69 -10.36
N LEU C 789 23.42 4.03 -10.32
CA LEU C 789 24.67 4.61 -10.78
C LEU C 789 24.93 4.39 -12.28
N ILE C 790 24.23 3.45 -12.89
CA ILE C 790 24.61 2.86 -14.18
C ILE C 790 23.76 3.49 -15.27
N ALA C 791 24.40 4.29 -16.11
CA ALA C 791 23.70 4.96 -17.20
C ALA C 791 23.10 3.94 -18.16
N ASP C 792 21.91 4.25 -18.65
CA ASP C 792 21.12 3.44 -19.58
C ASP C 792 21.79 3.40 -20.95
N ARG C 793 22.53 2.31 -21.22
CA ARG C 793 23.32 2.17 -22.43
C ARG C 793 23.18 0.74 -22.95
N TYR C 794 23.50 0.57 -24.24
CA TYR C 794 23.20 -0.68 -24.94
C TYR C 794 24.34 -1.16 -25.81
N ASP C 795 24.55 -2.48 -25.82
CA ASP C 795 25.23 -3.17 -26.92
C ASP C 795 24.19 -3.33 -28.04
N ARG C 796 24.19 -2.37 -28.98
CA ARG C 796 23.05 -2.26 -29.88
C ARG C 796 22.98 -3.42 -30.87
N LEU C 797 24.10 -4.06 -31.18
CA LEU C 797 24.02 -5.22 -32.08
C LEU C 797 23.27 -6.38 -31.46
N SER C 798 23.31 -6.54 -30.13
CA SER C 798 22.59 -7.62 -29.46
C SER C 798 21.30 -7.18 -28.79
N GLY C 799 21.16 -5.89 -28.52
CA GLY C 799 20.10 -5.38 -27.69
C GLY C 799 20.42 -5.37 -26.21
N ALA C 800 21.58 -5.89 -25.80
CA ALA C 800 21.86 -6.03 -24.38
C ALA C 800 22.06 -4.69 -23.68
N SER C 801 21.60 -4.62 -22.43
CA SER C 801 21.95 -3.48 -21.59
C SER C 801 23.39 -3.62 -21.11
N ALA C 802 24.06 -2.47 -20.99
CA ALA C 802 25.42 -2.42 -20.47
C ALA C 802 25.41 -2.19 -18.96
N PHE C 803 26.13 -3.04 -18.22
CA PHE C 803 26.27 -2.90 -16.78
C PHE C 803 27.71 -2.69 -16.34
N TYR C 804 28.67 -2.67 -17.28
CA TYR C 804 30.08 -2.75 -16.95
C TYR C 804 30.86 -1.85 -17.88
N GLY C 805 32.04 -1.43 -17.41
CA GLY C 805 32.98 -0.75 -18.27
C GLY C 805 32.77 0.74 -18.45
N HIS C 806 31.52 1.18 -18.61
CA HIS C 806 31.28 2.60 -18.92
C HIS C 806 30.98 3.46 -17.69
N ILE C 807 30.88 2.86 -16.51
CA ILE C 807 30.40 3.56 -15.33
C ILE C 807 31.57 4.19 -14.58
N ARG C 808 31.65 5.51 -14.66
CA ARG C 808 32.59 6.31 -13.88
C ARG C 808 31.87 6.88 -12.67
N VAL C 809 32.51 6.83 -11.50
CA VAL C 809 31.92 7.37 -10.27
C VAL C 809 32.96 8.15 -9.47
N ARG C 810 32.45 8.92 -8.52
CA ARG C 810 33.25 9.56 -7.48
C ARG C 810 32.67 9.17 -6.13
N VAL C 811 33.45 9.37 -5.07
CA VAL C 811 33.06 8.96 -3.72
C VAL C 811 33.38 10.09 -2.75
N GLU C 812 32.55 10.21 -1.72
CA GLU C 812 32.77 11.17 -0.64
C GLU C 812 32.17 10.59 0.63
N LYS C 813 32.62 11.09 1.77
CA LYS C 813 32.02 10.73 3.04
C LYS C 813 30.71 11.48 3.22
N VAL C 814 29.75 10.83 3.87
CA VAL C 814 28.44 11.43 4.11
C VAL C 814 28.50 12.42 5.28
N MET D 1 37.44 -44.52 21.05
CA MET D 1 36.95 -43.76 19.87
C MET D 1 37.17 -42.26 20.00
N ARG D 2 37.66 -41.68 18.90
CA ARG D 2 37.94 -40.25 18.82
C ARG D 2 37.44 -39.77 17.45
N LEU D 3 36.16 -39.39 17.37
CA LEU D 3 35.65 -38.88 16.12
C LEU D 3 36.30 -37.56 15.78
N GLY D 4 36.51 -37.33 14.48
CA GLY D 4 37.00 -36.06 14.01
C GLY D 4 36.68 -35.85 12.56
N MET D 5 37.15 -34.73 12.03
CA MET D 5 36.82 -34.29 10.69
C MET D 5 38.07 -33.89 9.95
N VAL D 6 38.13 -34.24 8.67
CA VAL D 6 39.18 -33.76 7.77
C VAL D 6 38.51 -32.89 6.71
N ILE D 7 39.03 -31.69 6.54
CA ILE D 7 38.51 -30.71 5.58
C ILE D 7 39.61 -30.45 4.54
N ASP D 8 39.26 -30.65 3.27
CA ASP D 8 40.20 -30.49 2.15
C ASP D 8 40.06 -29.06 1.62
N LEU D 9 41.05 -28.21 1.94
CA LEU D 9 40.94 -26.80 1.59
C LEU D 9 41.08 -26.55 0.10
N GLN D 10 41.72 -27.46 -0.65
CA GLN D 10 41.73 -27.24 -2.09
C GLN D 10 40.34 -27.45 -2.67
N LYS D 11 39.57 -28.44 -2.17
CA LYS D 11 38.20 -28.64 -2.63
C LYS D 11 37.27 -27.53 -2.15
N CYS D 12 37.56 -26.95 -0.98
CA CYS D 12 36.67 -25.94 -0.42
C CYS D 12 36.63 -24.69 -1.30
N VAL D 13 35.42 -24.19 -1.58
CA VAL D 13 35.25 -22.98 -2.37
C VAL D 13 34.85 -21.77 -1.52
N GLY D 14 34.79 -21.92 -0.19
CA GLY D 14 34.57 -20.79 0.70
C GLY D 14 33.19 -20.21 0.62
N CYS D 15 32.18 -21.05 0.37
CA CYS D 15 30.82 -20.61 0.06
C CYS D 15 29.92 -20.46 1.27
N GLY D 16 30.28 -21.05 2.41
CA GLY D 16 29.44 -21.00 3.60
C GLY D 16 28.24 -21.92 3.59
N GLY D 17 28.14 -22.83 2.63
CA GLY D 17 26.98 -23.71 2.58
C GLY D 17 26.88 -24.60 3.81
N CYS D 18 28.02 -25.01 4.34
CA CYS D 18 28.08 -25.77 5.58
C CYS D 18 27.49 -25.00 6.74
N SER D 19 27.82 -23.72 6.85
CA SER D 19 27.34 -22.92 7.96
C SER D 19 25.84 -22.68 7.84
N LEU D 20 25.35 -22.47 6.61
CA LEU D 20 23.91 -22.29 6.40
C LEU D 20 23.16 -23.58 6.66
N ALA D 21 23.74 -24.71 6.27
CA ALA D 21 23.12 -25.99 6.58
C ALA D 21 23.02 -26.18 8.10
N CYS D 22 24.07 -25.81 8.82
CA CYS D 22 24.05 -25.88 10.29
C CYS D 22 22.90 -25.08 10.87
N LYS D 23 22.67 -23.86 10.35
CA LYS D 23 21.53 -23.06 10.78
C LYS D 23 20.21 -23.84 10.65
N THR D 24 20.00 -24.46 9.48
CA THR D 24 18.74 -25.18 9.26
C THR D 24 18.64 -26.42 10.14
N GLU D 25 19.78 -27.05 10.44
CA GLU D 25 19.76 -28.30 11.20
C GLU D 25 19.51 -28.04 12.69
N ASN D 26 20.12 -26.99 13.22
CA ASN D 26 20.27 -26.85 14.66
C ASN D 26 19.50 -25.68 15.29
N ASN D 27 18.82 -24.88 14.49
CA ASN D 27 17.86 -23.90 15.01
CA ASN D 27 17.87 -23.90 14.99
C ASN D 27 18.54 -22.82 15.84
N THR D 28 19.76 -22.47 15.47
CA THR D 28 20.49 -21.44 16.17
C THR D 28 19.81 -20.09 15.97
N ASN D 29 19.84 -19.25 17.00
CA ASN D 29 19.28 -17.93 16.93
C ASN D 29 19.98 -17.11 15.84
N ASP D 30 19.29 -16.07 15.38
CA ASP D 30 19.95 -15.13 14.49
C ASP D 30 21.22 -14.61 15.12
N GLY D 31 22.31 -14.63 14.34
CA GLY D 31 23.59 -14.19 14.83
C GLY D 31 24.44 -15.25 15.51
N ILE D 32 23.88 -16.42 15.81
CA ILE D 32 24.62 -17.52 16.42
C ILE D 32 24.88 -18.56 15.36
N HIS D 33 26.15 -18.84 15.09
CA HIS D 33 26.51 -19.79 14.04
C HIS D 33 27.56 -20.75 14.60
N TRP D 34 27.16 -22.01 14.79
CA TRP D 34 28.07 -23.03 15.28
C TRP D 34 29.18 -23.31 14.28
N SER D 35 28.80 -23.52 13.02
CA SER D 35 29.73 -23.53 11.90
C SER D 35 29.98 -22.10 11.44
N HIS D 36 31.25 -21.76 11.23
CA HIS D 36 31.55 -20.43 10.71
C HIS D 36 32.83 -20.53 9.89
N HIS D 37 33.62 -19.47 9.86
CA HIS D 37 34.81 -19.47 9.03
C HIS D 37 35.79 -18.43 9.54
N ILE D 38 37.03 -18.56 9.08
CA ILE D 38 38.07 -17.55 9.24
C ILE D 38 38.61 -17.27 7.84
N ALA D 39 38.44 -16.04 7.36
CA ALA D 39 38.96 -15.64 6.06
C ALA D 39 40.06 -14.61 6.28
N THR D 40 41.06 -14.64 5.40
CA THR D 40 42.23 -13.78 5.48
CA THR D 40 42.17 -13.72 5.48
C THR D 40 42.57 -13.27 4.08
N THR D 41 42.95 -11.99 3.98
CA THR D 41 43.51 -11.43 2.75
C THR D 41 44.92 -10.95 3.09
N GLU D 42 45.90 -11.39 2.31
CA GLU D 42 47.30 -11.06 2.53
C GLU D 42 47.91 -10.55 1.24
N GLY D 43 48.79 -9.57 1.35
CA GLY D 43 49.55 -9.09 0.22
C GLY D 43 49.03 -7.77 -0.29
N THR D 44 49.87 -7.10 -1.08
CA THR D 44 49.54 -5.84 -1.72
C THR D 44 49.29 -6.09 -3.20
N PHE D 45 48.29 -5.37 -3.75
CA PHE D 45 47.94 -5.51 -5.15
C PHE D 45 49.19 -5.42 -6.01
N PRO D 46 49.35 -6.30 -7.02
CA PRO D 46 48.43 -7.33 -7.50
C PRO D 46 48.67 -8.71 -6.89
N ASP D 47 49.61 -8.80 -5.96
CA ASP D 47 49.98 -10.11 -5.40
C ASP D 47 49.18 -10.40 -4.14
N VAL D 48 47.89 -10.68 -4.33
CA VAL D 48 46.93 -10.77 -3.24
C VAL D 48 46.48 -12.21 -3.05
N LYS D 49 46.50 -12.67 -1.81
CA LYS D 49 46.08 -14.02 -1.46
C LYS D 49 44.87 -13.94 -0.53
N TYR D 50 43.79 -14.56 -0.95
CA TYR D 50 42.58 -14.68 -0.16
C TYR D 50 42.41 -16.14 0.22
N THR D 51 42.27 -16.40 1.51
CA THR D 51 42.14 -17.74 2.07
C THR D 51 40.89 -17.81 2.93
N TYR D 52 40.24 -18.97 2.91
CA TYR D 52 39.05 -19.26 3.70
C TYR D 52 39.25 -20.58 4.42
N ILE D 53 38.98 -20.59 5.73
CA ILE D 53 39.03 -21.78 6.54
C ILE D 53 37.67 -22.00 7.21
N PRO D 54 36.94 -23.08 6.89
CA PRO D 54 35.72 -23.37 7.64
C PRO D 54 36.07 -23.79 9.06
N THR D 55 35.26 -23.33 10.02
CA THR D 55 35.49 -23.68 11.43
C THR D 55 34.24 -24.28 12.06
N LEU D 56 34.47 -25.07 13.10
CA LEU D 56 33.44 -25.69 13.92
C LEU D 56 34.11 -26.04 15.26
N CYS D 57 33.39 -26.74 16.12
CA CYS D 57 34.02 -27.24 17.35
C CYS D 57 35.02 -28.34 16.98
N ASN D 58 36.18 -28.31 17.63
CA ASN D 58 37.26 -29.26 17.36
C ASN D 58 37.17 -30.51 18.22
N HIS D 59 36.18 -30.60 19.10
CA HIS D 59 35.93 -31.79 19.94
C HIS D 59 37.23 -32.32 20.52
N CYS D 60 37.90 -31.41 21.21
CA CYS D 60 39.30 -31.56 21.59
C CYS D 60 39.56 -32.73 22.52
N ASP D 61 40.77 -33.30 22.38
CA ASP D 61 41.22 -34.34 23.28
C ASP D 61 41.29 -33.86 24.72
N ASP D 62 41.78 -32.64 24.93
CA ASP D 62 41.98 -32.05 26.27
C ASP D 62 41.28 -30.69 26.22
N ALA D 63 39.97 -30.71 26.43
CA ALA D 63 39.11 -29.59 26.10
C ALA D 63 39.03 -28.62 27.28
N PRO D 64 39.50 -27.38 27.13
CA PRO D 64 39.39 -26.45 28.26
C PRO D 64 37.95 -26.14 28.64
N CYS D 65 37.01 -26.21 27.69
CA CYS D 65 35.61 -25.95 28.01
C CYS D 65 35.08 -26.96 29.03
N VAL D 66 35.49 -28.22 28.90
CA VAL D 66 35.08 -29.25 29.84
C VAL D 66 35.77 -29.04 31.19
N LYS D 67 37.06 -28.70 31.16
CA LYS D 67 37.82 -28.55 32.40
C LYS D 67 37.30 -27.43 33.27
N VAL D 68 36.85 -26.32 32.66
CA VAL D 68 36.44 -25.17 33.45
C VAL D 68 34.99 -25.22 33.91
N CYS D 69 34.19 -26.12 33.33
CA CYS D 69 32.74 -26.11 33.59
C CYS D 69 32.47 -26.49 35.04
N PRO D 70 31.87 -25.61 35.82
CA PRO D 70 31.72 -25.88 37.26
C PRO D 70 30.68 -26.94 37.59
N THR D 71 29.74 -27.17 36.70
CA THR D 71 28.66 -28.12 36.96
C THR D 71 28.83 -29.47 36.27
N GLY D 72 29.81 -29.59 35.37
CA GLY D 72 29.91 -30.78 34.57
C GLY D 72 28.97 -30.85 33.40
N ALA D 73 28.22 -29.77 33.12
CA ALA D 73 27.31 -29.78 31.98
C ALA D 73 28.06 -30.06 30.67
N MET D 74 29.20 -29.39 30.48
CA MET D 74 30.06 -29.63 29.33
C MET D 74 30.94 -30.84 29.64
N HIS D 75 30.91 -31.85 28.76
CA HIS D 75 31.53 -33.13 29.08
C HIS D 75 31.90 -33.86 27.79
N LYS D 76 32.78 -34.84 27.93
CA LYS D 76 33.12 -35.73 26.81
C LYS D 76 32.19 -36.93 26.83
N ASP D 77 31.81 -37.42 25.65
CA ASP D 77 31.05 -38.66 25.54
C ASP D 77 31.95 -39.79 25.05
N LYS D 78 31.36 -40.98 24.88
CA LYS D 78 32.14 -42.17 24.55
C LYS D 78 32.68 -42.16 23.14
N ARG D 79 32.21 -41.26 22.29
CA ARG D 79 32.74 -41.09 20.93
C ARG D 79 33.86 -40.07 20.88
N GLY D 80 34.22 -39.44 22.00
CA GLY D 80 35.17 -38.38 21.98
C GLY D 80 34.58 -37.01 21.70
N LEU D 81 33.26 -36.91 21.59
CA LEU D 81 32.63 -35.64 21.33
C LEU D 81 32.58 -34.80 22.60
N THR D 82 32.66 -33.51 22.43
CA THR D 82 32.38 -32.58 23.53
C THR D 82 30.91 -32.21 23.39
N LEU D 83 30.10 -32.65 24.33
CA LEU D 83 28.68 -32.37 24.32
C LEU D 83 28.31 -31.63 25.59
N GLN D 84 27.10 -31.08 25.58
CA GLN D 84 26.63 -30.29 26.70
C GLN D 84 25.26 -30.80 27.14
N ASN D 85 25.12 -31.03 28.44
CA ASN D 85 23.80 -31.23 29.05
C ASN D 85 23.26 -29.83 29.31
N ASN D 86 22.47 -29.31 28.36
CA ASN D 86 22.04 -27.92 28.41
C ASN D 86 21.21 -27.63 29.67
N ASP D 87 20.46 -28.63 30.15
CA ASP D 87 19.68 -28.42 31.37
C ASP D 87 20.57 -28.11 32.57
N GLU D 88 21.81 -28.58 32.58
CA GLU D 88 22.67 -28.34 33.73
C GLU D 88 23.56 -27.11 33.56
N CYS D 89 23.40 -26.36 32.47
CA CYS D 89 24.17 -25.14 32.28
C CYS D 89 23.61 -24.00 33.13
N ILE D 90 24.49 -23.39 33.94
CA ILE D 90 24.10 -22.28 34.79
C ILE D 90 24.51 -20.94 34.20
N GLY D 91 24.97 -20.90 32.95
CA GLY D 91 25.25 -19.64 32.29
C GLY D 91 26.41 -18.86 32.88
N CYS D 92 27.42 -19.55 33.40
CA CYS D 92 28.58 -18.90 33.99
C CYS D 92 29.53 -18.36 32.93
N LYS D 93 29.39 -18.82 31.69
CA LYS D 93 30.13 -18.43 30.51
C LYS D 93 31.60 -18.86 30.53
N LYS D 94 32.04 -19.65 31.50
CA LYS D 94 33.46 -19.95 31.55
C LYS D 94 33.90 -20.74 30.31
N CYS D 95 33.06 -21.68 29.85
CA CYS D 95 33.45 -22.46 28.68
C CYS D 95 33.73 -21.54 27.49
N MET D 96 32.88 -20.53 27.31
CA MET D 96 32.97 -19.67 26.14
C MET D 96 34.27 -18.87 26.15
N ASN D 97 34.69 -18.44 27.32
CA ASN D 97 35.95 -17.71 27.46
C ASN D 97 37.16 -18.64 27.49
N ALA D 98 37.01 -19.87 27.99
CA ALA D 98 38.16 -20.78 28.05
C ALA D 98 38.48 -21.41 26.70
N CYS D 99 37.49 -21.55 25.82
CA CYS D 99 37.73 -22.18 24.54
C CYS D 99 38.69 -21.32 23.73
N PRO D 100 39.85 -21.84 23.32
CA PRO D 100 40.80 -21.02 22.55
C PRO D 100 40.31 -20.65 21.16
N TYR D 101 39.27 -21.31 20.67
CA TYR D 101 38.84 -21.19 19.29
C TYR D 101 37.65 -20.26 19.12
N GLY D 102 37.04 -19.84 20.22
CA GLY D 102 35.90 -18.94 20.16
C GLY D 102 34.67 -19.48 19.45
N VAL D 103 34.39 -20.78 19.57
CA VAL D 103 33.29 -21.35 18.81
C VAL D 103 32.01 -21.50 19.64
N ILE D 104 32.03 -21.12 20.91
CA ILE D 104 30.85 -21.21 21.78
C ILE D 104 30.13 -19.86 21.77
N SER D 105 28.81 -19.90 21.76
CA SER D 105 27.95 -18.74 21.79
C SER D 105 27.08 -18.76 23.04
N PHE D 106 26.64 -17.58 23.45
CA PHE D 106 25.80 -17.37 24.63
C PHE D 106 24.45 -16.84 24.19
N ASN D 107 23.38 -17.46 24.69
CA ASN D 107 22.03 -17.01 24.40
C ASN D 107 21.69 -15.86 25.35
N ALA D 108 22.20 -14.67 25.01
CA ALA D 108 21.87 -13.49 25.80
C ALA D 108 20.38 -13.16 25.72
N ALA D 109 19.77 -13.40 24.56
CA ALA D 109 18.34 -13.24 24.34
C ALA D 109 17.66 -14.59 24.20
N THR D 110 16.37 -14.63 24.54
CA THR D 110 15.54 -15.78 24.20
C THR D 110 15.58 -15.95 22.68
N PRO D 111 15.97 -17.11 22.16
CA PRO D 111 16.09 -17.24 20.69
C PRO D 111 14.77 -17.00 19.97
N HIS D 112 14.89 -16.43 18.76
CA HIS D 112 13.79 -16.33 17.81
C HIS D 112 12.71 -15.36 18.26
N ARG D 113 13.10 -14.38 19.07
CA ARG D 113 12.15 -13.36 19.53
C ARG D 113 11.59 -12.56 18.36
N ARG D 114 12.32 -12.46 17.25
CA ARG D 114 11.81 -11.68 16.13
C ARG D 114 10.55 -12.28 15.54
N TRP D 115 10.26 -13.56 15.82
CA TRP D 115 9.05 -14.21 15.32
C TRP D 115 7.80 -13.91 16.13
N GLN D 116 7.91 -13.19 17.25
CA GLN D 116 6.74 -12.81 18.04
C GLN D 116 6.11 -11.51 17.54
N ASP D 117 6.73 -10.85 16.57
CA ASP D 117 6.25 -9.59 16.01
C ASP D 117 5.07 -9.78 15.07
N ASP D 118 3.99 -9.03 15.28
CA ASP D 118 2.82 -9.16 14.42
C ASP D 118 2.63 -7.97 13.49
N SER D 119 3.61 -7.10 13.37
CA SER D 119 3.51 -5.97 12.45
C SER D 119 3.65 -6.41 11.00
N GLU D 120 2.97 -5.67 10.10
CA GLU D 120 2.87 -5.98 8.67
C GLU D 120 3.38 -4.80 7.85
N VAL D 121 4.20 -5.06 6.83
CA VAL D 121 4.71 -3.94 6.02
C VAL D 121 3.58 -3.34 5.17
N VAL D 122 2.60 -4.15 4.76
CA VAL D 122 1.38 -3.67 4.11
C VAL D 122 0.20 -4.21 4.90
N ALA D 123 -0.52 -3.32 5.58
CA ALA D 123 -1.55 -3.75 6.50
C ALA D 123 -2.60 -4.61 5.79
N ASN D 124 -2.96 -5.72 6.43
CA ASN D 124 -4.01 -6.61 5.92
C ASN D 124 -3.69 -7.07 4.51
N GLY D 125 -2.39 -7.13 4.18
CA GLY D 125 -2.00 -7.47 2.83
C GLY D 125 -0.82 -8.41 2.80
N THR D 126 0.31 -7.98 3.38
CA THR D 126 1.42 -8.89 3.66
C THR D 126 1.20 -9.50 5.04
N VAL D 127 1.97 -10.55 5.35
CA VAL D 127 1.78 -11.27 6.61
C VAL D 127 2.70 -10.67 7.67
N SER D 128 3.02 -11.44 8.69
CA SER D 128 3.90 -10.99 9.76
C SER D 128 4.63 -12.20 10.31
N PRO D 129 5.70 -11.99 11.08
CA PRO D 129 6.36 -13.15 11.69
C PRO D 129 5.43 -13.98 12.56
N LEU D 130 4.62 -13.34 13.40
CA LEU D 130 3.72 -14.08 14.27
C LEU D 130 2.67 -14.84 13.45
N MET D 131 2.15 -14.21 12.39
CA MET D 131 1.10 -14.84 11.60
C MET D 131 1.63 -16.07 10.89
N LEU D 132 2.87 -15.99 10.42
CA LEU D 132 3.51 -17.15 9.77
C LEU D 132 3.79 -18.25 10.78
N LEU D 133 4.25 -17.89 11.97
CA LEU D 133 4.41 -18.89 13.02
C LEU D 133 3.12 -19.65 13.26
N LYS D 134 2.01 -18.93 13.42
CA LYS D 134 0.72 -19.56 13.67
C LYS D 134 0.30 -20.42 12.49
N ARG D 135 0.49 -19.91 11.27
CA ARG D 135 0.03 -20.63 10.10
C ARG D 135 0.73 -21.98 9.97
N THR D 136 2.05 -22.02 10.24
CA THR D 136 2.82 -23.23 9.98
C THR D 136 2.77 -24.23 11.13
N GLY D 137 2.30 -23.80 12.30
CA GLY D 137 2.24 -24.65 13.47
C GLY D 137 3.52 -24.78 14.25
N ALA D 138 4.56 -24.03 13.89
CA ALA D 138 5.82 -24.10 14.61
C ALA D 138 5.72 -23.39 15.96
N THR D 139 6.62 -23.75 16.87
CA THR D 139 6.60 -23.19 18.22
C THR D 139 7.35 -21.87 18.32
N ALA D 140 8.53 -21.76 17.69
CA ALA D 140 9.37 -20.58 17.81
C ALA D 140 9.75 -19.93 16.49
N THR D 141 10.00 -20.71 15.44
CA THR D 141 10.33 -20.17 14.12
C THR D 141 9.83 -21.19 13.11
N PRO D 142 9.27 -20.75 11.97
CA PRO D 142 8.81 -21.71 10.97
C PRO D 142 9.94 -22.56 10.41
N ASN D 143 11.20 -22.17 10.64
CA ASN D 143 12.36 -22.92 10.17
C ASN D 143 12.89 -23.92 11.20
N GLU D 144 12.20 -24.14 12.32
CA GLU D 144 12.76 -24.97 13.38
C GLU D 144 12.73 -26.45 13.00
N ASN D 145 13.87 -27.13 13.24
CA ASN D 145 14.02 -28.55 12.93
C ASN D 145 13.72 -29.38 14.16
N PRO D 146 12.61 -30.12 14.20
CA PRO D 146 12.29 -30.92 15.40
C PRO D 146 13.29 -32.04 15.66
N GLU D 147 14.03 -32.50 14.64
CA GLU D 147 15.00 -33.57 14.85
C GLU D 147 16.03 -33.21 15.92
N ARG D 148 16.36 -31.92 16.00
CA ARG D 148 17.37 -31.43 16.94
C ARG D 148 17.03 -31.84 18.35
N GLY D 149 15.74 -31.90 18.67
CA GLY D 149 15.27 -32.20 20.02
C GLY D 149 15.52 -33.62 20.48
N ASP D 150 16.04 -34.49 19.60
CA ASP D 150 16.32 -35.87 19.98
C ASP D 150 17.32 -35.96 21.13
N THR D 151 18.31 -35.05 21.17
CA THR D 151 19.42 -35.19 22.10
C THR D 151 19.80 -33.88 22.77
N TYR D 152 19.11 -32.79 22.47
CA TYR D 152 19.48 -31.43 22.86
C TYR D 152 18.22 -30.59 22.72
N PRO D 153 18.12 -29.47 23.41
CA PRO D 153 16.90 -28.66 23.24
C PRO D 153 16.77 -28.20 21.78
N MET D 154 15.57 -28.39 21.21
CA MET D 154 15.32 -27.89 19.87
C MET D 154 15.56 -26.39 19.81
N ILE D 155 15.11 -25.68 20.85
CA ILE D 155 15.33 -24.25 21.04
C ILE D 155 16.00 -24.11 22.39
N ARG D 156 17.19 -23.49 22.44
CA ARG D 156 17.84 -23.39 23.75
C ARG D 156 17.26 -22.23 24.55
N PRO D 157 17.29 -22.34 25.87
CA PRO D 157 16.87 -21.21 26.71
C PRO D 157 17.92 -20.11 26.78
N LYS D 158 17.42 -18.90 27.03
CA LYS D 158 18.27 -17.78 27.43
C LYS D 158 19.16 -18.16 28.60
N ARG D 159 20.35 -17.56 28.63
CA ARG D 159 21.34 -17.75 29.67
C ARG D 159 21.99 -19.13 29.63
N THR D 160 22.01 -19.79 28.47
CA THR D 160 22.84 -20.96 28.29
C THR D 160 23.77 -20.73 27.10
N THR D 161 24.89 -21.45 27.13
CA THR D 161 25.81 -21.47 26.00
C THR D 161 25.48 -22.64 25.06
N GLU D 162 26.06 -22.60 23.87
CA GLU D 162 25.85 -23.66 22.88
C GLU D 162 26.93 -23.59 21.80
N LYS D 163 27.12 -24.72 21.13
CA LYS D 163 28.14 -24.87 20.11
C LYS D 163 27.84 -26.12 19.28
N CYS D 164 28.64 -26.31 18.24
CA CYS D 164 28.59 -27.50 17.41
C CYS D 164 28.60 -28.77 18.24
N THR D 165 27.64 -29.66 17.94
CA THR D 165 27.52 -30.95 18.60
C THR D 165 27.94 -32.10 17.70
N PHE D 166 28.61 -31.79 16.58
CA PHE D 166 28.98 -32.78 15.58
C PHE D 166 27.76 -33.51 15.05
N CYS D 167 26.60 -32.83 15.04
CA CYS D 167 25.33 -33.45 14.62
C CYS D 167 25.16 -34.82 15.28
N ASP D 168 25.47 -34.88 16.57
CA ASP D 168 25.37 -36.13 17.33
C ASP D 168 24.03 -36.84 17.12
N HIS D 169 22.93 -36.07 17.02
CA HIS D 169 21.62 -36.66 16.81
C HIS D 169 21.51 -37.36 15.47
N ARG D 170 22.21 -36.84 14.45
CA ARG D 170 22.24 -37.53 13.16
C ARG D 170 23.15 -38.75 13.23
N LEU D 171 24.31 -38.62 13.90
CA LEU D 171 25.19 -39.78 14.06
C LEU D 171 24.49 -40.94 14.75
N ASP D 172 23.61 -40.63 15.72
CA ASP D 172 22.87 -41.68 16.42
C ASP D 172 22.02 -42.52 15.49
N LYS D 173 21.57 -41.94 14.37
CA LYS D 173 20.76 -42.64 13.38
C LYS D 173 21.59 -43.17 12.20
N GLY D 174 22.91 -43.04 12.26
CA GLY D 174 23.74 -43.47 11.14
C GLY D 174 23.74 -42.52 9.96
N LEU D 175 23.35 -41.27 10.18
CA LEU D 175 23.31 -40.25 9.13
C LEU D 175 24.53 -39.34 9.27
N ASN D 176 24.79 -38.54 8.21
CA ASN D 176 25.93 -37.65 8.23
C ASN D 176 25.57 -36.32 8.86
N PRO D 177 26.57 -35.61 9.38
CA PRO D 177 26.33 -34.21 9.77
C PRO D 177 25.78 -33.39 8.62
N ALA D 178 24.94 -32.40 8.94
CA ALA D 178 24.33 -31.58 7.91
C ALA D 178 25.38 -30.90 7.04
N CYS D 179 26.44 -30.38 7.65
CA CYS D 179 27.46 -29.67 6.89
C CYS D 179 28.19 -30.58 5.93
N VAL D 180 28.35 -31.87 6.29
CA VAL D 180 29.00 -32.83 5.41
C VAL D 180 28.16 -33.06 4.16
N ASP D 181 26.85 -33.31 4.34
CA ASP D 181 25.97 -33.46 3.18
C ASP D 181 25.83 -32.15 2.38
N ALA D 182 26.04 -31.00 3.00
CA ALA D 182 25.83 -29.73 2.33
C ALA D 182 26.99 -29.31 1.45
N CYS D 183 28.14 -29.94 1.59
CA CYS D 183 29.35 -29.45 0.92
C CYS D 183 29.40 -29.93 -0.53
N PRO D 184 29.42 -29.01 -1.51
CA PRO D 184 29.28 -29.46 -2.91
C PRO D 184 30.43 -30.28 -3.40
N SER D 185 31.62 -30.09 -2.83
CA SER D 185 32.83 -30.78 -3.28
C SER D 185 33.21 -31.93 -2.36
N GLU D 186 32.36 -32.29 -1.39
CA GLU D 186 32.66 -33.32 -0.41
C GLU D 186 34.01 -33.07 0.24
N ALA D 187 34.27 -31.80 0.56
CA ALA D 187 35.51 -31.41 1.19
C ALA D 187 35.57 -31.89 2.63
N ARG D 188 34.43 -32.18 3.26
CA ARG D 188 34.37 -32.53 4.67
C ARG D 188 34.11 -34.01 4.81
N VAL D 189 34.97 -34.70 5.58
CA VAL D 189 34.86 -36.13 5.86
C VAL D 189 35.02 -36.34 7.36
N ILE D 190 34.18 -37.18 7.95
CA ILE D 190 34.30 -37.49 9.38
C ILE D 190 34.57 -38.98 9.59
N GLY D 191 35.07 -39.30 10.77
CA GLY D 191 35.30 -40.68 11.13
C GLY D 191 36.10 -40.80 12.42
N ASP D 192 36.45 -42.04 12.74
CA ASP D 192 37.13 -42.37 13.98
C ASP D 192 38.64 -42.29 13.74
N LEU D 193 39.30 -41.33 14.40
CA LEU D 193 40.74 -41.19 14.28
C LEU D 193 41.51 -42.29 15.00
N ASP D 194 40.87 -43.00 15.94
CA ASP D 194 41.50 -44.16 16.59
C ASP D 194 41.42 -45.42 15.74
N ASP D 195 40.69 -45.38 14.61
CA ASP D 195 40.62 -46.52 13.68
C ASP D 195 41.60 -46.28 12.54
N PRO D 196 42.70 -47.03 12.45
CA PRO D 196 43.69 -46.75 11.41
C PRO D 196 43.17 -46.94 9.98
N GLN D 197 42.04 -47.63 9.80
CA GLN D 197 41.46 -47.84 8.48
C GLN D 197 40.34 -46.85 8.14
N SER D 198 39.96 -45.97 9.05
CA SER D 198 38.96 -44.97 8.69
C SER D 198 39.52 -44.08 7.59
N LYS D 199 38.62 -43.52 6.77
CA LYS D 199 39.05 -42.60 5.73
C LYS D 199 39.78 -41.40 6.33
N VAL D 200 39.30 -40.88 7.47
CA VAL D 200 39.98 -39.72 8.07
C VAL D 200 41.40 -40.10 8.52
N SER D 201 41.56 -41.28 9.11
CA SER D 201 42.89 -41.69 9.54
C SER D 201 43.85 -41.80 8.35
N GLN D 202 43.35 -42.27 7.21
CA GLN D 202 44.22 -42.39 6.05
C GLN D 202 44.49 -41.03 5.42
N LEU D 203 43.49 -40.15 5.41
CA LEU D 203 43.70 -38.83 4.82
C LEU D 203 44.84 -38.11 5.54
N ILE D 204 44.92 -38.22 6.87
CA ILE D 204 45.95 -37.45 7.55
C ILE D 204 47.31 -38.14 7.52
N LYS D 205 47.37 -39.41 7.11
CA LYS D 205 48.67 -40.00 6.79
C LYS D 205 49.10 -39.70 5.37
N LEU D 206 48.15 -39.63 4.44
CA LEU D 206 48.46 -39.28 3.06
C LEU D 206 48.87 -37.83 2.92
N HIS D 207 48.53 -36.97 3.88
CA HIS D 207 48.83 -35.55 3.84
C HIS D 207 49.42 -35.06 5.17
N LYS D 208 50.17 -33.95 5.10
CA LYS D 208 50.65 -33.26 6.29
C LYS D 208 49.56 -32.29 6.71
N PRO D 209 48.72 -32.62 7.68
CA PRO D 209 47.58 -31.76 7.99
C PRO D 209 47.98 -30.56 8.83
N MET D 210 47.14 -29.54 8.74
CA MET D 210 47.22 -28.35 9.57
C MET D 210 46.09 -28.41 10.58
N GLN D 211 46.36 -27.91 11.79
CA GLN D 211 45.34 -27.76 12.81
C GLN D 211 45.33 -26.31 13.28
N LEU D 212 44.18 -25.86 13.78
CA LEU D 212 44.09 -24.53 14.34
C LEU D 212 44.69 -24.49 15.75
N LYS D 213 45.44 -23.43 16.04
CA LYS D 213 46.03 -23.17 17.35
C LYS D 213 46.56 -24.42 18.04
N PRO D 214 47.43 -25.18 17.39
CA PRO D 214 48.01 -26.35 18.05
C PRO D 214 48.80 -25.99 19.29
N GLU D 215 49.29 -24.76 19.37
CA GLU D 215 50.05 -24.32 20.53
C GLU D 215 49.20 -24.28 21.80
N ALA D 216 47.88 -24.21 21.69
CA ALA D 216 47.05 -24.20 22.89
C ALA D 216 47.04 -25.55 23.60
N GLY D 217 47.47 -26.61 22.92
CA GLY D 217 47.61 -27.91 23.55
C GLY D 217 46.33 -28.67 23.80
N THR D 218 45.25 -28.37 23.07
CA THR D 218 43.97 -29.02 23.32
C THR D 218 43.78 -30.32 22.56
N GLY D 219 44.63 -30.62 21.58
CA GLY D 219 44.44 -31.79 20.75
C GLY D 219 43.17 -31.71 19.92
N PRO D 220 43.07 -30.67 19.09
CA PRO D 220 41.87 -30.52 18.26
C PRO D 220 41.76 -31.69 17.29
N ARG D 221 40.53 -32.00 16.89
CA ARG D 221 40.31 -33.14 16.00
C ARG D 221 39.64 -32.75 14.69
N VAL D 222 39.74 -31.48 14.30
CA VAL D 222 39.52 -31.07 12.91
C VAL D 222 40.88 -30.84 12.27
N PHE D 223 41.10 -31.50 11.15
CA PHE D 223 42.36 -31.47 10.42
C PHE D 223 42.12 -30.88 9.04
N TYR D 224 43.00 -30.00 8.61
CA TYR D 224 42.89 -29.38 7.30
C TYR D 224 44.01 -29.87 6.39
N ILE D 225 43.64 -30.30 5.19
CA ILE D 225 44.66 -30.79 4.25
C ILE D 225 44.66 -29.91 3.01
N ARG D 226 45.84 -29.86 2.37
CA ARG D 226 46.07 -29.09 1.16
C ARG D 226 45.90 -27.60 1.46
N SER D 227 45.69 -26.79 0.44
CA SER D 227 45.65 -25.34 0.58
CA SER D 227 45.62 -25.35 0.61
C SER D 227 44.49 -24.77 -0.22
N PHE D 228 43.93 -23.67 0.26
CA PHE D 228 42.79 -23.04 -0.44
C PHE D 228 43.21 -22.52 -1.80
N GLY D 229 44.39 -21.93 -1.89
CA GLY D 229 44.94 -21.47 -3.16
C GLY D 229 45.98 -22.42 -3.71
N VAL D 230 46.45 -22.09 -4.91
CA VAL D 230 47.42 -22.90 -5.65
C VAL D 230 48.59 -22.02 -6.07
N LYS D 231 49.68 -22.66 -6.47
CA LYS D 231 50.89 -21.92 -6.78
C LYS D 231 50.67 -20.98 -7.96
N THR D 232 51.18 -19.75 -7.83
CA THR D 232 50.97 -18.74 -8.85
C THR D 232 51.85 -19.06 -10.06
N ALA D 233 51.25 -19.05 -11.24
CA ALA D 233 51.99 -19.27 -12.47
C ALA D 233 52.52 -17.95 -13.04
N TYR D 234 53.35 -18.07 -14.06
CA TYR D 234 53.84 -16.89 -14.79
C TYR D 234 54.61 -15.94 -13.87
FE1 SF4 E . -18.35 13.17 11.73
FE2 SF4 E . -15.77 13.97 12.12
FE3 SF4 E . -16.30 11.45 11.30
FE4 SF4 E . -16.89 12.14 13.85
S1 SF4 E . -14.77 12.11 12.89
S2 SF4 E . -18.27 11.02 12.42
S3 SF4 E . -17.52 14.29 13.57
S4 SF4 E . -16.67 13.28 10.13
PB MGD F . -25.29 21.68 5.85
O1B MGD F . -24.02 21.19 6.48
O2B MGD F . -26.52 21.58 6.70
O3B MGD F . -25.51 20.88 4.43
O3A MGD F . -24.86 18.34 5.23
PA MGD F . -25.26 19.30 3.97
O1A MGD F . -26.61 18.88 3.40
O2A MGD F . -24.15 19.33 2.92
O5' MGD F . -24.93 23.19 5.35
C5' MGD F . -25.87 24.05 4.76
C4' MGD F . -25.06 24.93 3.83
O4' MGD F . -26.10 25.59 2.80
C3' MGD F . -24.40 25.93 4.36
O3' MGD F . -23.04 25.99 3.72
C2' MGD F . -25.11 27.28 4.05
O2' MGD F . -24.26 28.28 3.77
C1' MGD F . -25.73 26.90 2.73
N9 MGD F . -26.92 27.50 2.13
C8 MGD F . -27.73 28.06 3.06
N7 MGD F . -28.81 28.54 2.35
C5 MGD F . -28.60 28.26 1.04
C6 MGD F . -29.32 28.43 -0.34
O6 MGD F . -30.36 28.97 -0.48
N1 MGD F . -28.67 27.93 -1.52
C2 MGD F . -27.42 27.26 -1.47
N2 MGD F . -26.77 26.76 -2.65
N3 MGD F . -26.76 27.08 -0.21
C4 MGD F . -27.43 27.60 0.97
C10 MGD F . -25.87 17.94 6.13
C11 MGD F . -25.37 16.76 6.90
O11 MGD F . -23.96 17.15 7.52
C12 MGD F . -26.20 16.44 7.90
S12 MGD F . -27.94 16.15 7.54
C13 MGD F . -25.67 15.80 9.17
S13 MGD F . -26.85 15.15 10.35
C14 MGD F . -24.28 15.92 9.49
N15 MGD F . -24.33 17.07 10.55
C16 MGD F . -23.11 17.74 10.70
C17 MGD F . -22.85 18.60 11.87
O17 MGD F . -23.61 18.74 12.73
N18 MGD F . -21.56 19.29 11.93
C19 MGD F . -20.52 19.16 10.85
N19 MGD F . -19.29 19.86 10.96
N20 MGD F . -20.75 18.29 9.70
C21 MGD F . -21.97 17.61 9.58
N22 MGD F . -22.06 16.80 8.46
C23 MGD F . -23.45 16.12 8.28
H5'1 MGD F . -26.54 23.54 4.26
H5'2 MGD F . -26.32 24.58 5.43
H4' MGD F . -24.36 24.39 3.42
H3' MGD F . -24.42 25.81 5.32
HO3' MGD F . -23.12 26.10 2.89
H2' MGD F . -25.69 27.54 4.78
H1' MGD F . -24.95 27.19 2.22
H8 MGD F . -27.60 28.09 3.98
HN1 MGD F . -29.05 28.03 -2.28
HN21 MGD F . -27.14 26.85 -3.41
HN22 MGD F . -26.02 26.35 -2.58
H101 MGD F . -26.06 18.67 6.75
H102 MGD F . -26.68 17.72 5.65
H11 MGD F . -25.32 16.01 6.27
H14 MGD F . -23.87 15.15 9.90
H15 MGD F . -25.04 17.26 10.99
H18 MGD F . -21.39 19.80 12.61
H191 MGD F . -18.69 19.75 10.36
H192 MGD F . -19.13 20.34 11.65
H22 MGD F . -21.41 16.69 7.91
PB MGD G . -29.22 17.19 18.78
O1B MGD G . -27.78 16.85 18.54
O2B MGD G . -29.60 18.64 18.66
O3B MGD G . -30.02 16.25 17.72
O3A MGD G . -31.33 17.39 15.73
PA MGD G . -31.52 16.41 17.03
O1A MGD G . -31.88 15.00 16.61
O2A MGD G . -32.51 17.05 17.96
O5' MGD G . -29.68 16.67 20.28
C5' MGD G . -29.15 15.47 20.76
C4' MGD G . -29.44 15.47 22.25
O4' MGD G . -29.07 13.98 22.77
C3' MGD G . -28.64 16.25 22.92
O3' MGD G . -29.15 17.63 23.06
C2' MGD G . -28.67 15.65 24.33
O2' MGD G . -29.92 15.87 24.91
C1' MGD G . -28.63 14.18 24.05
N9 MGD G . -27.48 13.27 24.01
C8 MGD G . -26.31 13.90 23.78
N7 MGD G . -25.35 12.90 23.70
C5 MGD G . -25.98 11.72 23.85
C6 MGD G . -25.63 10.21 23.88
O6 MGD G . -24.53 9.80 23.75
N1 MGD G . -26.70 9.28 24.06
C2 MGD G . -28.05 9.69 24.20
N2 MGD G . -29.14 8.78 24.37
N3 MGD G . -28.39 11.08 24.19
C4 MGD G . -27.29 12.01 24.01
C10 MGD G . -30.51 16.93 14.67
C11 MGD G . -30.98 17.75 13.50
O11 MGD G . -30.71 19.24 14.01
C12 MGD G . -30.29 17.47 12.38
S12 MGD G . -30.04 15.77 11.84
C13 MGD G . -30.01 18.53 11.36
S13 MGD G . -29.22 18.12 9.80
C14 MGD G . -30.41 19.85 11.68
N15 MGD G . -29.09 20.69 11.57
C16 MGD G . -29.45 22.06 11.71
C17 MGD G . -28.72 23.17 11.04
O17 MGD G . -27.79 23.03 10.34
N18 MGD G . -29.20 24.53 11.27
C19 MGD G . -30.40 24.80 12.14
N19 MGD G . -30.85 26.12 12.36
N20 MGD G . -31.12 23.70 12.80
C21 MGD G . -30.70 22.38 12.64
N22 MGD G . -31.49 21.45 13.32
C23 MGD G . -31.12 19.93 13.04
H5'1 MGD G . -28.20 15.43 20.60
H5'2 MGD G . -29.59 14.71 20.33
H4' MGD G . -30.34 15.76 22.41
H3' MGD G . -27.77 16.25 22.50
HO3' MGD G . -29.75 17.65 23.66
H2' MGD G . -27.94 15.99 24.87
HO2' MGD G . -30.02 15.34 25.57
H1' MGD G . -29.13 14.00 24.86
H8 MGD G . -26.17 14.82 23.69
HN1 MGD G . -26.52 8.43 24.09
HN21 MGD G . -28.99 7.93 24.40
HN22 MGD G . -29.94 9.08 24.46
H101 MGD G . -29.57 17.09 14.86
H102 MGD G . -30.66 15.98 14.51
H11 MGD G . -31.90 17.56 13.27
H14 MGD G . -31.05 20.19 11.02
H15 MGD G . -28.29 20.39 11.44
H18 MGD G . -28.80 25.18 10.89
H191 MGD G . -31.53 26.27 12.88
H192 MGD G . -30.43 26.79 12.01
H22 MGD G . -32.12 21.68 13.86
H23 MGD G . -31.94 19.42 13.01
MO MO H . -28.96 15.77 9.67
C FMT I . -21.50 13.34 19.58
O1 FMT I . -21.82 13.19 18.41
O2 FMT I . -22.19 13.98 20.35
H FMT I . -20.60 12.84 19.92
C FMT J . -22.24 -2.04 -7.29
O1 FMT J . -23.38 -2.03 -6.83
O2 FMT J . -21.33 -2.66 -6.73
H FMT J . -22.04 -1.44 -8.18
C FMT K . -1.58 1.62 30.24
O1 FMT K . -0.37 1.89 30.25
O2 FMT K . -2.34 1.80 31.21
H FMT K . -2.03 1.18 29.35
C1 PG5 L . -50.35 26.63 2.16
O1 PG5 L . -49.03 26.45 2.58
C2 PG5 L . -48.30 27.62 2.85
C3 PG5 L . -48.48 28.04 4.32
O2 PG5 L . -47.65 29.12 4.68
C4 PG5 L . -48.06 29.84 5.82
C5 PG5 L . -48.00 28.94 7.06
O3 PG5 L . -48.66 29.49 8.18
C6 PG5 L . -48.59 28.66 9.32
C7 PG5 L . -49.96 28.09 9.71
O4 PG5 L . -50.18 26.82 9.17
C8 PG5 L . -51.29 26.13 9.69
H11 PG5 L . -50.37 27.24 1.42
H12 PG5 L . -50.88 26.99 2.89
H13 PG5 L . -50.73 25.77 1.89
H21 PG5 L . -48.62 28.34 2.27
H22 PG5 L . -47.35 27.47 2.68
H31 PG5 L . -49.40 28.29 4.45
H32 PG5 L . -48.26 27.27 4.88
H41 PG5 L . -47.48 30.60 5.95
H42 PG5 L . -48.97 30.15 5.69
H51 PG5 L . -48.42 28.10 6.85
H52 PG5 L . -47.08 28.80 7.29
H61 PG5 L . -48.00 27.92 9.12
H62 PG5 L . -48.24 29.17 10.06
H71 PG5 L . -50.01 28.03 10.69
H72 PG5 L . -50.66 28.70 9.40
H81 PG5 L . -51.25 25.21 9.40
H82 PG5 L . -51.27 26.17 10.65
H83 PG5 L . -52.10 26.54 9.36
P PO4 M . -32.25 9.56 8.09
O1 PO4 M . -33.55 8.84 7.81
O2 PO4 M . -31.28 9.13 7.00
O3 PO4 M . -31.70 9.22 9.46
O4 PO4 M . -32.49 11.07 8.09
FE1 SF4 N . -6.50 20.36 9.12
FE2 SF4 N . -4.55 21.74 7.73
FE3 SF4 N . -4.17 19.20 8.36
FE4 SF4 N . -4.12 21.04 10.30
S1 SF4 N . -2.62 20.90 8.58
S2 SF4 N . -5.15 18.98 10.37
S3 SF4 N . -5.73 22.46 9.55
S4 SF4 N . -5.87 19.99 7.00
FE1 SF4 O . 3.56 18.12 18.63
FE2 SF4 O . 1.85 20.21 19.04
FE3 SF4 O . 2.46 19.35 16.53
FE4 SF4 O . 4.30 20.71 18.01
S1 SF4 O . 2.31 21.51 17.22
S2 SF4 O . 4.70 18.82 16.75
S3 SF4 O . 3.92 19.82 20.10
S4 SF4 O . 1.27 18.20 18.20
FE1 SF4 P . 10.35 28.44 18.32
FE2 SF4 P . 10.18 31.12 18.37
FE3 SF4 P . 12.05 29.97 16.73
FE4 SF4 P . 12.33 29.93 19.47
S1 SF4 P . 12.38 31.77 18.10
S2 SF4 P . 12.64 28.17 18.04
S3 SF4 P . 10.15 29.71 20.18
S4 SF4 P . 9.73 29.80 16.58
FE1 SF4 Q . 12.97 33.15 30.88
FE2 SF4 Q . 11.93 30.64 31.08
FE3 SF4 Q . 14.27 31.04 29.71
FE4 SF4 Q . 11.88 31.93 28.74
S1 SF4 Q . 12.52 29.73 29.09
S2 SF4 Q . 13.83 33.10 28.77
S3 SF4 Q . 10.77 32.54 30.62
S4 SF4 Q . 13.92 31.36 31.96
FE1 SF4 R . 21.38 -21.54 -8.35
FE2 SF4 R . 22.43 -22.54 -6.07
FE3 SF4 R . 21.44 -24.22 -7.93
FE4 SF4 R . 19.74 -22.75 -6.51
S1 SF4 R . 21.16 -24.37 -5.66
S2 SF4 R . 19.67 -22.97 -8.81
S3 SF4 R . 20.86 -20.84 -6.18
S4 SF4 R . 23.27 -22.89 -8.15
PB MGD S . 28.15 -12.30 -13.24
O1B MGD S . 27.83 -13.26 -12.13
O2B MGD S . 27.02 -11.41 -13.61
O3B MGD S . 28.69 -13.05 -14.57
O3A MGD S . 26.95 -15.17 -14.66
PA MGD S . 28.26 -14.47 -15.33
O1A MGD S . 27.98 -14.07 -16.76
O2A MGD S . 29.41 -15.40 -15.17
O5' MGD S . 29.50 -11.50 -12.68
C5' MGD S . 30.12 -10.45 -13.34
C4' MGD S . 31.62 -10.58 -13.02
O4' MGD S . 32.31 -9.59 -14.07
C3' MGD S . 32.00 -10.18 -11.84
O3' MGD S . 33.01 -11.16 -11.27
C2' MGD S . 32.71 -8.80 -11.93
O2' MGD S . 33.79 -8.66 -11.12
C1' MGD S . 33.26 -8.94 -13.33
N9 MGD S . 33.64 -7.88 -14.25
C8 MGD S . 32.99 -6.72 -14.01
N7 MGD S . 33.45 -5.84 -14.97
C5 MGD S . 34.32 -6.51 -15.77
C6 MGD S . 35.18 -6.24 -16.99
O6 MGD S . 35.23 -5.20 -17.56
N1 MGD S . 35.98 -7.31 -17.47
C2 MGD S . 35.99 -8.61 -16.87
N2 MGD S . 36.82 -9.69 -17.33
N3 MGD S . 35.18 -8.85 -15.74
C4 MGD S . 34.38 -7.75 -15.27
C10 MGD S . 25.68 -14.58 -14.90
C11 MGD S . 24.61 -15.60 -14.61
O11 MGD S . 24.77 -16.09 -13.11
C12 MGD S . 23.38 -15.04 -14.72
S12 MGD S . 22.89 -14.21 -16.25
C13 MGD S . 22.25 -15.51 -13.85
S13 MGD S . 20.61 -14.90 -14.19
C14 MGD S . 22.49 -16.23 -12.63
N15 MGD S . 22.34 -15.14 -11.56
C16 MGD S . 23.03 -15.39 -10.37
C17 MGD S . 22.74 -14.65 -9.13
O17 MGD S . 21.92 -13.81 -9.06
N18 MGD S . 23.54 -14.96 -7.95
C19 MGD S . 24.62 -15.99 -7.96
N19 MGD S . 25.36 -16.25 -6.78
N20 MGD S . 24.88 -16.78 -9.14
C21 MGD S . 24.15 -16.51 -10.31
N22 MGD S . 24.47 -17.34 -11.37
C23 MGD S . 23.73 -16.93 -12.67
H5'1 MGD S . 29.78 -9.60 -13.02
H5'2 MGD S . 29.98 -10.52 -14.30
H4' MGD S . 31.89 -11.52 -13.04
H3' MGD S . 31.20 -10.07 -11.30
HO3' MGD S . 33.60 -11.31 -11.87
H2' MGD S . 32.09 -8.08 -11.75
HO2' MGD S . 34.30 -9.34 -11.20
H1' MGD S . 34.08 -9.36 -13.03
H8 MGD S . 32.36 -6.55 -13.36
HN1 MGD S . 36.48 -7.18 -18.17
HN21 MGD S . 36.76 -10.45 -16.95
HN22 MGD S . 37.30 -9.59 -18.03
H101 MGD S . 25.56 -13.81 -14.31
H102 MGD S . 25.62 -14.30 -15.83
H11 MGD S . 24.72 -16.32 -15.26
H14 MGD S . 21.82 -16.91 -12.45
H15 MGD S . 21.88 -14.43 -11.68
H18 MGD S . 23.37 -14.53 -7.23
H191 MGD S . 25.18 -15.84 -6.05
H192 MGD S . 25.95 -16.89 -6.79
H22 MGD S . 25.01 -18.00 -11.31
H23 MGD S . 23.45 -17.70 -13.17
PB MGD T . 14.57 -9.94 -9.81
O1B MGD T . 15.05 -11.17 -9.10
O2B MGD T . 15.35 -8.70 -9.49
O3B MGD T . 14.60 -10.38 -11.38
O3A MGD T . 16.21 -9.13 -12.98
PA MGD T . 14.62 -9.46 -12.74
O1A MGD T . 13.97 -10.32 -13.82
O2A MGD T . 13.89 -8.14 -12.60
O5' MGD T . 13.00 -9.63 -9.48
C5' MGD T . 12.18 -10.75 -9.24
C4' MGD T . 10.93 -10.23 -8.55
O4' MGD T . 9.89 -11.46 -8.60
C3' MGD T . 11.07 -10.00 -7.27
O3' MGD T . 11.50 -8.63 -6.93
C2' MGD T . 9.64 -10.09 -6.69
O2' MGD T . 8.91 -8.96 -7.02
C1' MGD T . 9.10 -11.24 -7.45
N9 MGD T . 9.02 -12.67 -7.03
C8 MGD T . 9.96 -13.01 -6.12
N7 MGD T . 9.79 -14.37 -5.89
C5 MGD T . 8.81 -14.80 -6.73
C6 MGD T . 8.06 -16.11 -7.08
O6 MGD T . 8.30 -17.16 -6.55
N1 MGD T . 7.03 -16.05 -8.07
C2 MGD T . 6.68 -14.84 -8.73
N2 MGD T . 5.66 -14.75 -9.74
N3 MGD T . 7.34 -13.63 -8.40
C4 MGD T . 8.38 -13.71 -7.40
C10 MGD T . 17.06 -10.23 -13.26
C11 MGD T . 18.20 -9.65 -14.04
O11 MGD T . 18.79 -8.63 -12.97
C12 MGD T . 19.14 -10.54 -14.41
S12 MGD T . 18.76 -12.10 -15.21
C13 MGD T . 20.61 -10.23 -14.35
S13 MGD T . 21.82 -11.42 -14.96
C14 MGD T . 20.98 -8.92 -13.91
N15 MGD T . 21.96 -9.16 -12.71
C16 MGD T . 22.47 -7.91 -12.31
C17 MGD T . 23.83 -7.72 -11.76
O17 MGD T . 24.62 -8.58 -11.61
N18 MGD T . 24.22 -6.36 -11.42
C19 MGD T . 23.29 -5.19 -11.61
N19 MGD T . 23.71 -3.89 -11.26
N20 MGD T . 21.95 -5.36 -12.14
C21 MGD T . 21.53 -6.66 -12.50
N22 MGD T . 20.25 -6.70 -13.01
C23 MGD T . 19.75 -8.09 -13.56
H5'1 MGD T . 12.63 -11.39 -8.67
H5'2 MGD T . 11.94 -11.18 -10.08
H4' MGD T . 10.66 -9.39 -8.95
H3' MGD T . 11.69 -10.67 -6.96
HO3' MGD T . 10.82 -8.12 -6.88
H2' MGD T . 9.65 -10.22 -5.72
HO2' MGD T . 8.11 -9.06 -6.75
H1' MGD T . 8.21 -10.85 -7.45
H8 MGD T . 10.59 -12.45 -5.72
HN1 MGD T . 6.62 -16.77 -8.29
HN21 MGD T . 5.49 -13.99 -10.10
HN22 MGD T . 5.21 -15.45 -9.95
H101 MGD T . 17.39 -10.63 -12.43
H102 MGD T . 16.60 -10.91 -13.78
H11 MGD T . 17.88 -9.28 -14.88
H14 MGD T . 21.47 -8.45 -14.61
H15 MGD T . 22.14 -9.92 -12.36
H18 MGD T . 25.01 -6.22 -11.10
H191 MGD T . 24.49 -3.78 -10.90
H192 MGD T . 23.17 -3.23 -11.35
H22 MGD T . 19.74 -5.99 -13.02
H23 MGD T . 19.23 -7.93 -14.36
MO MO U . 20.68 -13.26 -15.81
C FMT V . 14.46 -17.51 -5.57
O1 FMT V . 15.12 -17.78 -6.56
O2 FMT V . 13.97 -16.39 -5.42
H FMT V . 14.17 -18.29 -4.87
C FMT W . 18.67 -9.33 9.25
O1 FMT W . 19.77 -9.87 9.32
O2 FMT W . 18.51 -8.17 8.88
H FMT W . 17.79 -9.97 9.35
C FMT X . 25.74 -34.41 -29.07
O1 FMT X . 25.44 -35.36 -28.35
O2 FMT X . 24.90 -33.56 -29.41
H FMT X . 26.79 -34.28 -29.34
C1 PG5 Y . 48.89 0.62 -18.38
O1 PG5 Y . 47.49 0.65 -18.39
C2 PG5 Y . 46.89 0.86 -17.14
C3 PG5 Y . 45.55 1.58 -17.31
O2 PG5 Y . 45.42 2.59 -16.34
C4 PG5 Y . 44.59 2.31 -15.25
C5 PG5 Y . 45.43 2.31 -13.96
O3 PG5 Y . 45.18 1.16 -13.22
C6 PG5 Y . 45.82 1.18 -11.97
C7 PG5 Y . 46.49 -0.18 -11.69
O4 PG5 Y . 47.85 -0.11 -11.99
C8 PG5 Y . 48.48 -1.33 -12.26
H11 PG5 Y . 49.26 1.52 -18.42
H12 PG5 Y . 49.21 0.11 -19.16
H13 PG5 Y . 49.21 0.19 -17.57
H21 PG5 Y . 46.75 0.00 -16.71
H22 PG5 Y . 47.49 1.40 -16.58
H31 PG5 Y . 45.51 1.97 -18.19
H32 PG5 Y . 44.83 0.94 -17.20
H41 PG5 Y . 43.89 2.98 -15.19
H42 PG5 Y . 44.18 1.43 -15.37
H51 PG5 Y . 46.36 2.35 -14.19
H52 PG5 Y . 45.19 3.09 -13.43
H61 PG5 Y . 46.50 1.86 -11.97
H62 PG5 Y . 45.17 1.36 -11.28
H71 PG5 Y . 46.37 -0.42 -10.76
H72 PG5 Y . 46.07 -0.85 -12.25
H81 PG5 Y . 49.09 -1.54 -11.54
H82 PG5 Y . 47.81 -2.03 -12.34
H83 PG5 Y . 48.97 -1.27 -13.09
P PO4 Z . 17.37 -15.91 -21.43
O1 PO4 Z . 16.83 -15.63 -22.82
O2 PO4 Z . 18.34 -17.06 -21.61
O3 PO4 Z . 16.25 -16.36 -20.51
O4 PO4 Z . 17.96 -14.64 -20.82
FE1 SF4 AA . 31.44 -24.56 0.97
FE2 SF4 AA . 33.94 -25.14 1.98
FE3 SF4 AA . 32.21 -27.12 1.61
FE4 SF4 AA . 31.80 -25.33 3.59
S1 SF4 AA . 33.51 -26.79 3.48
S2 SF4 AA . 30.24 -26.14 2.11
S3 SF4 AA . 32.62 -23.42 2.59
S4 SF4 AA . 33.02 -25.78 -0.05
FE1 SF4 BA . 26.64 -30.47 12.70
FE2 SF4 BA . 26.90 -27.74 12.59
FE3 SF4 BA . 28.47 -29.36 11.11
FE4 SF4 BA . 28.83 -29.22 13.80
S1 SF4 BA . 29.19 -27.57 12.27
S2 SF4 BA . 28.82 -31.13 12.55
S3 SF4 BA . 26.64 -29.04 14.52
S4 SF4 BA . 26.20 -29.04 10.92
FE1 SF4 CA . 35.07 -27.27 21.09
FE2 SF4 CA . 36.43 -25.14 22.06
FE3 SF4 CA . 37.71 -27.53 21.95
FE4 SF4 CA . 35.69 -27.08 23.73
S1 SF4 CA . 37.75 -26.07 23.71
S2 SF4 CA . 35.95 -28.93 22.44
S3 SF4 CA . 34.27 -25.71 22.54
S4 SF4 CA . 36.91 -26.26 20.17
FE1 SF4 DA . 29.14 -22.55 32.55
FE2 SF4 DA . 27.22 -23.72 31.10
FE3 SF4 DA . 29.32 -25.19 31.95
FE4 SF4 DA . 29.59 -23.34 30.00
S1 SF4 DA . 28.36 -25.29 29.87
S2 SF4 DA . 31.00 -23.64 31.76
S3 SF4 DA . 28.15 -21.68 30.69
S4 SF4 DA . 27.71 -24.20 33.26
C FMT EA . 19.70 -31.35 27.09
O1 FMT EA . 20.86 -31.19 26.64
O2 FMT EA . 19.40 -30.81 28.16
H FMT EA . 18.92 -31.66 26.40
C FMT FA . 48.91 -31.49 2.61
O1 FMT FA . 49.76 -32.38 2.76
O2 FMT FA . 48.17 -31.12 3.54
H FMT FA . 48.73 -31.06 1.63
C1 PEG GA . 29.00 -32.85 39.33
O1 PEG GA . 29.05 -33.77 40.38
C2 PEG GA . 29.73 -31.58 39.75
O2 PEG GA . 31.07 -31.66 39.39
C3 PEG GA . 31.57 -30.71 38.48
C4 PEG GA . 32.13 -31.48 37.28
O4 PEG GA . 33.37 -30.98 36.86
H11 PEG GA . 29.42 -33.23 38.54
H12 PEG GA . 28.07 -32.64 39.12
HO1 PEG GA . 29.70 -34.30 40.25
H21 PEG GA . 29.33 -30.81 39.32
H22 PEG GA . 29.66 -31.47 40.72
H31 PEG GA . 30.85 -30.13 38.18
H32 PEG GA . 32.26 -30.18 38.90
H41 PEG GA . 32.26 -32.41 37.55
H42 PEG GA . 31.51 -31.43 36.55
HO4 PEG GA . 33.79 -31.57 36.42
#